data_5A48
# 
_entry.id   5A48 
# 
_audit_conform.dict_name       mmcif_pdbx.dic 
_audit_conform.dict_version    5.391 
_audit_conform.dict_location   http://mmcif.pdb.org/dictionaries/ascii/mmcif_pdbx.dic 
# 
loop_
_database_2.database_id 
_database_2.database_code 
_database_2.pdbx_database_accession 
_database_2.pdbx_DOI 
PDB   5A48         pdb_00005a48 10.2210/pdb5a48/pdb 
PDBE  EBI-63965    ?            ?                   
WWPDB D_1290063965 ?            ?                   
# 
loop_
_pdbx_audit_revision_history.ordinal 
_pdbx_audit_revision_history.data_content_type 
_pdbx_audit_revision_history.major_revision 
_pdbx_audit_revision_history.minor_revision 
_pdbx_audit_revision_history.revision_date 
1 'Structure model' 1 0 2015-07-22 
2 'Structure model' 1 1 2015-07-29 
3 'Structure model' 1 2 2015-08-12 
4 'Structure model' 1 3 2024-05-08 
# 
_pdbx_audit_revision_details.ordinal             1 
_pdbx_audit_revision_details.revision_ordinal    1 
_pdbx_audit_revision_details.data_content_type   'Structure model' 
_pdbx_audit_revision_details.provider            repository 
_pdbx_audit_revision_details.type                'Initial release' 
_pdbx_audit_revision_details.description         ? 
_pdbx_audit_revision_details.details             ? 
# 
loop_
_pdbx_audit_revision_group.ordinal 
_pdbx_audit_revision_group.revision_ordinal 
_pdbx_audit_revision_group.data_content_type 
_pdbx_audit_revision_group.group 
1 2 'Structure model' 'Database references' 
2 3 'Structure model' 'Database references' 
3 4 'Structure model' 'Data collection'     
4 4 'Structure model' 'Database references' 
5 4 'Structure model' Other                 
# 
loop_
_pdbx_audit_revision_category.ordinal 
_pdbx_audit_revision_category.revision_ordinal 
_pdbx_audit_revision_category.data_content_type 
_pdbx_audit_revision_category.category 
1 4 'Structure model' chem_comp_atom       
2 4 'Structure model' chem_comp_bond       
3 4 'Structure model' database_2           
4 4 'Structure model' pdbx_database_status 
# 
loop_
_pdbx_audit_revision_item.ordinal 
_pdbx_audit_revision_item.revision_ordinal 
_pdbx_audit_revision_item.data_content_type 
_pdbx_audit_revision_item.item 
1 4 'Structure model' '_database_2.pdbx_DOI'                 
2 4 'Structure model' '_database_2.pdbx_database_accession'  
3 4 'Structure model' '_pdbx_database_status.status_code_sf' 
# 
_pdbx_database_status.status_code                     REL 
_pdbx_database_status.entry_id                        5A48 
_pdbx_database_status.deposit_site                    PDBE 
_pdbx_database_status.process_site                    PDBE 
_pdbx_database_status.SG_entry                        . 
_pdbx_database_status.recvd_initial_deposition_date   2015-06-05 
_pdbx_database_status.pdb_format_compatible           Y 
_pdbx_database_status.status_code_sf                  REL 
_pdbx_database_status.status_code_mr                  ? 
_pdbx_database_status.status_code_cs                  ? 
_pdbx_database_status.methods_development_category    ? 
_pdbx_database_status.status_code_nmr_data            ? 
# 
loop_
_pdbx_database_related.db_name 
_pdbx_database_related.db_id 
_pdbx_database_related.content_type 
_pdbx_database_related.details 
PDB 5A49 unspecified 'CRYSTAL STRUCTURE OF THE LOTUS DOMAIN (AA 139-222) OF DROSOPHILA OSKAR IN C222' 
PDB 5A4A unspecified 'CRYSTAL STRUCTURE OF THE OSK DOMAIN OF DROSOPHILA OSKAR'                        
# 
loop_
_audit_author.name 
_audit_author.pdbx_ordinal 
'Jeske, M.'     1 
'Glatt, S.'     2 
'Ephrussi, A.'  3 
'Mueller, C.W.' 4 
# 
_citation.id                        primary 
_citation.title                     
;The Crystal Structure of the Drosophila Germline Inducer Oskar Identifies Two Domains with Distinct Vasa Helicase-and RNA-Binding Activities.
;
_citation.journal_abbrev            'Cell Rep.' 
_citation.journal_volume            12 
_citation.page_first                587 
_citation.page_last                 ? 
_citation.year                      2015 
_citation.journal_id_ASTM           ? 
_citation.country                   US 
_citation.journal_id_ISSN           2211-1247 
_citation.journal_id_CSD            ? 
_citation.book_publisher            ? 
_citation.pdbx_database_id_PubMed   26190108 
_citation.pdbx_database_id_DOI      10.1016/J.CELREP.2015.06.055 
# 
loop_
_citation_author.citation_id 
_citation_author.name 
_citation_author.ordinal 
_citation_author.identifier_ORCID 
primary 'Jeske, M.'    1 ? 
primary 'Bordi, M.'    2 ? 
primary 'Glatt, S.'    3 ? 
primary 'Muller, S.'   4 ? 
primary 'Rybin, V.'    5 ? 
primary 'Muller, C.W.' 6 ? 
primary 'Ephrussi, A.' 7 ? 
# 
loop_
_entity.id 
_entity.type 
_entity.src_method 
_entity.pdbx_description 
_entity.formula_weight 
_entity.pdbx_number_of_molecules 
_entity.pdbx_ec 
_entity.pdbx_mutation 
_entity.pdbx_fragment 
_entity.details 
1 polymer man 'MATERNAL EFFECT PROTEIN OSKAR' 11701.236 2  ? ? 'LOTUS DOMAIN, RESIDUES 139-240' ? 
2 water   nat water                           18.015    68 ? ? ?                                ? 
# 
_entity_poly.entity_id                      1 
_entity_poly.type                           'polypeptide(L)' 
_entity_poly.nstd_linkage                   no 
_entity_poly.nstd_monomer                   no 
_entity_poly.pdbx_seq_one_letter_code       
;GHMTIIESNYISVREEYPDIDSEVRAILLSHAQNGITISSIKSEYRKLTGNPFPLHDNVTDFLLTIPNVTAECSESGKRI
FNLKASLKNGHLLDMVLNQKERTS
;
_entity_poly.pdbx_seq_one_letter_code_can   
;GHMTIIESNYISVREEYPDIDSEVRAILLSHAQNGITISSIKSEYRKLTGNPFPLHDNVTDFLLTIPNVTAECSESGKRI
FNLKASLKNGHLLDMVLNQKERTS
;
_entity_poly.pdbx_strand_id                 A,B 
_entity_poly.pdbx_target_identifier         ? 
# 
_pdbx_entity_nonpoly.entity_id   2 
_pdbx_entity_nonpoly.name        water 
_pdbx_entity_nonpoly.comp_id     HOH 
# 
loop_
_entity_poly_seq.entity_id 
_entity_poly_seq.num 
_entity_poly_seq.mon_id 
_entity_poly_seq.hetero 
1 1   GLY n 
1 2   HIS n 
1 3   MET n 
1 4   THR n 
1 5   ILE n 
1 6   ILE n 
1 7   GLU n 
1 8   SER n 
1 9   ASN n 
1 10  TYR n 
1 11  ILE n 
1 12  SER n 
1 13  VAL n 
1 14  ARG n 
1 15  GLU n 
1 16  GLU n 
1 17  TYR n 
1 18  PRO n 
1 19  ASP n 
1 20  ILE n 
1 21  ASP n 
1 22  SER n 
1 23  GLU n 
1 24  VAL n 
1 25  ARG n 
1 26  ALA n 
1 27  ILE n 
1 28  LEU n 
1 29  LEU n 
1 30  SER n 
1 31  HIS n 
1 32  ALA n 
1 33  GLN n 
1 34  ASN n 
1 35  GLY n 
1 36  ILE n 
1 37  THR n 
1 38  ILE n 
1 39  SER n 
1 40  SER n 
1 41  ILE n 
1 42  LYS n 
1 43  SER n 
1 44  GLU n 
1 45  TYR n 
1 46  ARG n 
1 47  LYS n 
1 48  LEU n 
1 49  THR n 
1 50  GLY n 
1 51  ASN n 
1 52  PRO n 
1 53  PHE n 
1 54  PRO n 
1 55  LEU n 
1 56  HIS n 
1 57  ASP n 
1 58  ASN n 
1 59  VAL n 
1 60  THR n 
1 61  ASP n 
1 62  PHE n 
1 63  LEU n 
1 64  LEU n 
1 65  THR n 
1 66  ILE n 
1 67  PRO n 
1 68  ASN n 
1 69  VAL n 
1 70  THR n 
1 71  ALA n 
1 72  GLU n 
1 73  CYS n 
1 74  SER n 
1 75  GLU n 
1 76  SER n 
1 77  GLY n 
1 78  LYS n 
1 79  ARG n 
1 80  ILE n 
1 81  PHE n 
1 82  ASN n 
1 83  LEU n 
1 84  LYS n 
1 85  ALA n 
1 86  SER n 
1 87  LEU n 
1 88  LYS n 
1 89  ASN n 
1 90  GLY n 
1 91  HIS n 
1 92  LEU n 
1 93  LEU n 
1 94  ASP n 
1 95  MET n 
1 96  VAL n 
1 97  LEU n 
1 98  ASN n 
1 99  GLN n 
1 100 LYS n 
1 101 GLU n 
1 102 ARG n 
1 103 THR n 
1 104 SER n 
# 
_entity_src_gen.entity_id                          1 
_entity_src_gen.pdbx_src_id                        1 
_entity_src_gen.pdbx_alt_source_flag               sample 
_entity_src_gen.pdbx_seq_type                      ? 
_entity_src_gen.pdbx_beg_seq_num                   ? 
_entity_src_gen.pdbx_end_seq_num                   ? 
_entity_src_gen.gene_src_common_name               'FRUIT FLY' 
_entity_src_gen.gene_src_genus                     ? 
_entity_src_gen.pdbx_gene_src_gene                 ? 
_entity_src_gen.gene_src_species                   ? 
_entity_src_gen.gene_src_strain                    ? 
_entity_src_gen.gene_src_tissue                    ? 
_entity_src_gen.gene_src_tissue_fraction           ? 
_entity_src_gen.gene_src_details                   ? 
_entity_src_gen.pdbx_gene_src_fragment             ? 
_entity_src_gen.pdbx_gene_src_scientific_name      'DROSOPHILA MELANOGASTER' 
_entity_src_gen.pdbx_gene_src_ncbi_taxonomy_id     7227 
_entity_src_gen.pdbx_gene_src_variant              ? 
_entity_src_gen.pdbx_gene_src_cell_line            ? 
_entity_src_gen.pdbx_gene_src_atcc                 ? 
_entity_src_gen.pdbx_gene_src_organ                ? 
_entity_src_gen.pdbx_gene_src_organelle            ? 
_entity_src_gen.pdbx_gene_src_cell                 ? 
_entity_src_gen.pdbx_gene_src_cellular_location    ? 
_entity_src_gen.host_org_common_name               ? 
_entity_src_gen.pdbx_host_org_scientific_name      'ESCHERICHIA COLI' 
_entity_src_gen.pdbx_host_org_ncbi_taxonomy_id     562 
_entity_src_gen.host_org_genus                     ? 
_entity_src_gen.pdbx_host_org_gene                 ? 
_entity_src_gen.pdbx_host_org_organ                ? 
_entity_src_gen.host_org_species                   ? 
_entity_src_gen.pdbx_host_org_tissue               ? 
_entity_src_gen.pdbx_host_org_tissue_fraction      ? 
_entity_src_gen.pdbx_host_org_strain               ? 
_entity_src_gen.pdbx_host_org_variant              ? 
_entity_src_gen.pdbx_host_org_cell_line            ? 
_entity_src_gen.pdbx_host_org_atcc                 ? 
_entity_src_gen.pdbx_host_org_culture_collection   ? 
_entity_src_gen.pdbx_host_org_cell                 ? 
_entity_src_gen.pdbx_host_org_organelle            ? 
_entity_src_gen.pdbx_host_org_cellular_location    ? 
_entity_src_gen.pdbx_host_org_vector_type          ? 
_entity_src_gen.pdbx_host_org_vector               ? 
_entity_src_gen.host_org_details                   ? 
_entity_src_gen.expression_system_id               ? 
_entity_src_gen.plasmid_name                       ? 
_entity_src_gen.plasmid_details                    ? 
_entity_src_gen.pdbx_description                   ? 
# 
loop_
_chem_comp.id 
_chem_comp.type 
_chem_comp.mon_nstd_flag 
_chem_comp.name 
_chem_comp.pdbx_synonyms 
_chem_comp.formula 
_chem_comp.formula_weight 
ALA 'L-peptide linking' y ALANINE         ? 'C3 H7 N O2'     89.093  
ARG 'L-peptide linking' y ARGININE        ? 'C6 H15 N4 O2 1' 175.209 
ASN 'L-peptide linking' y ASPARAGINE      ? 'C4 H8 N2 O3'    132.118 
ASP 'L-peptide linking' y 'ASPARTIC ACID' ? 'C4 H7 N O4'     133.103 
CYS 'L-peptide linking' y CYSTEINE        ? 'C3 H7 N O2 S'   121.158 
GLN 'L-peptide linking' y GLUTAMINE       ? 'C5 H10 N2 O3'   146.144 
GLU 'L-peptide linking' y 'GLUTAMIC ACID' ? 'C5 H9 N O4'     147.129 
GLY 'peptide linking'   y GLYCINE         ? 'C2 H5 N O2'     75.067  
HIS 'L-peptide linking' y HISTIDINE       ? 'C6 H10 N3 O2 1' 156.162 
HOH non-polymer         . WATER           ? 'H2 O'           18.015  
ILE 'L-peptide linking' y ISOLEUCINE      ? 'C6 H13 N O2'    131.173 
LEU 'L-peptide linking' y LEUCINE         ? 'C6 H13 N O2'    131.173 
LYS 'L-peptide linking' y LYSINE          ? 'C6 H15 N2 O2 1' 147.195 
MET 'L-peptide linking' y METHIONINE      ? 'C5 H11 N O2 S'  149.211 
PHE 'L-peptide linking' y PHENYLALANINE   ? 'C9 H11 N O2'    165.189 
PRO 'L-peptide linking' y PROLINE         ? 'C5 H9 N O2'     115.130 
SER 'L-peptide linking' y SERINE          ? 'C3 H7 N O3'     105.093 
THR 'L-peptide linking' y THREONINE       ? 'C4 H9 N O3'     119.119 
TYR 'L-peptide linking' y TYROSINE        ? 'C9 H11 N O3'    181.189 
VAL 'L-peptide linking' y VALINE          ? 'C5 H11 N O2'    117.146 
# 
loop_
_pdbx_poly_seq_scheme.asym_id 
_pdbx_poly_seq_scheme.entity_id 
_pdbx_poly_seq_scheme.seq_id 
_pdbx_poly_seq_scheme.mon_id 
_pdbx_poly_seq_scheme.ndb_seq_num 
_pdbx_poly_seq_scheme.pdb_seq_num 
_pdbx_poly_seq_scheme.auth_seq_num 
_pdbx_poly_seq_scheme.pdb_mon_id 
_pdbx_poly_seq_scheme.auth_mon_id 
_pdbx_poly_seq_scheme.pdb_strand_id 
_pdbx_poly_seq_scheme.pdb_ins_code 
_pdbx_poly_seq_scheme.hetero 
A 1 1   GLY 1   137 ?   ?   ?   A . n 
A 1 2   HIS 2   138 138 HIS HIS A . n 
A 1 3   MET 3   139 139 MET MET A . n 
A 1 4   THR 4   140 140 THR THR A . n 
A 1 5   ILE 5   141 141 ILE ILE A . n 
A 1 6   ILE 6   142 142 ILE ILE A . n 
A 1 7   GLU 7   143 143 GLU GLU A . n 
A 1 8   SER 8   144 144 SER SER A . n 
A 1 9   ASN 9   145 145 ASN ASN A . n 
A 1 10  TYR 10  146 146 TYR TYR A . n 
A 1 11  ILE 11  147 147 ILE ILE A . n 
A 1 12  SER 12  148 148 SER SER A . n 
A 1 13  VAL 13  149 149 VAL VAL A . n 
A 1 14  ARG 14  150 150 ARG ARG A . n 
A 1 15  GLU 15  151 151 GLU GLU A . n 
A 1 16  GLU 16  152 152 GLU GLU A . n 
A 1 17  TYR 17  153 153 TYR TYR A . n 
A 1 18  PRO 18  154 154 PRO PRO A . n 
A 1 19  ASP 19  155 155 ASP ASP A . n 
A 1 20  ILE 20  156 156 ILE ILE A . n 
A 1 21  ASP 21  157 157 ASP ASP A . n 
A 1 22  SER 22  158 158 SER SER A . n 
A 1 23  GLU 23  159 159 GLU GLU A . n 
A 1 24  VAL 24  160 160 VAL VAL A . n 
A 1 25  ARG 25  161 161 ARG ARG A . n 
A 1 26  ALA 26  162 162 ALA ALA A . n 
A 1 27  ILE 27  163 163 ILE ILE A . n 
A 1 28  LEU 28  164 164 LEU LEU A . n 
A 1 29  LEU 29  165 165 LEU LEU A . n 
A 1 30  SER 30  166 166 SER SER A . n 
A 1 31  HIS 31  167 167 HIS HIS A . n 
A 1 32  ALA 32  168 168 ALA ALA A . n 
A 1 33  GLN 33  169 169 GLN GLN A . n 
A 1 34  ASN 34  170 170 ASN ASN A . n 
A 1 35  GLY 35  171 171 GLY GLY A . n 
A 1 36  ILE 36  172 172 ILE ILE A . n 
A 1 37  THR 37  173 173 THR THR A . n 
A 1 38  ILE 38  174 174 ILE ILE A . n 
A 1 39  SER 39  175 175 SER SER A . n 
A 1 40  SER 40  176 176 SER SER A . n 
A 1 41  ILE 41  177 177 ILE ILE A . n 
A 1 42  LYS 42  178 178 LYS LYS A . n 
A 1 43  SER 43  179 179 SER SER A . n 
A 1 44  GLU 44  180 180 GLU GLU A . n 
A 1 45  TYR 45  181 181 TYR TYR A . n 
A 1 46  ARG 46  182 182 ARG ARG A . n 
A 1 47  LYS 47  183 183 LYS LYS A . n 
A 1 48  LEU 48  184 184 LEU LEU A . n 
A 1 49  THR 49  185 185 THR THR A . n 
A 1 50  GLY 50  186 186 GLY GLY A . n 
A 1 51  ASN 51  187 187 ASN ASN A . n 
A 1 52  PRO 52  188 188 PRO PRO A . n 
A 1 53  PHE 53  189 189 PHE PHE A . n 
A 1 54  PRO 54  190 190 PRO PRO A . n 
A 1 55  LEU 55  191 191 LEU LEU A . n 
A 1 56  HIS 56  192 192 HIS HIS A . n 
A 1 57  ASP 57  193 193 ASP ASP A . n 
A 1 58  ASN 58  194 194 ASN ASN A . n 
A 1 59  VAL 59  195 195 VAL VAL A . n 
A 1 60  THR 60  196 196 THR THR A . n 
A 1 61  ASP 61  197 197 ASP ASP A . n 
A 1 62  PHE 62  198 198 PHE PHE A . n 
A 1 63  LEU 63  199 199 LEU LEU A . n 
A 1 64  LEU 64  200 200 LEU LEU A . n 
A 1 65  THR 65  201 201 THR THR A . n 
A 1 66  ILE 66  202 202 ILE ILE A . n 
A 1 67  PRO 67  203 203 PRO PRO A . n 
A 1 68  ASN 68  204 204 ASN ASN A . n 
A 1 69  VAL 69  205 205 VAL VAL A . n 
A 1 70  THR 70  206 206 THR THR A . n 
A 1 71  ALA 71  207 207 ALA ALA A . n 
A 1 72  GLU 72  208 208 GLU GLU A . n 
A 1 73  CYS 73  209 209 CYS CYS A . n 
A 1 74  SER 74  210 210 SER SER A . n 
A 1 75  GLU 75  211 211 GLU GLU A . n 
A 1 76  SER 76  212 212 SER SER A . n 
A 1 77  GLY 77  213 213 GLY GLY A . n 
A 1 78  LYS 78  214 214 LYS LYS A . n 
A 1 79  ARG 79  215 215 ARG ARG A . n 
A 1 80  ILE 80  216 216 ILE ILE A . n 
A 1 81  PHE 81  217 217 PHE PHE A . n 
A 1 82  ASN 82  218 218 ASN ASN A . n 
A 1 83  LEU 83  219 219 LEU LEU A . n 
A 1 84  LYS 84  220 220 LYS LYS A . n 
A 1 85  ALA 85  221 221 ALA ALA A . n 
A 1 86  SER 86  222 ?   ?   ?   A . n 
A 1 87  LEU 87  223 ?   ?   ?   A . n 
A 1 88  LYS 88  224 ?   ?   ?   A . n 
A 1 89  ASN 89  225 ?   ?   ?   A . n 
A 1 90  GLY 90  226 ?   ?   ?   A . n 
A 1 91  HIS 91  227 ?   ?   ?   A . n 
A 1 92  LEU 92  228 ?   ?   ?   A . n 
A 1 93  LEU 93  229 ?   ?   ?   A . n 
A 1 94  ASP 94  230 ?   ?   ?   A . n 
A 1 95  MET 95  231 ?   ?   ?   A . n 
A 1 96  VAL 96  232 ?   ?   ?   A . n 
A 1 97  LEU 97  233 ?   ?   ?   A . n 
A 1 98  ASN 98  234 ?   ?   ?   A . n 
A 1 99  GLN 99  235 ?   ?   ?   A . n 
A 1 100 LYS 100 236 ?   ?   ?   A . n 
A 1 101 GLU 101 237 ?   ?   ?   A . n 
A 1 102 ARG 102 238 ?   ?   ?   A . n 
A 1 103 THR 103 239 ?   ?   ?   A . n 
A 1 104 SER 104 240 ?   ?   ?   A . n 
B 1 1   GLY 1   137 ?   ?   ?   B . n 
B 1 2   HIS 2   138 138 HIS HIS B . n 
B 1 3   MET 3   139 139 MET MET B . n 
B 1 4   THR 4   140 140 THR THR B . n 
B 1 5   ILE 5   141 141 ILE ILE B . n 
B 1 6   ILE 6   142 142 ILE ILE B . n 
B 1 7   GLU 7   143 143 GLU GLU B . n 
B 1 8   SER 8   144 144 SER SER B . n 
B 1 9   ASN 9   145 145 ASN ASN B . n 
B 1 10  TYR 10  146 146 TYR TYR B . n 
B 1 11  ILE 11  147 147 ILE ILE B . n 
B 1 12  SER 12  148 148 SER SER B . n 
B 1 13  VAL 13  149 149 VAL VAL B . n 
B 1 14  ARG 14  150 150 ARG ARG B . n 
B 1 15  GLU 15  151 151 GLU GLU B . n 
B 1 16  GLU 16  152 152 GLU GLU B . n 
B 1 17  TYR 17  153 153 TYR TYR B . n 
B 1 18  PRO 18  154 154 PRO PRO B . n 
B 1 19  ASP 19  155 155 ASP ASP B . n 
B 1 20  ILE 20  156 156 ILE ILE B . n 
B 1 21  ASP 21  157 157 ASP ASP B . n 
B 1 22  SER 22  158 158 SER SER B . n 
B 1 23  GLU 23  159 159 GLU GLU B . n 
B 1 24  VAL 24  160 160 VAL VAL B . n 
B 1 25  ARG 25  161 161 ARG ARG B . n 
B 1 26  ALA 26  162 162 ALA ALA B . n 
B 1 27  ILE 27  163 163 ILE ILE B . n 
B 1 28  LEU 28  164 164 LEU LEU B . n 
B 1 29  LEU 29  165 165 LEU LEU B . n 
B 1 30  SER 30  166 166 SER SER B . n 
B 1 31  HIS 31  167 167 HIS HIS B . n 
B 1 32  ALA 32  168 168 ALA ALA B . n 
B 1 33  GLN 33  169 169 GLN GLN B . n 
B 1 34  ASN 34  170 170 ASN ASN B . n 
B 1 35  GLY 35  171 171 GLY GLY B . n 
B 1 36  ILE 36  172 172 ILE ILE B . n 
B 1 37  THR 37  173 173 THR THR B . n 
B 1 38  ILE 38  174 174 ILE ILE B . n 
B 1 39  SER 39  175 175 SER SER B . n 
B 1 40  SER 40  176 176 SER SER B . n 
B 1 41  ILE 41  177 177 ILE ILE B . n 
B 1 42  LYS 42  178 178 LYS LYS B . n 
B 1 43  SER 43  179 179 SER SER B . n 
B 1 44  GLU 44  180 180 GLU GLU B . n 
B 1 45  TYR 45  181 181 TYR TYR B . n 
B 1 46  ARG 46  182 182 ARG ARG B . n 
B 1 47  LYS 47  183 183 LYS LYS B . n 
B 1 48  LEU 48  184 184 LEU LEU B . n 
B 1 49  THR 49  185 185 THR THR B . n 
B 1 50  GLY 50  186 186 GLY GLY B . n 
B 1 51  ASN 51  187 187 ASN ASN B . n 
B 1 52  PRO 52  188 188 PRO PRO B . n 
B 1 53  PHE 53  189 189 PHE PHE B . n 
B 1 54  PRO 54  190 190 PRO PRO B . n 
B 1 55  LEU 55  191 191 LEU LEU B . n 
B 1 56  HIS 56  192 192 HIS HIS B . n 
B 1 57  ASP 57  193 193 ASP ASP B . n 
B 1 58  ASN 58  194 194 ASN ASN B . n 
B 1 59  VAL 59  195 195 VAL VAL B . n 
B 1 60  THR 60  196 196 THR THR B . n 
B 1 61  ASP 61  197 197 ASP ASP B . n 
B 1 62  PHE 62  198 198 PHE PHE B . n 
B 1 63  LEU 63  199 199 LEU LEU B . n 
B 1 64  LEU 64  200 200 LEU LEU B . n 
B 1 65  THR 65  201 201 THR THR B . n 
B 1 66  ILE 66  202 202 ILE ILE B . n 
B 1 67  PRO 67  203 203 PRO PRO B . n 
B 1 68  ASN 68  204 204 ASN ASN B . n 
B 1 69  VAL 69  205 205 VAL VAL B . n 
B 1 70  THR 70  206 206 THR THR B . n 
B 1 71  ALA 71  207 207 ALA ALA B . n 
B 1 72  GLU 72  208 208 GLU GLU B . n 
B 1 73  CYS 73  209 209 CYS CYS B . n 
B 1 74  SER 74  210 210 SER SER B . n 
B 1 75  GLU 75  211 211 GLU GLU B . n 
B 1 76  SER 76  212 212 SER SER B . n 
B 1 77  GLY 77  213 213 GLY GLY B . n 
B 1 78  LYS 78  214 214 LYS LYS B . n 
B 1 79  ARG 79  215 215 ARG ARG B . n 
B 1 80  ILE 80  216 216 ILE ILE B . n 
B 1 81  PHE 81  217 217 PHE PHE B . n 
B 1 82  ASN 82  218 218 ASN ASN B . n 
B 1 83  LEU 83  219 219 LEU LEU B . n 
B 1 84  LYS 84  220 220 LYS LYS B . n 
B 1 85  ALA 85  221 221 ALA ALA B . n 
B 1 86  SER 86  222 222 SER SER B . n 
B 1 87  LEU 87  223 223 LEU LEU B . n 
B 1 88  LYS 88  224 224 LYS LYS B . n 
B 1 89  ASN 89  225 225 ASN ASN B . n 
B 1 90  GLY 90  226 226 GLY GLY B . n 
B 1 91  HIS 91  227 227 HIS HIS B . n 
B 1 92  LEU 92  228 228 LEU LEU B . n 
B 1 93  LEU 93  229 229 LEU LEU B . n 
B 1 94  ASP 94  230 230 ASP ASP B . n 
B 1 95  MET 95  231 231 MET MET B . n 
B 1 96  VAL 96  232 232 VAL VAL B . n 
B 1 97  LEU 97  233 233 LEU LEU B . n 
B 1 98  ASN 98  234 ?   ?   ?   B . n 
B 1 99  GLN 99  235 ?   ?   ?   B . n 
B 1 100 LYS 100 236 ?   ?   ?   B . n 
B 1 101 GLU 101 237 ?   ?   ?   B . n 
B 1 102 ARG 102 238 ?   ?   ?   B . n 
B 1 103 THR 103 239 ?   ?   ?   B . n 
B 1 104 SER 104 240 ?   ?   ?   B . n 
# 
loop_
_pdbx_nonpoly_scheme.asym_id 
_pdbx_nonpoly_scheme.entity_id 
_pdbx_nonpoly_scheme.mon_id 
_pdbx_nonpoly_scheme.ndb_seq_num 
_pdbx_nonpoly_scheme.pdb_seq_num 
_pdbx_nonpoly_scheme.auth_seq_num 
_pdbx_nonpoly_scheme.pdb_mon_id 
_pdbx_nonpoly_scheme.auth_mon_id 
_pdbx_nonpoly_scheme.pdb_strand_id 
_pdbx_nonpoly_scheme.pdb_ins_code 
C 2 HOH 1  2001 2001 HOH HOH A . 
C 2 HOH 2  2002 2002 HOH HOH A . 
C 2 HOH 3  2003 2003 HOH HOH A . 
C 2 HOH 4  2004 2004 HOH HOH A . 
C 2 HOH 5  2005 2005 HOH HOH A . 
C 2 HOH 6  2006 2006 HOH HOH A . 
C 2 HOH 7  2007 2007 HOH HOH A . 
C 2 HOH 8  2008 2008 HOH HOH A . 
C 2 HOH 9  2009 2009 HOH HOH A . 
C 2 HOH 10 2010 2010 HOH HOH A . 
C 2 HOH 11 2011 2011 HOH HOH A . 
C 2 HOH 12 2012 2012 HOH HOH A . 
C 2 HOH 13 2013 2013 HOH HOH A . 
C 2 HOH 14 2014 2014 HOH HOH A . 
C 2 HOH 15 2015 2015 HOH HOH A . 
C 2 HOH 16 2016 2016 HOH HOH A . 
C 2 HOH 17 2017 2017 HOH HOH A . 
C 2 HOH 18 2018 2018 HOH HOH A . 
C 2 HOH 19 2019 2019 HOH HOH A . 
C 2 HOH 20 2020 2020 HOH HOH A . 
C 2 HOH 21 2021 2021 HOH HOH A . 
C 2 HOH 22 2022 2022 HOH HOH A . 
C 2 HOH 23 2023 2023 HOH HOH A . 
C 2 HOH 24 2024 2024 HOH HOH A . 
C 2 HOH 25 2025 2025 HOH HOH A . 
C 2 HOH 26 2026 2026 HOH HOH A . 
C 2 HOH 27 2027 2027 HOH HOH A . 
C 2 HOH 28 2028 2028 HOH HOH A . 
C 2 HOH 29 2029 2029 HOH HOH A . 
C 2 HOH 30 2030 2030 HOH HOH A . 
C 2 HOH 31 2031 2031 HOH HOH A . 
C 2 HOH 32 2032 2032 HOH HOH A . 
C 2 HOH 33 2033 2033 HOH HOH A . 
C 2 HOH 34 2034 2034 HOH HOH A . 
C 2 HOH 35 2035 2035 HOH HOH A . 
D 2 HOH 1  2001 2001 HOH HOH B . 
D 2 HOH 2  2002 2002 HOH HOH B . 
D 2 HOH 3  2003 2003 HOH HOH B . 
D 2 HOH 4  2004 2004 HOH HOH B . 
D 2 HOH 5  2005 2005 HOH HOH B . 
D 2 HOH 6  2006 2006 HOH HOH B . 
D 2 HOH 7  2007 2007 HOH HOH B . 
D 2 HOH 8  2008 2008 HOH HOH B . 
D 2 HOH 9  2009 2009 HOH HOH B . 
D 2 HOH 10 2010 2010 HOH HOH B . 
D 2 HOH 11 2011 2011 HOH HOH B . 
D 2 HOH 12 2012 2012 HOH HOH B . 
D 2 HOH 13 2013 2013 HOH HOH B . 
D 2 HOH 14 2014 2014 HOH HOH B . 
D 2 HOH 15 2015 2015 HOH HOH B . 
D 2 HOH 16 2016 2016 HOH HOH B . 
D 2 HOH 17 2017 2017 HOH HOH B . 
D 2 HOH 18 2018 2018 HOH HOH B . 
D 2 HOH 19 2019 2019 HOH HOH B . 
D 2 HOH 20 2020 2020 HOH HOH B . 
D 2 HOH 21 2021 2021 HOH HOH B . 
D 2 HOH 22 2022 2022 HOH HOH B . 
D 2 HOH 23 2023 2023 HOH HOH B . 
D 2 HOH 24 2024 2024 HOH HOH B . 
D 2 HOH 25 2025 2025 HOH HOH B . 
D 2 HOH 26 2026 2026 HOH HOH B . 
D 2 HOH 27 2027 2027 HOH HOH B . 
D 2 HOH 28 2028 2028 HOH HOH B . 
D 2 HOH 29 2029 2029 HOH HOH B . 
D 2 HOH 30 2030 2030 HOH HOH B . 
D 2 HOH 31 2031 2031 HOH HOH B . 
D 2 HOH 32 2032 2032 HOH HOH B . 
D 2 HOH 33 2033 2033 HOH HOH B . 
# 
loop_
_pdbx_unobs_or_zero_occ_atoms.id 
_pdbx_unobs_or_zero_occ_atoms.PDB_model_num 
_pdbx_unobs_or_zero_occ_atoms.polymer_flag 
_pdbx_unobs_or_zero_occ_atoms.occupancy_flag 
_pdbx_unobs_or_zero_occ_atoms.auth_asym_id 
_pdbx_unobs_or_zero_occ_atoms.auth_comp_id 
_pdbx_unobs_or_zero_occ_atoms.auth_seq_id 
_pdbx_unobs_or_zero_occ_atoms.PDB_ins_code 
_pdbx_unobs_or_zero_occ_atoms.auth_atom_id 
_pdbx_unobs_or_zero_occ_atoms.label_alt_id 
_pdbx_unobs_or_zero_occ_atoms.label_asym_id 
_pdbx_unobs_or_zero_occ_atoms.label_comp_id 
_pdbx_unobs_or_zero_occ_atoms.label_seq_id 
_pdbx_unobs_or_zero_occ_atoms.label_atom_id 
1  1 Y 1 A MET 139 ? SD  ? A MET 3  SD  
2  1 Y 1 A MET 139 ? CE  ? A MET 3  CE  
3  1 Y 1 A GLN 169 ? CG  ? A GLN 33 CG  
4  1 Y 1 A GLN 169 ? CD  ? A GLN 33 CD  
5  1 Y 1 A GLN 169 ? OE1 ? A GLN 33 OE1 
6  1 Y 1 A GLN 169 ? NE2 ? A GLN 33 NE2 
7  1 Y 1 A LYS 220 ? CG  ? A LYS 84 CG  
8  1 Y 1 A LYS 220 ? CD  ? A LYS 84 CD  
9  1 Y 1 A LYS 220 ? CE  ? A LYS 84 CE  
10 1 Y 1 A LYS 220 ? NZ  ? A LYS 84 NZ  
11 1 Y 1 B GLU 152 ? CG  ? B GLU 16 CG  
12 1 Y 1 B GLU 152 ? CD  ? B GLU 16 CD  
13 1 Y 1 B GLU 152 ? OE1 ? B GLU 16 OE1 
14 1 Y 1 B GLU 152 ? OE2 ? B GLU 16 OE2 
15 1 Y 1 B GLN 169 ? CG  ? B GLN 33 CG  
16 1 Y 1 B GLN 169 ? CD  ? B GLN 33 CD  
17 1 Y 1 B GLN 169 ? OE1 ? B GLN 33 OE1 
18 1 Y 1 B GLN 169 ? NE2 ? B GLN 33 NE2 
19 1 Y 1 B LYS 224 ? CB  ? B LYS 88 CB  
20 1 Y 1 B LYS 224 ? CG  ? B LYS 88 CG  
21 1 Y 1 B LYS 224 ? CD  ? B LYS 88 CD  
22 1 Y 1 B LYS 224 ? CE  ? B LYS 88 CE  
23 1 Y 1 B LYS 224 ? NZ  ? B LYS 88 NZ  
24 1 Y 1 B ASN 225 ? CG  ? B ASN 89 CG  
25 1 Y 1 B ASN 225 ? OD1 ? B ASN 89 OD1 
26 1 Y 1 B ASN 225 ? ND2 ? B ASN 89 ND2 
27 1 Y 1 B LEU 233 ? CG  ? B LEU 97 CG  
28 1 Y 1 B LEU 233 ? CD1 ? B LEU 97 CD1 
29 1 Y 1 B LEU 233 ? CD2 ? B LEU 97 CD2 
# 
_software.name             PHENIX 
_software.classification   refinement 
_software.version          '(PHENIX.REFINE)' 
_software.citation_id      ? 
_software.pdbx_ordinal     1 
# 
_cell.entry_id           5A48 
_cell.length_a           53.160 
_cell.length_b           53.160 
_cell.length_c           109.960 
_cell.angle_alpha        90.00 
_cell.angle_beta         90.00 
_cell.angle_gamma        120.00 
_cell.Z_PDB              12 
_cell.pdbx_unique_axis   ? 
# 
_symmetry.entry_id                         5A48 
_symmetry.space_group_name_H-M             'P 65' 
_symmetry.pdbx_full_space_group_name_H-M   ? 
_symmetry.cell_setting                     ? 
_symmetry.Int_Tables_number                170 
# 
_exptl.entry_id          5A48 
_exptl.method            'X-RAY DIFFRACTION' 
_exptl.crystals_number   ? 
# 
_exptl_crystal.id                    1 
_exptl_crystal.density_meas          ? 
_exptl_crystal.density_Matthews      1.92 
_exptl_crystal.density_percent_sol   35.82 
_exptl_crystal.description           NONE 
# 
_diffrn.id                     1 
_diffrn.ambient_temp           100 
_diffrn.ambient_temp_details   ? 
_diffrn.crystal_id             1 
# 
_diffrn_detector.diffrn_id              1 
_diffrn_detector.detector               CCD 
_diffrn_detector.type                   'ADSC CCD' 
_diffrn_detector.pdbx_collection_date   ? 
_diffrn_detector.details                ? 
# 
_diffrn_radiation.diffrn_id                        1 
_diffrn_radiation.wavelength_id                    1 
_diffrn_radiation.pdbx_monochromatic_or_laue_m_l   M 
_diffrn_radiation.monochromator                    ? 
_diffrn_radiation.pdbx_diffrn_protocol             'SINGLE WAVELENGTH' 
_diffrn_radiation.pdbx_scattering_type             x-ray 
# 
_diffrn_radiation_wavelength.id           1 
_diffrn_radiation_wavelength.wavelength   0.8726 
_diffrn_radiation_wavelength.wt           1.0 
# 
_diffrn_source.diffrn_id                   1 
_diffrn_source.source                      SYNCHROTRON 
_diffrn_source.type                        'ESRF BEAMLINE ID14-4' 
_diffrn_source.pdbx_synchrotron_site       ESRF 
_diffrn_source.pdbx_synchrotron_beamline   ID14-4 
_diffrn_source.pdbx_wavelength             0.8726 
_diffrn_source.pdbx_wavelength_list        ? 
# 
_reflns.pdbx_diffrn_id               1 
_reflns.pdbx_ordinal                 1 
_reflns.entry_id                     5A48 
_reflns.observed_criterion_sigma_I   1.49 
_reflns.observed_criterion_sigma_F   ? 
_reflns.d_resolution_low             50.00 
_reflns.d_resolution_high            2.35 
_reflns.number_obs                   7333 
_reflns.number_all                   ? 
_reflns.percent_possible_obs         99.9 
_reflns.pdbx_Rmerge_I_obs            0.23 
_reflns.pdbx_Rsym_value              ? 
_reflns.pdbx_netI_over_sigmaI        9.66 
_reflns.B_iso_Wilson_estimate        41.62 
_reflns.pdbx_redundancy              11.4 
# 
_refine.pdbx_refine_id                           'X-RAY DIFFRACTION' 
_refine.entry_id                                 5A48 
_refine.pdbx_diffrn_id                           1 
_refine.pdbx_TLS_residual_ADP_flag               ? 
_refine.ls_number_reflns_obs                     7330 
_refine.ls_number_reflns_all                     ? 
_refine.pdbx_ls_sigma_I                          ? 
_refine.pdbx_ls_sigma_F                          2.36 
_refine.pdbx_data_cutoff_high_absF               ? 
_refine.pdbx_data_cutoff_low_absF                ? 
_refine.pdbx_data_cutoff_high_rms_absF           ? 
_refine.ls_d_res_low                             46.038 
_refine.ls_d_res_high                            2.350 
_refine.ls_percent_reflns_obs                    99.82 
_refine.ls_R_factor_obs                          0.1882 
_refine.ls_R_factor_all                          ? 
_refine.ls_R_factor_R_work                       0.1858 
_refine.ls_R_factor_R_free                       0.2338 
_refine.ls_R_factor_R_free_error                 ? 
_refine.ls_R_factor_R_free_error_details         ? 
_refine.ls_percent_reflns_R_free                 5.0 
_refine.ls_number_reflns_R_free                  368 
_refine.ls_number_parameters                     ? 
_refine.ls_number_restraints                     ? 
_refine.occupancy_min                            ? 
_refine.occupancy_max                            ? 
_refine.correlation_coeff_Fo_to_Fc               ? 
_refine.correlation_coeff_Fo_to_Fc_free          ? 
_refine.B_iso_mean                               ? 
_refine.aniso_B[1][1]                            ? 
_refine.aniso_B[2][2]                            ? 
_refine.aniso_B[3][3]                            ? 
_refine.aniso_B[1][2]                            ? 
_refine.aniso_B[1][3]                            ? 
_refine.aniso_B[2][3]                            ? 
_refine.solvent_model_details                    'FLAT BULK SOLVENT MODEL' 
_refine.solvent_model_param_ksol                 ? 
_refine.solvent_model_param_bsol                 ? 
_refine.pdbx_solvent_vdw_probe_radii             1.11 
_refine.pdbx_solvent_ion_probe_radii             ? 
_refine.pdbx_solvent_shrinkage_radii             0.90 
_refine.pdbx_ls_cross_valid_method               ? 
_refine.details                                  
'THE OCCUPANCY OF SIDE CHAIN ATOMS, FOR WHICH ELECTRON DENSITY WAS POOR, IS SET TO 0.' 
_refine.pdbx_starting_model                      ? 
_refine.pdbx_method_to_determine_struct          'MOLECULAR REPLACEMENT' 
_refine.pdbx_isotropic_thermal_model             ? 
_refine.pdbx_stereochemistry_target_values       ML 
_refine.pdbx_stereochem_target_val_spec_case     ? 
_refine.pdbx_R_Free_selection_details            ? 
_refine.pdbx_overall_ESU_R                       ? 
_refine.pdbx_overall_ESU_R_Free                  ? 
_refine.overall_SU_ML                            0.31 
_refine.pdbx_overall_phase_error                 30.22 
_refine.overall_SU_B                             ? 
_refine.overall_SU_R_Cruickshank_DPI             ? 
_refine.pdbx_overall_SU_R_free_Cruickshank_DPI   ? 
_refine.pdbx_overall_SU_R_Blow_DPI               ? 
_refine.pdbx_overall_SU_R_free_Blow_DPI          ? 
# 
_refine_hist.pdbx_refine_id                   'X-RAY DIFFRACTION' 
_refine_hist.cycle_id                         LAST 
_refine_hist.pdbx_number_atoms_protein        1393 
_refine_hist.pdbx_number_atoms_nucleic_acid   0 
_refine_hist.pdbx_number_atoms_ligand         0 
_refine_hist.number_atoms_solvent             68 
_refine_hist.number_atoms_total               1461 
_refine_hist.d_res_high                       2.350 
_refine_hist.d_res_low                        46.038 
# 
loop_
_refine_ls_restr.type 
_refine_ls_restr.dev_ideal 
_refine_ls_restr.dev_ideal_target 
_refine_ls_restr.weight 
_refine_ls_restr.number 
_refine_ls_restr.pdbx_refine_id 
_refine_ls_restr.pdbx_restraint_function 
f_bond_d           0.004  ? ? 1448 'X-RAY DIFFRACTION' ? 
f_angle_d          0.710  ? ? 1964 'X-RAY DIFFRACTION' ? 
f_dihedral_angle_d 12.811 ? ? 542  'X-RAY DIFFRACTION' ? 
f_chiral_restr     0.050  ? ? 233  'X-RAY DIFFRACTION' ? 
f_plane_restr      0.002  ? ? 251  'X-RAY DIFFRACTION' ? 
# 
loop_
_refine_ls_shell.pdbx_refine_id 
_refine_ls_shell.pdbx_total_number_of_bins_used 
_refine_ls_shell.d_res_high 
_refine_ls_shell.d_res_low 
_refine_ls_shell.number_reflns_R_work 
_refine_ls_shell.R_factor_R_work 
_refine_ls_shell.percent_reflns_obs 
_refine_ls_shell.R_factor_R_free 
_refine_ls_shell.R_factor_R_free_error 
_refine_ls_shell.percent_reflns_R_free 
_refine_ls_shell.number_reflns_R_free 
_refine_ls_shell.number_reflns_all 
_refine_ls_shell.R_factor_all 
'X-RAY DIFFRACTION' . 2.3505 2.6906  2295 0.2476 99.00  0.3133 . . 124 . . 
'X-RAY DIFFRACTION' . 2.6906 3.3897  2318 0.2011 100.00 0.2495 . . 123 . . 
'X-RAY DIFFRACTION' . 3.3897 46.0467 2349 0.1645 100.00 0.2062 . . 121 . . 
# 
_struct.entry_id                  5A48 
_struct.title                     'Crystal structure of the LOTUS domain (aa 139-240) of Drosophila Oskar in P65' 
_struct.pdbx_model_details        ? 
_struct.pdbx_CASP_flag            ? 
_struct.pdbx_model_type_details   ? 
# 
_struct_keywords.entry_id        5A48 
_struct_keywords.pdbx_keywords   'PROTEIN BINDING' 
_struct_keywords.text            'PROTEIN BINDING, OST-HTH DOMAIN, WINGED HELIX-TURN-HELIX, DIMER, VASA INTERACTION, GERM PLASM' 
# 
loop_
_struct_asym.id 
_struct_asym.pdbx_blank_PDB_chainid_flag 
_struct_asym.pdbx_modified 
_struct_asym.entity_id 
_struct_asym.details 
A N N 1 ? 
B N N 1 ? 
C N N 2 ? 
D N N 2 ? 
# 
_struct_ref.id                         1 
_struct_ref.db_name                    UNP 
_struct_ref.db_code                    OSKA_DROME 
_struct_ref.entity_id                  1 
_struct_ref.pdbx_seq_one_letter_code   ? 
_struct_ref.pdbx_align_begin           ? 
_struct_ref.pdbx_db_accession          P25158 
_struct_ref.pdbx_db_isoform            ? 
# 
loop_
_struct_ref_seq.align_id 
_struct_ref_seq.ref_id 
_struct_ref_seq.pdbx_PDB_id_code 
_struct_ref_seq.pdbx_strand_id 
_struct_ref_seq.seq_align_beg 
_struct_ref_seq.pdbx_seq_align_beg_ins_code 
_struct_ref_seq.seq_align_end 
_struct_ref_seq.pdbx_seq_align_end_ins_code 
_struct_ref_seq.pdbx_db_accession 
_struct_ref_seq.db_align_beg 
_struct_ref_seq.pdbx_db_align_beg_ins_code 
_struct_ref_seq.db_align_end 
_struct_ref_seq.pdbx_db_align_end_ins_code 
_struct_ref_seq.pdbx_auth_seq_align_beg 
_struct_ref_seq.pdbx_auth_seq_align_end 
1 1 5A48 A 3 ? 104 ? P25158 139 ? 240 ? 139 240 
2 1 5A48 B 3 ? 104 ? P25158 139 ? 240 ? 139 240 
# 
loop_
_struct_ref_seq_dif.align_id 
_struct_ref_seq_dif.pdbx_pdb_id_code 
_struct_ref_seq_dif.mon_id 
_struct_ref_seq_dif.pdbx_pdb_strand_id 
_struct_ref_seq_dif.seq_num 
_struct_ref_seq_dif.pdbx_pdb_ins_code 
_struct_ref_seq_dif.pdbx_seq_db_name 
_struct_ref_seq_dif.pdbx_seq_db_accession_code 
_struct_ref_seq_dif.db_mon_id 
_struct_ref_seq_dif.pdbx_seq_db_seq_num 
_struct_ref_seq_dif.details 
_struct_ref_seq_dif.pdbx_auth_seq_num 
_struct_ref_seq_dif.pdbx_ordinal 
1 5A48 GLY A 1 ? UNP P25158 ? ? 'expression tag' 137 1 
1 5A48 HIS A 2 ? UNP P25158 ? ? 'expression tag' 138 2 
2 5A48 GLY B 1 ? UNP P25158 ? ? 'expression tag' 137 3 
2 5A48 HIS B 2 ? UNP P25158 ? ? 'expression tag' 138 4 
# 
_pdbx_struct_assembly.id                   1 
_pdbx_struct_assembly.details              author_and_software_defined_assembly 
_pdbx_struct_assembly.method_details       PISA 
_pdbx_struct_assembly.oligomeric_details   dimeric 
_pdbx_struct_assembly.oligomeric_count     2 
# 
loop_
_pdbx_struct_assembly_prop.biol_id 
_pdbx_struct_assembly_prop.type 
_pdbx_struct_assembly_prop.value 
_pdbx_struct_assembly_prop.details 
1 'ABSA (A^2)' 1480  ? 
1 MORE         -0.6  ? 
1 'SSA (A^2)'  11870 ? 
# 
_pdbx_struct_assembly_gen.assembly_id       1 
_pdbx_struct_assembly_gen.oper_expression   1 
_pdbx_struct_assembly_gen.asym_id_list      A,B,C,D 
# 
_pdbx_struct_oper_list.id                   1 
_pdbx_struct_oper_list.type                 'identity operation' 
_pdbx_struct_oper_list.name                 1_555 
_pdbx_struct_oper_list.symmetry_operation   x,y,z 
_pdbx_struct_oper_list.matrix[1][1]         1.0000000000 
_pdbx_struct_oper_list.matrix[1][2]         0.0000000000 
_pdbx_struct_oper_list.matrix[1][3]         0.0000000000 
_pdbx_struct_oper_list.vector[1]            0.0000000000 
_pdbx_struct_oper_list.matrix[2][1]         0.0000000000 
_pdbx_struct_oper_list.matrix[2][2]         1.0000000000 
_pdbx_struct_oper_list.matrix[2][3]         0.0000000000 
_pdbx_struct_oper_list.vector[2]            0.0000000000 
_pdbx_struct_oper_list.matrix[3][1]         0.0000000000 
_pdbx_struct_oper_list.matrix[3][2]         0.0000000000 
_pdbx_struct_oper_list.matrix[3][3]         1.0000000000 
_pdbx_struct_oper_list.vector[3]            0.0000000000 
# 
_struct_biol.id   1 
# 
loop_
_struct_conf.conf_type_id 
_struct_conf.id 
_struct_conf.pdbx_PDB_helix_id 
_struct_conf.beg_label_comp_id 
_struct_conf.beg_label_asym_id 
_struct_conf.beg_label_seq_id 
_struct_conf.pdbx_beg_PDB_ins_code 
_struct_conf.end_label_comp_id 
_struct_conf.end_label_asym_id 
_struct_conf.end_label_seq_id 
_struct_conf.pdbx_end_PDB_ins_code 
_struct_conf.beg_auth_comp_id 
_struct_conf.beg_auth_asym_id 
_struct_conf.beg_auth_seq_id 
_struct_conf.end_auth_comp_id 
_struct_conf.end_auth_asym_id 
_struct_conf.end_auth_seq_id 
_struct_conf.pdbx_PDB_helix_class 
_struct_conf.details 
_struct_conf.pdbx_PDB_helix_length 
HELX_P HELX_P1 1 ASN A 9  ? TYR A 17 ? ASN A 145 TYR A 153 1 ? 9  
HELX_P HELX_P2 2 ASP A 19 ? SER A 30 ? ASP A 155 SER A 166 1 ? 12 
HELX_P HELX_P3 3 THR A 37 ? GLY A 50 ? THR A 173 GLY A 186 1 ? 14 
HELX_P HELX_P4 4 ASN A 58 ? LEU A 64 ? ASN A 194 LEU A 200 1 ? 7  
HELX_P HELX_P5 5 ASN B 9  ? TYR B 17 ? ASN B 145 TYR B 153 1 ? 9  
HELX_P HELX_P6 6 ASP B 19 ? HIS B 31 ? ASP B 155 HIS B 167 1 ? 13 
HELX_P HELX_P7 7 THR B 37 ? GLY B 50 ? THR B 173 GLY B 186 1 ? 14 
HELX_P HELX_P8 8 ASN B 58 ? LEU B 64 ? ASN B 194 LEU B 200 1 ? 7  
# 
_struct_conf_type.id          HELX_P 
_struct_conf_type.criteria    ? 
_struct_conf_type.reference   ? 
# 
_struct_sheet.id               AA 
_struct_sheet.type             ? 
_struct_sheet.number_strands   4 
_struct_sheet.details          ? 
# 
loop_
_struct_sheet_order.sheet_id 
_struct_sheet_order.range_id_1 
_struct_sheet_order.range_id_2 
_struct_sheet_order.offset 
_struct_sheet_order.sense 
AA 1 2 ? anti-parallel 
AA 2 3 ? anti-parallel 
AA 3 4 ? anti-parallel 
# 
loop_
_struct_sheet_range.sheet_id 
_struct_sheet_range.id 
_struct_sheet_range.beg_label_comp_id 
_struct_sheet_range.beg_label_asym_id 
_struct_sheet_range.beg_label_seq_id 
_struct_sheet_range.pdbx_beg_PDB_ins_code 
_struct_sheet_range.end_label_comp_id 
_struct_sheet_range.end_label_asym_id 
_struct_sheet_range.end_label_seq_id 
_struct_sheet_range.pdbx_end_PDB_ins_code 
_struct_sheet_range.beg_auth_comp_id 
_struct_sheet_range.beg_auth_asym_id 
_struct_sheet_range.beg_auth_seq_id 
_struct_sheet_range.end_auth_comp_id 
_struct_sheet_range.end_auth_asym_id 
_struct_sheet_range.end_auth_seq_id 
AA 1 ARG A 79 ? LEU A 83 ? ARG A 215 LEU A 219 
AA 2 VAL A 69 ? CYS A 73 ? VAL A 205 CYS A 209 
AA 3 VAL B 69 ? CYS B 73 ? VAL B 205 CYS B 209 
AA 4 ARG B 79 ? LEU B 83 ? ARG B 215 LEU B 219 
# 
loop_
_pdbx_struct_sheet_hbond.sheet_id 
_pdbx_struct_sheet_hbond.range_id_1 
_pdbx_struct_sheet_hbond.range_id_2 
_pdbx_struct_sheet_hbond.range_1_label_atom_id 
_pdbx_struct_sheet_hbond.range_1_label_comp_id 
_pdbx_struct_sheet_hbond.range_1_label_asym_id 
_pdbx_struct_sheet_hbond.range_1_label_seq_id 
_pdbx_struct_sheet_hbond.range_1_PDB_ins_code 
_pdbx_struct_sheet_hbond.range_1_auth_atom_id 
_pdbx_struct_sheet_hbond.range_1_auth_comp_id 
_pdbx_struct_sheet_hbond.range_1_auth_asym_id 
_pdbx_struct_sheet_hbond.range_1_auth_seq_id 
_pdbx_struct_sheet_hbond.range_2_label_atom_id 
_pdbx_struct_sheet_hbond.range_2_label_comp_id 
_pdbx_struct_sheet_hbond.range_2_label_asym_id 
_pdbx_struct_sheet_hbond.range_2_label_seq_id 
_pdbx_struct_sheet_hbond.range_2_PDB_ins_code 
_pdbx_struct_sheet_hbond.range_2_auth_atom_id 
_pdbx_struct_sheet_hbond.range_2_auth_comp_id 
_pdbx_struct_sheet_hbond.range_2_auth_asym_id 
_pdbx_struct_sheet_hbond.range_2_auth_seq_id 
AA 1 2 N ASN A 82 ? N ASN A 218 O THR A 70 ? O THR A 206 
AA 2 3 N CYS A 73 ? N CYS A 209 O VAL B 69 ? O VAL B 205 
AA 3 4 N GLU B 72 ? N GLU B 208 O ILE B 80 ? O ILE B 216 
# 
loop_
_pdbx_validate_close_contact.id 
_pdbx_validate_close_contact.PDB_model_num 
_pdbx_validate_close_contact.auth_atom_id_1 
_pdbx_validate_close_contact.auth_asym_id_1 
_pdbx_validate_close_contact.auth_comp_id_1 
_pdbx_validate_close_contact.auth_seq_id_1 
_pdbx_validate_close_contact.PDB_ins_code_1 
_pdbx_validate_close_contact.label_alt_id_1 
_pdbx_validate_close_contact.auth_atom_id_2 
_pdbx_validate_close_contact.auth_asym_id_2 
_pdbx_validate_close_contact.auth_comp_id_2 
_pdbx_validate_close_contact.auth_seq_id_2 
_pdbx_validate_close_contact.PDB_ins_code_2 
_pdbx_validate_close_contact.label_alt_id_2 
_pdbx_validate_close_contact.dist 
1 1 O B HOH 2019 ? ? O B HOH 2020 ? ? 1.97 
2 1 O B HOH 2021 ? ? O B HOH 2028 ? ? 1.98 
3 1 O A GLU 143  ? ? O A HOH 2001 ? ? 2.00 
4 1 O B ASN 225  ? ? O B HOH 2033 ? ? 2.05 
5 1 O B HOH 2020 ? ? O B HOH 2025 ? ? 2.08 
# 
loop_
_pdbx_validate_torsion.id 
_pdbx_validate_torsion.PDB_model_num 
_pdbx_validate_torsion.auth_comp_id 
_pdbx_validate_torsion.auth_asym_id 
_pdbx_validate_torsion.auth_seq_id 
_pdbx_validate_torsion.PDB_ins_code 
_pdbx_validate_torsion.label_alt_id 
_pdbx_validate_torsion.phi 
_pdbx_validate_torsion.psi 
1 1 ASN A 204 ? ? 80.32  -6.63 
2 1 LYS A 220 ? ? -68.84 79.82 
# 
loop_
_pdbx_unobs_or_zero_occ_residues.id 
_pdbx_unobs_or_zero_occ_residues.PDB_model_num 
_pdbx_unobs_or_zero_occ_residues.polymer_flag 
_pdbx_unobs_or_zero_occ_residues.occupancy_flag 
_pdbx_unobs_or_zero_occ_residues.auth_asym_id 
_pdbx_unobs_or_zero_occ_residues.auth_comp_id 
_pdbx_unobs_or_zero_occ_residues.auth_seq_id 
_pdbx_unobs_or_zero_occ_residues.PDB_ins_code 
_pdbx_unobs_or_zero_occ_residues.label_asym_id 
_pdbx_unobs_or_zero_occ_residues.label_comp_id 
_pdbx_unobs_or_zero_occ_residues.label_seq_id 
1  1 Y 1 A GLY 137 ? A GLY 1   
2  1 Y 1 A SER 222 ? A SER 86  
3  1 Y 1 A LEU 223 ? A LEU 87  
4  1 Y 1 A LYS 224 ? A LYS 88  
5  1 Y 1 A ASN 225 ? A ASN 89  
6  1 Y 1 A GLY 226 ? A GLY 90  
7  1 Y 1 A HIS 227 ? A HIS 91  
8  1 Y 1 A LEU 228 ? A LEU 92  
9  1 Y 1 A LEU 229 ? A LEU 93  
10 1 Y 1 A ASP 230 ? A ASP 94  
11 1 Y 1 A MET 231 ? A MET 95  
12 1 Y 1 A VAL 232 ? A VAL 96  
13 1 Y 1 A LEU 233 ? A LEU 97  
14 1 Y 1 A ASN 234 ? A ASN 98  
15 1 Y 1 A GLN 235 ? A GLN 99  
16 1 Y 1 A LYS 236 ? A LYS 100 
17 1 Y 1 A GLU 237 ? A GLU 101 
18 1 Y 1 A ARG 238 ? A ARG 102 
19 1 Y 1 A THR 239 ? A THR 103 
20 1 Y 1 A SER 240 ? A SER 104 
21 1 Y 1 B GLY 137 ? B GLY 1   
22 1 Y 1 B ASN 234 ? B ASN 98  
23 1 Y 1 B GLN 235 ? B GLN 99  
24 1 Y 1 B LYS 236 ? B LYS 100 
25 1 Y 1 B GLU 237 ? B GLU 101 
26 1 Y 1 B ARG 238 ? B ARG 102 
27 1 Y 1 B THR 239 ? B THR 103 
28 1 Y 1 B SER 240 ? B SER 104 
# 
loop_
_chem_comp_atom.comp_id 
_chem_comp_atom.atom_id 
_chem_comp_atom.type_symbol 
_chem_comp_atom.pdbx_aromatic_flag 
_chem_comp_atom.pdbx_stereo_config 
_chem_comp_atom.pdbx_ordinal 
ALA N    N N N 1   
ALA CA   C N S 2   
ALA C    C N N 3   
ALA O    O N N 4   
ALA CB   C N N 5   
ALA OXT  O N N 6   
ALA H    H N N 7   
ALA H2   H N N 8   
ALA HA   H N N 9   
ALA HB1  H N N 10  
ALA HB2  H N N 11  
ALA HB3  H N N 12  
ALA HXT  H N N 13  
ARG N    N N N 14  
ARG CA   C N S 15  
ARG C    C N N 16  
ARG O    O N N 17  
ARG CB   C N N 18  
ARG CG   C N N 19  
ARG CD   C N N 20  
ARG NE   N N N 21  
ARG CZ   C N N 22  
ARG NH1  N N N 23  
ARG NH2  N N N 24  
ARG OXT  O N N 25  
ARG H    H N N 26  
ARG H2   H N N 27  
ARG HA   H N N 28  
ARG HB2  H N N 29  
ARG HB3  H N N 30  
ARG HG2  H N N 31  
ARG HG3  H N N 32  
ARG HD2  H N N 33  
ARG HD3  H N N 34  
ARG HE   H N N 35  
ARG HH11 H N N 36  
ARG HH12 H N N 37  
ARG HH21 H N N 38  
ARG HH22 H N N 39  
ARG HXT  H N N 40  
ASN N    N N N 41  
ASN CA   C N S 42  
ASN C    C N N 43  
ASN O    O N N 44  
ASN CB   C N N 45  
ASN CG   C N N 46  
ASN OD1  O N N 47  
ASN ND2  N N N 48  
ASN OXT  O N N 49  
ASN H    H N N 50  
ASN H2   H N N 51  
ASN HA   H N N 52  
ASN HB2  H N N 53  
ASN HB3  H N N 54  
ASN HD21 H N N 55  
ASN HD22 H N N 56  
ASN HXT  H N N 57  
ASP N    N N N 58  
ASP CA   C N S 59  
ASP C    C N N 60  
ASP O    O N N 61  
ASP CB   C N N 62  
ASP CG   C N N 63  
ASP OD1  O N N 64  
ASP OD2  O N N 65  
ASP OXT  O N N 66  
ASP H    H N N 67  
ASP H2   H N N 68  
ASP HA   H N N 69  
ASP HB2  H N N 70  
ASP HB3  H N N 71  
ASP HD2  H N N 72  
ASP HXT  H N N 73  
CYS N    N N N 74  
CYS CA   C N R 75  
CYS C    C N N 76  
CYS O    O N N 77  
CYS CB   C N N 78  
CYS SG   S N N 79  
CYS OXT  O N N 80  
CYS H    H N N 81  
CYS H2   H N N 82  
CYS HA   H N N 83  
CYS HB2  H N N 84  
CYS HB3  H N N 85  
CYS HG   H N N 86  
CYS HXT  H N N 87  
GLN N    N N N 88  
GLN CA   C N S 89  
GLN C    C N N 90  
GLN O    O N N 91  
GLN CB   C N N 92  
GLN CG   C N N 93  
GLN CD   C N N 94  
GLN OE1  O N N 95  
GLN NE2  N N N 96  
GLN OXT  O N N 97  
GLN H    H N N 98  
GLN H2   H N N 99  
GLN HA   H N N 100 
GLN HB2  H N N 101 
GLN HB3  H N N 102 
GLN HG2  H N N 103 
GLN HG3  H N N 104 
GLN HE21 H N N 105 
GLN HE22 H N N 106 
GLN HXT  H N N 107 
GLU N    N N N 108 
GLU CA   C N S 109 
GLU C    C N N 110 
GLU O    O N N 111 
GLU CB   C N N 112 
GLU CG   C N N 113 
GLU CD   C N N 114 
GLU OE1  O N N 115 
GLU OE2  O N N 116 
GLU OXT  O N N 117 
GLU H    H N N 118 
GLU H2   H N N 119 
GLU HA   H N N 120 
GLU HB2  H N N 121 
GLU HB3  H N N 122 
GLU HG2  H N N 123 
GLU HG3  H N N 124 
GLU HE2  H N N 125 
GLU HXT  H N N 126 
GLY N    N N N 127 
GLY CA   C N N 128 
GLY C    C N N 129 
GLY O    O N N 130 
GLY OXT  O N N 131 
GLY H    H N N 132 
GLY H2   H N N 133 
GLY HA2  H N N 134 
GLY HA3  H N N 135 
GLY HXT  H N N 136 
HIS N    N N N 137 
HIS CA   C N S 138 
HIS C    C N N 139 
HIS O    O N N 140 
HIS CB   C N N 141 
HIS CG   C Y N 142 
HIS ND1  N Y N 143 
HIS CD2  C Y N 144 
HIS CE1  C Y N 145 
HIS NE2  N Y N 146 
HIS OXT  O N N 147 
HIS H    H N N 148 
HIS H2   H N N 149 
HIS HA   H N N 150 
HIS HB2  H N N 151 
HIS HB3  H N N 152 
HIS HD1  H N N 153 
HIS HD2  H N N 154 
HIS HE1  H N N 155 
HIS HE2  H N N 156 
HIS HXT  H N N 157 
HOH O    O N N 158 
HOH H1   H N N 159 
HOH H2   H N N 160 
ILE N    N N N 161 
ILE CA   C N S 162 
ILE C    C N N 163 
ILE O    O N N 164 
ILE CB   C N S 165 
ILE CG1  C N N 166 
ILE CG2  C N N 167 
ILE CD1  C N N 168 
ILE OXT  O N N 169 
ILE H    H N N 170 
ILE H2   H N N 171 
ILE HA   H N N 172 
ILE HB   H N N 173 
ILE HG12 H N N 174 
ILE HG13 H N N 175 
ILE HG21 H N N 176 
ILE HG22 H N N 177 
ILE HG23 H N N 178 
ILE HD11 H N N 179 
ILE HD12 H N N 180 
ILE HD13 H N N 181 
ILE HXT  H N N 182 
LEU N    N N N 183 
LEU CA   C N S 184 
LEU C    C N N 185 
LEU O    O N N 186 
LEU CB   C N N 187 
LEU CG   C N N 188 
LEU CD1  C N N 189 
LEU CD2  C N N 190 
LEU OXT  O N N 191 
LEU H    H N N 192 
LEU H2   H N N 193 
LEU HA   H N N 194 
LEU HB2  H N N 195 
LEU HB3  H N N 196 
LEU HG   H N N 197 
LEU HD11 H N N 198 
LEU HD12 H N N 199 
LEU HD13 H N N 200 
LEU HD21 H N N 201 
LEU HD22 H N N 202 
LEU HD23 H N N 203 
LEU HXT  H N N 204 
LYS N    N N N 205 
LYS CA   C N S 206 
LYS C    C N N 207 
LYS O    O N N 208 
LYS CB   C N N 209 
LYS CG   C N N 210 
LYS CD   C N N 211 
LYS CE   C N N 212 
LYS NZ   N N N 213 
LYS OXT  O N N 214 
LYS H    H N N 215 
LYS H2   H N N 216 
LYS HA   H N N 217 
LYS HB2  H N N 218 
LYS HB3  H N N 219 
LYS HG2  H N N 220 
LYS HG3  H N N 221 
LYS HD2  H N N 222 
LYS HD3  H N N 223 
LYS HE2  H N N 224 
LYS HE3  H N N 225 
LYS HZ1  H N N 226 
LYS HZ2  H N N 227 
LYS HZ3  H N N 228 
LYS HXT  H N N 229 
MET N    N N N 230 
MET CA   C N S 231 
MET C    C N N 232 
MET O    O N N 233 
MET CB   C N N 234 
MET CG   C N N 235 
MET SD   S N N 236 
MET CE   C N N 237 
MET OXT  O N N 238 
MET H    H N N 239 
MET H2   H N N 240 
MET HA   H N N 241 
MET HB2  H N N 242 
MET HB3  H N N 243 
MET HG2  H N N 244 
MET HG3  H N N 245 
MET HE1  H N N 246 
MET HE2  H N N 247 
MET HE3  H N N 248 
MET HXT  H N N 249 
PHE N    N N N 250 
PHE CA   C N S 251 
PHE C    C N N 252 
PHE O    O N N 253 
PHE CB   C N N 254 
PHE CG   C Y N 255 
PHE CD1  C Y N 256 
PHE CD2  C Y N 257 
PHE CE1  C Y N 258 
PHE CE2  C Y N 259 
PHE CZ   C Y N 260 
PHE OXT  O N N 261 
PHE H    H N N 262 
PHE H2   H N N 263 
PHE HA   H N N 264 
PHE HB2  H N N 265 
PHE HB3  H N N 266 
PHE HD1  H N N 267 
PHE HD2  H N N 268 
PHE HE1  H N N 269 
PHE HE2  H N N 270 
PHE HZ   H N N 271 
PHE HXT  H N N 272 
PRO N    N N N 273 
PRO CA   C N S 274 
PRO C    C N N 275 
PRO O    O N N 276 
PRO CB   C N N 277 
PRO CG   C N N 278 
PRO CD   C N N 279 
PRO OXT  O N N 280 
PRO H    H N N 281 
PRO HA   H N N 282 
PRO HB2  H N N 283 
PRO HB3  H N N 284 
PRO HG2  H N N 285 
PRO HG3  H N N 286 
PRO HD2  H N N 287 
PRO HD3  H N N 288 
PRO HXT  H N N 289 
SER N    N N N 290 
SER CA   C N S 291 
SER C    C N N 292 
SER O    O N N 293 
SER CB   C N N 294 
SER OG   O N N 295 
SER OXT  O N N 296 
SER H    H N N 297 
SER H2   H N N 298 
SER HA   H N N 299 
SER HB2  H N N 300 
SER HB3  H N N 301 
SER HG   H N N 302 
SER HXT  H N N 303 
THR N    N N N 304 
THR CA   C N S 305 
THR C    C N N 306 
THR O    O N N 307 
THR CB   C N R 308 
THR OG1  O N N 309 
THR CG2  C N N 310 
THR OXT  O N N 311 
THR H    H N N 312 
THR H2   H N N 313 
THR HA   H N N 314 
THR HB   H N N 315 
THR HG1  H N N 316 
THR HG21 H N N 317 
THR HG22 H N N 318 
THR HG23 H N N 319 
THR HXT  H N N 320 
TYR N    N N N 321 
TYR CA   C N S 322 
TYR C    C N N 323 
TYR O    O N N 324 
TYR CB   C N N 325 
TYR CG   C Y N 326 
TYR CD1  C Y N 327 
TYR CD2  C Y N 328 
TYR CE1  C Y N 329 
TYR CE2  C Y N 330 
TYR CZ   C Y N 331 
TYR OH   O N N 332 
TYR OXT  O N N 333 
TYR H    H N N 334 
TYR H2   H N N 335 
TYR HA   H N N 336 
TYR HB2  H N N 337 
TYR HB3  H N N 338 
TYR HD1  H N N 339 
TYR HD2  H N N 340 
TYR HE1  H N N 341 
TYR HE2  H N N 342 
TYR HH   H N N 343 
TYR HXT  H N N 344 
VAL N    N N N 345 
VAL CA   C N S 346 
VAL C    C N N 347 
VAL O    O N N 348 
VAL CB   C N N 349 
VAL CG1  C N N 350 
VAL CG2  C N N 351 
VAL OXT  O N N 352 
VAL H    H N N 353 
VAL H2   H N N 354 
VAL HA   H N N 355 
VAL HB   H N N 356 
VAL HG11 H N N 357 
VAL HG12 H N N 358 
VAL HG13 H N N 359 
VAL HG21 H N N 360 
VAL HG22 H N N 361 
VAL HG23 H N N 362 
VAL HXT  H N N 363 
# 
loop_
_chem_comp_bond.comp_id 
_chem_comp_bond.atom_id_1 
_chem_comp_bond.atom_id_2 
_chem_comp_bond.value_order 
_chem_comp_bond.pdbx_aromatic_flag 
_chem_comp_bond.pdbx_stereo_config 
_chem_comp_bond.pdbx_ordinal 
ALA N   CA   sing N N 1   
ALA N   H    sing N N 2   
ALA N   H2   sing N N 3   
ALA CA  C    sing N N 4   
ALA CA  CB   sing N N 5   
ALA CA  HA   sing N N 6   
ALA C   O    doub N N 7   
ALA C   OXT  sing N N 8   
ALA CB  HB1  sing N N 9   
ALA CB  HB2  sing N N 10  
ALA CB  HB3  sing N N 11  
ALA OXT HXT  sing N N 12  
ARG N   CA   sing N N 13  
ARG N   H    sing N N 14  
ARG N   H2   sing N N 15  
ARG CA  C    sing N N 16  
ARG CA  CB   sing N N 17  
ARG CA  HA   sing N N 18  
ARG C   O    doub N N 19  
ARG C   OXT  sing N N 20  
ARG CB  CG   sing N N 21  
ARG CB  HB2  sing N N 22  
ARG CB  HB3  sing N N 23  
ARG CG  CD   sing N N 24  
ARG CG  HG2  sing N N 25  
ARG CG  HG3  sing N N 26  
ARG CD  NE   sing N N 27  
ARG CD  HD2  sing N N 28  
ARG CD  HD3  sing N N 29  
ARG NE  CZ   sing N N 30  
ARG NE  HE   sing N N 31  
ARG CZ  NH1  sing N N 32  
ARG CZ  NH2  doub N N 33  
ARG NH1 HH11 sing N N 34  
ARG NH1 HH12 sing N N 35  
ARG NH2 HH21 sing N N 36  
ARG NH2 HH22 sing N N 37  
ARG OXT HXT  sing N N 38  
ASN N   CA   sing N N 39  
ASN N   H    sing N N 40  
ASN N   H2   sing N N 41  
ASN CA  C    sing N N 42  
ASN CA  CB   sing N N 43  
ASN CA  HA   sing N N 44  
ASN C   O    doub N N 45  
ASN C   OXT  sing N N 46  
ASN CB  CG   sing N N 47  
ASN CB  HB2  sing N N 48  
ASN CB  HB3  sing N N 49  
ASN CG  OD1  doub N N 50  
ASN CG  ND2  sing N N 51  
ASN ND2 HD21 sing N N 52  
ASN ND2 HD22 sing N N 53  
ASN OXT HXT  sing N N 54  
ASP N   CA   sing N N 55  
ASP N   H    sing N N 56  
ASP N   H2   sing N N 57  
ASP CA  C    sing N N 58  
ASP CA  CB   sing N N 59  
ASP CA  HA   sing N N 60  
ASP C   O    doub N N 61  
ASP C   OXT  sing N N 62  
ASP CB  CG   sing N N 63  
ASP CB  HB2  sing N N 64  
ASP CB  HB3  sing N N 65  
ASP CG  OD1  doub N N 66  
ASP CG  OD2  sing N N 67  
ASP OD2 HD2  sing N N 68  
ASP OXT HXT  sing N N 69  
CYS N   CA   sing N N 70  
CYS N   H    sing N N 71  
CYS N   H2   sing N N 72  
CYS CA  C    sing N N 73  
CYS CA  CB   sing N N 74  
CYS CA  HA   sing N N 75  
CYS C   O    doub N N 76  
CYS C   OXT  sing N N 77  
CYS CB  SG   sing N N 78  
CYS CB  HB2  sing N N 79  
CYS CB  HB3  sing N N 80  
CYS SG  HG   sing N N 81  
CYS OXT HXT  sing N N 82  
GLN N   CA   sing N N 83  
GLN N   H    sing N N 84  
GLN N   H2   sing N N 85  
GLN CA  C    sing N N 86  
GLN CA  CB   sing N N 87  
GLN CA  HA   sing N N 88  
GLN C   O    doub N N 89  
GLN C   OXT  sing N N 90  
GLN CB  CG   sing N N 91  
GLN CB  HB2  sing N N 92  
GLN CB  HB3  sing N N 93  
GLN CG  CD   sing N N 94  
GLN CG  HG2  sing N N 95  
GLN CG  HG3  sing N N 96  
GLN CD  OE1  doub N N 97  
GLN CD  NE2  sing N N 98  
GLN NE2 HE21 sing N N 99  
GLN NE2 HE22 sing N N 100 
GLN OXT HXT  sing N N 101 
GLU N   CA   sing N N 102 
GLU N   H    sing N N 103 
GLU N   H2   sing N N 104 
GLU CA  C    sing N N 105 
GLU CA  CB   sing N N 106 
GLU CA  HA   sing N N 107 
GLU C   O    doub N N 108 
GLU C   OXT  sing N N 109 
GLU CB  CG   sing N N 110 
GLU CB  HB2  sing N N 111 
GLU CB  HB3  sing N N 112 
GLU CG  CD   sing N N 113 
GLU CG  HG2  sing N N 114 
GLU CG  HG3  sing N N 115 
GLU CD  OE1  doub N N 116 
GLU CD  OE2  sing N N 117 
GLU OE2 HE2  sing N N 118 
GLU OXT HXT  sing N N 119 
GLY N   CA   sing N N 120 
GLY N   H    sing N N 121 
GLY N   H2   sing N N 122 
GLY CA  C    sing N N 123 
GLY CA  HA2  sing N N 124 
GLY CA  HA3  sing N N 125 
GLY C   O    doub N N 126 
GLY C   OXT  sing N N 127 
GLY OXT HXT  sing N N 128 
HIS N   CA   sing N N 129 
HIS N   H    sing N N 130 
HIS N   H2   sing N N 131 
HIS CA  C    sing N N 132 
HIS CA  CB   sing N N 133 
HIS CA  HA   sing N N 134 
HIS C   O    doub N N 135 
HIS C   OXT  sing N N 136 
HIS CB  CG   sing N N 137 
HIS CB  HB2  sing N N 138 
HIS CB  HB3  sing N N 139 
HIS CG  ND1  sing Y N 140 
HIS CG  CD2  doub Y N 141 
HIS ND1 CE1  doub Y N 142 
HIS ND1 HD1  sing N N 143 
HIS CD2 NE2  sing Y N 144 
HIS CD2 HD2  sing N N 145 
HIS CE1 NE2  sing Y N 146 
HIS CE1 HE1  sing N N 147 
HIS NE2 HE2  sing N N 148 
HIS OXT HXT  sing N N 149 
HOH O   H1   sing N N 150 
HOH O   H2   sing N N 151 
ILE N   CA   sing N N 152 
ILE N   H    sing N N 153 
ILE N   H2   sing N N 154 
ILE CA  C    sing N N 155 
ILE CA  CB   sing N N 156 
ILE CA  HA   sing N N 157 
ILE C   O    doub N N 158 
ILE C   OXT  sing N N 159 
ILE CB  CG1  sing N N 160 
ILE CB  CG2  sing N N 161 
ILE CB  HB   sing N N 162 
ILE CG1 CD1  sing N N 163 
ILE CG1 HG12 sing N N 164 
ILE CG1 HG13 sing N N 165 
ILE CG2 HG21 sing N N 166 
ILE CG2 HG22 sing N N 167 
ILE CG2 HG23 sing N N 168 
ILE CD1 HD11 sing N N 169 
ILE CD1 HD12 sing N N 170 
ILE CD1 HD13 sing N N 171 
ILE OXT HXT  sing N N 172 
LEU N   CA   sing N N 173 
LEU N   H    sing N N 174 
LEU N   H2   sing N N 175 
LEU CA  C    sing N N 176 
LEU CA  CB   sing N N 177 
LEU CA  HA   sing N N 178 
LEU C   O    doub N N 179 
LEU C   OXT  sing N N 180 
LEU CB  CG   sing N N 181 
LEU CB  HB2  sing N N 182 
LEU CB  HB3  sing N N 183 
LEU CG  CD1  sing N N 184 
LEU CG  CD2  sing N N 185 
LEU CG  HG   sing N N 186 
LEU CD1 HD11 sing N N 187 
LEU CD1 HD12 sing N N 188 
LEU CD1 HD13 sing N N 189 
LEU CD2 HD21 sing N N 190 
LEU CD2 HD22 sing N N 191 
LEU CD2 HD23 sing N N 192 
LEU OXT HXT  sing N N 193 
LYS N   CA   sing N N 194 
LYS N   H    sing N N 195 
LYS N   H2   sing N N 196 
LYS CA  C    sing N N 197 
LYS CA  CB   sing N N 198 
LYS CA  HA   sing N N 199 
LYS C   O    doub N N 200 
LYS C   OXT  sing N N 201 
LYS CB  CG   sing N N 202 
LYS CB  HB2  sing N N 203 
LYS CB  HB3  sing N N 204 
LYS CG  CD   sing N N 205 
LYS CG  HG2  sing N N 206 
LYS CG  HG3  sing N N 207 
LYS CD  CE   sing N N 208 
LYS CD  HD2  sing N N 209 
LYS CD  HD3  sing N N 210 
LYS CE  NZ   sing N N 211 
LYS CE  HE2  sing N N 212 
LYS CE  HE3  sing N N 213 
LYS NZ  HZ1  sing N N 214 
LYS NZ  HZ2  sing N N 215 
LYS NZ  HZ3  sing N N 216 
LYS OXT HXT  sing N N 217 
MET N   CA   sing N N 218 
MET N   H    sing N N 219 
MET N   H2   sing N N 220 
MET CA  C    sing N N 221 
MET CA  CB   sing N N 222 
MET CA  HA   sing N N 223 
MET C   O    doub N N 224 
MET C   OXT  sing N N 225 
MET CB  CG   sing N N 226 
MET CB  HB2  sing N N 227 
MET CB  HB3  sing N N 228 
MET CG  SD   sing N N 229 
MET CG  HG2  sing N N 230 
MET CG  HG3  sing N N 231 
MET SD  CE   sing N N 232 
MET CE  HE1  sing N N 233 
MET CE  HE2  sing N N 234 
MET CE  HE3  sing N N 235 
MET OXT HXT  sing N N 236 
PHE N   CA   sing N N 237 
PHE N   H    sing N N 238 
PHE N   H2   sing N N 239 
PHE CA  C    sing N N 240 
PHE CA  CB   sing N N 241 
PHE CA  HA   sing N N 242 
PHE C   O    doub N N 243 
PHE C   OXT  sing N N 244 
PHE CB  CG   sing N N 245 
PHE CB  HB2  sing N N 246 
PHE CB  HB3  sing N N 247 
PHE CG  CD1  doub Y N 248 
PHE CG  CD2  sing Y N 249 
PHE CD1 CE1  sing Y N 250 
PHE CD1 HD1  sing N N 251 
PHE CD2 CE2  doub Y N 252 
PHE CD2 HD2  sing N N 253 
PHE CE1 CZ   doub Y N 254 
PHE CE1 HE1  sing N N 255 
PHE CE2 CZ   sing Y N 256 
PHE CE2 HE2  sing N N 257 
PHE CZ  HZ   sing N N 258 
PHE OXT HXT  sing N N 259 
PRO N   CA   sing N N 260 
PRO N   CD   sing N N 261 
PRO N   H    sing N N 262 
PRO CA  C    sing N N 263 
PRO CA  CB   sing N N 264 
PRO CA  HA   sing N N 265 
PRO C   O    doub N N 266 
PRO C   OXT  sing N N 267 
PRO CB  CG   sing N N 268 
PRO CB  HB2  sing N N 269 
PRO CB  HB3  sing N N 270 
PRO CG  CD   sing N N 271 
PRO CG  HG2  sing N N 272 
PRO CG  HG3  sing N N 273 
PRO CD  HD2  sing N N 274 
PRO CD  HD3  sing N N 275 
PRO OXT HXT  sing N N 276 
SER N   CA   sing N N 277 
SER N   H    sing N N 278 
SER N   H2   sing N N 279 
SER CA  C    sing N N 280 
SER CA  CB   sing N N 281 
SER CA  HA   sing N N 282 
SER C   O    doub N N 283 
SER C   OXT  sing N N 284 
SER CB  OG   sing N N 285 
SER CB  HB2  sing N N 286 
SER CB  HB3  sing N N 287 
SER OG  HG   sing N N 288 
SER OXT HXT  sing N N 289 
THR N   CA   sing N N 290 
THR N   H    sing N N 291 
THR N   H2   sing N N 292 
THR CA  C    sing N N 293 
THR CA  CB   sing N N 294 
THR CA  HA   sing N N 295 
THR C   O    doub N N 296 
THR C   OXT  sing N N 297 
THR CB  OG1  sing N N 298 
THR CB  CG2  sing N N 299 
THR CB  HB   sing N N 300 
THR OG1 HG1  sing N N 301 
THR CG2 HG21 sing N N 302 
THR CG2 HG22 sing N N 303 
THR CG2 HG23 sing N N 304 
THR OXT HXT  sing N N 305 
TYR N   CA   sing N N 306 
TYR N   H    sing N N 307 
TYR N   H2   sing N N 308 
TYR CA  C    sing N N 309 
TYR CA  CB   sing N N 310 
TYR CA  HA   sing N N 311 
TYR C   O    doub N N 312 
TYR C   OXT  sing N N 313 
TYR CB  CG   sing N N 314 
TYR CB  HB2  sing N N 315 
TYR CB  HB3  sing N N 316 
TYR CG  CD1  doub Y N 317 
TYR CG  CD2  sing Y N 318 
TYR CD1 CE1  sing Y N 319 
TYR CD1 HD1  sing N N 320 
TYR CD2 CE2  doub Y N 321 
TYR CD2 HD2  sing N N 322 
TYR CE1 CZ   doub Y N 323 
TYR CE1 HE1  sing N N 324 
TYR CE2 CZ   sing Y N 325 
TYR CE2 HE2  sing N N 326 
TYR CZ  OH   sing N N 327 
TYR OH  HH   sing N N 328 
TYR OXT HXT  sing N N 329 
VAL N   CA   sing N N 330 
VAL N   H    sing N N 331 
VAL N   H2   sing N N 332 
VAL CA  C    sing N N 333 
VAL CA  CB   sing N N 334 
VAL CA  HA   sing N N 335 
VAL C   O    doub N N 336 
VAL C   OXT  sing N N 337 
VAL CB  CG1  sing N N 338 
VAL CB  CG2  sing N N 339 
VAL CB  HB   sing N N 340 
VAL CG1 HG11 sing N N 341 
VAL CG1 HG12 sing N N 342 
VAL CG1 HG13 sing N N 343 
VAL CG2 HG21 sing N N 344 
VAL CG2 HG22 sing N N 345 
VAL CG2 HG23 sing N N 346 
VAL OXT HXT  sing N N 347 
# 
_atom_sites.entry_id                    5A48 
_atom_sites.fract_transf_matrix[1][1]   -0.01137639 
_atom_sites.fract_transf_matrix[1][2]   -0.01579553 
_atom_sites.fract_transf_matrix[1][3]   -0.00963814 
_atom_sites.fract_transf_matrix[2][1]   -0.02140846 
_atom_sites.fract_transf_matrix[2][2]   -0.00154781 
_atom_sites.fract_transf_matrix[2][3]   0.00332925 
_atom_sites.fract_transf_matrix[3][1]   -0.00150245 
_atom_sites.fract_transf_matrix[3][2]   0.00543540 
_atom_sites.fract_transf_matrix[3][3]   -0.00713442 
_atom_sites.fract_transf_vector[1]      0.466727 
_atom_sites.fract_transf_vector[2]      0.182741 
_atom_sites.fract_transf_vector[3]      -0.188783 
# 
loop_
_atom_type.symbol 
C 
N 
O 
S 
# 
loop_
_atom_site.group_PDB 
_atom_site.id 
_atom_site.type_symbol 
_atom_site.label_atom_id 
_atom_site.label_alt_id 
_atom_site.label_comp_id 
_atom_site.label_asym_id 
_atom_site.label_entity_id 
_atom_site.label_seq_id 
_atom_site.pdbx_PDB_ins_code 
_atom_site.Cartn_x 
_atom_site.Cartn_y 
_atom_site.Cartn_z 
_atom_site.occupancy 
_atom_site.B_iso_or_equiv 
_atom_site.pdbx_formal_charge 
_atom_site.auth_seq_id 
_atom_site.auth_comp_id 
_atom_site.auth_asym_id 
_atom_site.auth_atom_id 
_atom_site.pdbx_PDB_model_num 
ATOM   1    N N   . HIS A 1 2  ? 15.690  18.390  10.942  1.00 51.00 ? 138  HIS A N   1 
ATOM   2    C CA  . HIS A 1 2  ? 16.179  17.444  9.948   1.00 55.40 ? 138  HIS A CA  1 
ATOM   3    C C   . HIS A 1 2  ? 15.499  17.701  8.606   1.00 60.09 ? 138  HIS A C   1 
ATOM   4    O O   . HIS A 1 2  ? 15.981  18.501  7.806   1.00 54.73 ? 138  HIS A O   1 
ATOM   5    C CB  . HIS A 1 2  ? 15.939  16.007  10.420  1.00 55.84 ? 138  HIS A CB  1 
ATOM   6    C CG  . HIS A 1 2  ? 16.596  14.962  9.571   1.00 55.38 ? 138  HIS A CG  1 
ATOM   7    N ND1 . HIS A 1 2  ? 17.008  15.194  8.274   1.00 56.67 ? 138  HIS A ND1 1 
ATOM   8    C CD2 . HIS A 1 2  ? 16.913  13.673  9.836   1.00 52.80 ? 138  HIS A CD2 1 
ATOM   9    C CE1 . HIS A 1 2  ? 17.545  14.094  7.781   1.00 53.46 ? 138  HIS A CE1 1 
ATOM   10   N NE2 . HIS A 1 2  ? 17.500  13.155  8.709   1.00 54.60 ? 138  HIS A NE2 1 
ATOM   11   N N   . MET A 1 3  ? 14.382  17.026  8.365   1.00 56.16 ? 139  MET A N   1 
ATOM   12   C CA  . MET A 1 3  ? 13.673  17.179  7.099   1.00 54.38 ? 139  MET A CA  1 
ATOM   13   C C   . MET A 1 3  ? 12.223  17.614  7.296   1.00 47.24 ? 139  MET A C   1 
ATOM   14   O O   . MET A 1 3  ? 11.370  16.815  7.683   1.00 49.12 ? 139  MET A O   1 
ATOM   15   C CB  . MET A 1 3  ? 13.735  15.881  6.289   1.00 54.33 ? 139  MET A CB  1 
ATOM   16   C CG  . MET A 1 3  ? 13.046  15.977  4.943   1.00 53.26 ? 139  MET A CG  1 
ATOM   17   N N   . THR A 1 4  ? 11.955  18.887  7.024   1.00 47.11 ? 140  THR A N   1 
ATOM   18   C CA  . THR A 1 4  ? 10.615  19.443  7.170   1.00 41.39 ? 140  THR A CA  1 
ATOM   19   C C   . THR A 1 4  ? 9.809   19.316  5.883   1.00 40.96 ? 140  THR A C   1 
ATOM   20   O O   . THR A 1 4  ? 10.361  19.380  4.783   1.00 42.70 ? 140  THR A O   1 
ATOM   21   C CB  . THR A 1 4  ? 10.666  20.929  7.588   1.00 45.95 ? 140  THR A CB  1 
ATOM   22   O OG1 . THR A 1 4  ? 9.343   21.479  7.581   1.00 49.14 ? 140  THR A OG1 1 
ATOM   23   C CG2 . THR A 1 4  ? 11.541  21.720  6.632   1.00 49.31 ? 140  THR A CG2 1 
ATOM   24   N N   . ILE A 1 5  ? 8.501   19.123  6.027   1.00 40.85 ? 141  ILE A N   1 
ATOM   25   C CA  . ILE A 1 5  ? 7.604   19.052  4.880   1.00 38.94 ? 141  ILE A CA  1 
ATOM   26   C C   . ILE A 1 5  ? 6.269   19.717  5.180   1.00 39.98 ? 141  ILE A C   1 
ATOM   27   O O   . ILE A 1 5  ? 5.925   19.958  6.337   1.00 43.81 ? 141  ILE A O   1 
ATOM   28   C CB  . ILE A 1 5  ? 7.318   17.597  4.440   1.00 41.18 ? 141  ILE A CB  1 
ATOM   29   C CG1 . ILE A 1 5  ? 6.751   16.783  5.605   1.00 45.32 ? 141  ILE A CG1 1 
ATOM   30   C CG2 . ILE A 1 5  ? 8.565   16.939  3.875   1.00 45.84 ? 141  ILE A CG2 1 
ATOM   31   C CD1 . ILE A 1 5  ? 6.141   15.463  5.184   1.00 46.11 ? 141  ILE A CD1 1 
ATOM   32   N N   . ILE A 1 6  ? 5.522   20.008  4.121   1.00 45.98 ? 142  ILE A N   1 
ATOM   33   C CA  . ILE A 1 6  ? 4.161   20.499  4.250   1.00 40.74 ? 142  ILE A CA  1 
ATOM   34   C C   . ILE A 1 6  ? 3.199   19.342  4.036   1.00 37.79 ? 142  ILE A C   1 
ATOM   35   O O   . ILE A 1 6  ? 3.229   18.689  2.993   1.00 47.35 ? 142  ILE A O   1 
ATOM   36   C CB  . ILE A 1 6  ? 3.842   21.576  3.191   1.00 43.28 ? 142  ILE A CB  1 
ATOM   37   C CG1 . ILE A 1 6  ? 4.909   22.673  3.186   1.00 44.99 ? 142  ILE A CG1 1 
ATOM   38   C CG2 . ILE A 1 6  ? 2.455   22.158  3.431   1.00 40.77 ? 142  ILE A CG2 1 
ATOM   39   C CD1 . ILE A 1 6  ? 4.877   23.574  4.398   1.00 46.09 ? 142  ILE A CD1 1 
ATOM   40   N N   . GLU A 1 7  ? 2.355   19.077  5.025   1.00 40.28 ? 143  GLU A N   1 
ATOM   41   C CA  . GLU A 1 7  ? 1.317   18.070  4.863   1.00 38.72 ? 143  GLU A CA  1 
ATOM   42   C C   . GLU A 1 7  ? 0.277   18.565  3.864   1.00 37.22 ? 143  GLU A C   1 
ATOM   43   O O   . GLU A 1 7  ? -0.251  19.667  4.002   1.00 42.31 ? 143  GLU A O   1 
ATOM   44   C CB  . GLU A 1 7  ? 0.663   17.746  6.208   1.00 41.63 ? 143  GLU A CB  1 
ATOM   45   C CG  . GLU A 1 7  ? 1.139   16.440  6.817   1.00 43.23 ? 143  GLU A CG  1 
ATOM   46   C CD  . GLU A 1 7  ? 0.957   16.390  8.322   1.00 53.62 ? 143  GLU A CD  1 
ATOM   47   O OE1 . GLU A 1 7  ? 0.141   17.172  8.856   1.00 58.45 ? 143  GLU A OE1 1 
ATOM   48   O OE2 . GLU A 1 7  ? 1.638   15.571  8.976   1.00 56.72 ? 143  GLU A OE2 1 
ATOM   49   N N   . SER A 1 8  ? 0.000   17.756  2.848   1.00 36.63 ? 144  SER A N   1 
ATOM   50   C CA  . SER A 1 8  ? -0.983  18.120  1.837   1.00 36.91 ? 144  SER A CA  1 
ATOM   51   C C   . SER A 1 8  ? -2.402  17.860  2.332   1.00 38.56 ? 144  SER A C   1 
ATOM   52   O O   . SER A 1 8  ? -2.691  16.802  2.889   1.00 38.64 ? 144  SER A O   1 
ATOM   53   C CB  . SER A 1 8  ? -0.730  17.345  0.542   1.00 38.26 ? 144  SER A CB  1 
ATOM   54   O OG  . SER A 1 8  ? 0.509   17.714  -0.039  1.00 54.53 ? 144  SER A OG  1 
ATOM   55   N N   . ASN A 1 9  ? -3.281  18.838  2.137   1.00 34.26 ? 145  ASN A N   1 
ATOM   56   C CA  . ASN A 1 9  ? -4.695  18.663  2.437   1.00 31.19 ? 145  ASN A CA  1 
ATOM   57   C C   . ASN A 1 9  ? -5.403  18.136  1.196   1.00 30.04 ? 145  ASN A C   1 
ATOM   58   O O   . ASN A 1 9  ? -5.414  18.793  0.156   1.00 32.85 ? 145  ASN A O   1 
ATOM   59   C CB  . ASN A 1 9  ? -5.319  19.982  2.887   1.00 33.98 ? 145  ASN A CB  1 
ATOM   60   C CG  . ASN A 1 9  ? -6.732  19.813  3.411   1.00 30.44 ? 145  ASN A CG  1 
ATOM   61   O OD1 . ASN A 1 9  ? -7.651  19.484  2.660   1.00 26.72 ? 145  ASN A OD1 1 
ATOM   62   N ND2 . ASN A 1 9  ? -6.917  20.057  4.704   1.00 30.47 ? 145  ASN A ND2 1 
ATOM   63   N N   . TYR A 1 10 ? -5.989  16.948  1.305   1.00 31.83 ? 146  TYR A N   1 
ATOM   64   C CA  . TYR A 1 10 ? -6.562  16.273  0.144   1.00 26.86 ? 146  TYR A CA  1 
ATOM   65   C C   . TYR A 1 10 ? -7.822  16.957  -0.389  1.00 26.26 ? 146  TYR A C   1 
ATOM   66   O O   . TYR A 1 10 ? -8.183  16.779  -1.552  1.00 23.92 ? 146  TYR A O   1 
ATOM   67   C CB  . TYR A 1 10 ? -6.827  14.793  0.442   1.00 26.01 ? 146  TYR A CB  1 
ATOM   68   C CG  . TYR A 1 10 ? -5.569  13.975  0.660   1.00 29.04 ? 146  TYR A CG  1 
ATOM   69   C CD1 . TYR A 1 10 ? -4.314  14.506  0.390   1.00 29.66 ? 146  TYR A CD1 1 
ATOM   70   C CD2 . TYR A 1 10 ? -5.638  12.669  1.130   1.00 24.24 ? 146  TYR A CD2 1 
ATOM   71   C CE1 . TYR A 1 10 ? -3.163  13.765  0.587   1.00 29.60 ? 146  TYR A CE1 1 
ATOM   72   C CE2 . TYR A 1 10 ? -4.491  11.918  1.330   1.00 24.74 ? 146  TYR A CE2 1 
ATOM   73   C CZ  . TYR A 1 10 ? -3.257  12.471  1.057   1.00 30.59 ? 146  TYR A CZ  1 
ATOM   74   O OH  . TYR A 1 10 ? -2.115  11.730  1.254   1.00 24.71 ? 146  TYR A OH  1 
ATOM   75   N N   . ILE A 1 11 ? -8.488  17.736  0.457   1.00 27.77 ? 147  ILE A N   1 
ATOM   76   C CA  . ILE A 1 11 ? -9.653  18.499  0.021   1.00 28.16 ? 147  ILE A CA  1 
ATOM   77   C C   . ILE A 1 11 ? -9.207  19.707  -0.801  1.00 26.04 ? 147  ILE A C   1 
ATOM   78   O O   . ILE A 1 11 ? -9.819  20.037  -1.818  1.00 26.23 ? 147  ILE A O   1 
ATOM   79   C CB  . ILE A 1 11 ? -10.521 18.945  1.214   1.00 28.70 ? 147  ILE A CB  1 
ATOM   80   C CG1 . ILE A 1 11 ? -11.091 17.727  1.938   1.00 25.94 ? 147  ILE A CG1 1 
ATOM   81   C CG2 . ILE A 1 11 ? -11.653 19.859  0.753   1.00 26.84 ? 147  ILE A CG2 1 
ATOM   82   C CD1 . ILE A 1 11 ? -11.924 18.074  3.148   1.00 25.59 ? 147  ILE A CD1 1 
ATOM   83   N N   . SER A 1 12 ? -8.132  20.349  -0.355  1.00 26.38 ? 148  SER A N   1 
ATOM   84   C CA  . SER A 1 12 ? -7.521  21.449  -1.090  1.00 30.22 ? 148  SER A CA  1 
ATOM   85   C C   . SER A 1 12 ? -7.108  20.999  -2.488  1.00 28.53 ? 148  SER A C   1 
ATOM   86   O O   . SER A 1 12 ? -7.421  21.656  -3.481  1.00 31.72 ? 148  SER A O   1 
ATOM   87   C CB  . SER A 1 12 ? -6.309  21.991  -0.325  1.00 31.93 ? 148  SER A CB  1 
ATOM   88   O OG  . SER A 1 12 ? -6.704  22.592  0.898   1.00 41.48 ? 148  SER A OG  1 
ATOM   89   N N   . VAL A 1 13 ? -6.413  19.866  -2.553  1.00 26.21 ? 149  VAL A N   1 
ATOM   90   C CA  . VAL A 1 13 ? -5.977  19.276  -3.819  1.00 27.33 ? 149  VAL A CA  1 
ATOM   91   C C   . VAL A 1 13 ? -7.150  19.021  -4.761  1.00 29.06 ? 149  VAL A C   1 
ATOM   92   O O   . VAL A 1 13 ? -7.130  19.431  -5.922  1.00 29.58 ? 149  VAL A O   1 
ATOM   93   C CB  . VAL A 1 13 ? -5.215  17.949  -3.584  1.00 21.43 ? 149  VAL A CB  1 
ATOM   94   C CG1 . VAL A 1 13 ? -5.112  17.143  -4.873  1.00 17.25 ? 149  VAL A CG1 1 
ATOM   95   C CG2 . VAL A 1 13 ? -3.837  18.221  -2.998  1.00 22.28 ? 149  VAL A CG2 1 
ATOM   96   N N   . ARG A 1 14 ? -8.175  18.347  -4.248  1.00 22.61 ? 150  ARG A N   1 
ATOM   97   C CA  . ARG A 1 14 ? -9.353  18.011  -5.039  1.00 23.49 ? 150  ARG A CA  1 
ATOM   98   C C   . ARG A 1 14 ? -10.222 19.232  -5.342  1.00 27.34 ? 150  ARG A C   1 
ATOM   99   O O   . ARG A 1 14 ? -11.176 19.145  -6.117  1.00 28.81 ? 150  ARG A O   1 
ATOM   100  C CB  . ARG A 1 14 ? -10.168 16.916  -4.345  1.00 20.06 ? 150  ARG A CB  1 
ATOM   101  C CG  . ARG A 1 14 ? -9.513  15.543  -4.420  1.00 27.47 ? 150  ARG A CG  1 
ATOM   102  C CD  . ARG A 1 14 ? -10.222 14.507  -3.560  1.00 25.84 ? 150  ARG A CD  1 
ATOM   103  N NE  . ARG A 1 14 ? -9.714  13.163  -3.825  1.00 34.44 ? 150  ARG A NE  1 
ATOM   104  C CZ  . ARG A 1 14 ? -9.090  12.397  -2.936  1.00 28.03 ? 150  ARG A CZ  1 
ATOM   105  N NH1 . ARG A 1 14 ? -8.895  12.823  -1.695  1.00 31.20 ? 150  ARG A NH1 1 
ATOM   106  N NH2 . ARG A 1 14 ? -8.666  11.191  -3.288  1.00 29.76 ? 150  ARG A NH2 1 
ATOM   107  N N   . GLU A 1 15 ? -9.894  20.364  -4.726  1.00 25.76 ? 151  GLU A N   1 
ATOM   108  C CA  . GLU A 1 15 ? -10.559 21.623  -5.049  1.00 33.18 ? 151  GLU A CA  1 
ATOM   109  C C   . GLU A 1 15 ? -9.738  22.413  -6.064  1.00 31.39 ? 151  GLU A C   1 
ATOM   110  O O   . GLU A 1 15 ? -10.292 23.121  -6.904  1.00 32.66 ? 151  GLU A O   1 
ATOM   111  C CB  . GLU A 1 15 ? -10.824 22.451  -3.786  1.00 32.14 ? 151  GLU A CB  1 
ATOM   112  C CG  . GLU A 1 15 ? -12.304 22.721  -3.538  1.00 37.38 ? 151  GLU A CG  1 
ATOM   113  C CD  . GLU A 1 15 ? -12.630 22.965  -2.075  1.00 45.57 ? 151  GLU A CD  1 
ATOM   114  O OE1 . GLU A 1 15 ? -12.004 23.855  -1.462  1.00 42.32 ? 151  GLU A OE1 1 
ATOM   115  O OE2 . GLU A 1 15 ? -13.520 22.268  -1.540  1.00 50.96 ? 151  GLU A OE2 1 
ATOM   116  N N   . GLU A 1 16 ? -8.416  22.279  -5.991  1.00 29.36 ? 152  GLU A N   1 
ATOM   117  C CA  . GLU A 1 16 ? -7.529  22.928  -6.954  1.00 31.06 ? 152  GLU A CA  1 
ATOM   118  C C   . GLU A 1 16 ? -7.438  22.099  -8.233  1.00 32.19 ? 152  GLU A C   1 
ATOM   119  O O   . GLU A 1 16 ? -7.272  22.641  -9.326  1.00 33.00 ? 152  GLU A O   1 
ATOM   120  C CB  . GLU A 1 16 ? -6.134  23.156  -6.360  1.00 31.31 ? 152  GLU A CB  1 
ATOM   121  C CG  . GLU A 1 16 ? -5.231  24.026  -7.228  1.00 36.83 ? 152  GLU A CG  1 
ATOM   122  C CD  . GLU A 1 16 ? -3.904  24.354  -6.566  1.00 42.68 ? 152  GLU A CD  1 
ATOM   123  O OE1 . GLU A 1 16 ? -3.715  23.993  -5.384  1.00 52.54 ? 152  GLU A OE1 1 
ATOM   124  O OE2 . GLU A 1 16 ? -3.045  24.974  -7.229  1.00 37.63 ? 152  GLU A OE2 1 
ATOM   125  N N   . TYR A 1 17 ? -7.553  20.782  -8.084  1.00 27.33 ? 153  TYR A N   1 
ATOM   126  C CA  . TYR A 1 17 ? -7.553  19.864  -9.218  1.00 27.75 ? 153  TYR A CA  1 
ATOM   127  C C   . TYR A 1 17 ? -8.823  19.022  -9.172  1.00 28.69 ? 153  TYR A C   1 
ATOM   128  O O   . TYR A 1 17 ? -8.784  17.849  -8.804  1.00 32.29 ? 153  TYR A O   1 
ATOM   129  C CB  . TYR A 1 17 ? -6.319  18.960  -9.176  1.00 28.84 ? 153  TYR A CB  1 
ATOM   130  C CG  . TYR A 1 17 ? -5.005  19.709  -9.185  1.00 33.52 ? 153  TYR A CG  1 
ATOM   131  C CD1 . TYR A 1 17 ? -4.478  20.244  -8.016  1.00 33.55 ? 153  TYR A CD1 1 
ATOM   132  C CD2 . TYR A 1 17 ? -4.291  19.883  -10.365 1.00 36.29 ? 153  TYR A CD2 1 
ATOM   133  C CE1 . TYR A 1 17 ? -3.277  20.932  -8.020  1.00 30.32 ? 153  TYR A CE1 1 
ATOM   134  C CE2 . TYR A 1 17 ? -3.089  20.567  -10.377 1.00 33.66 ? 153  TYR A CE2 1 
ATOM   135  C CZ  . TYR A 1 17 ? -2.586  21.089  -9.203  1.00 37.23 ? 153  TYR A CZ  1 
ATOM   136  O OH  . TYR A 1 17 ? -1.390  21.773  -9.214  1.00 33.84 ? 153  TYR A OH  1 
ATOM   137  N N   . PRO A 1 18 ? -9.957  19.626  -9.560  1.00 29.73 ? 154  PRO A N   1 
ATOM   138  C CA  . PRO A 1 18 ? -11.297 19.056  -9.375  1.00 29.83 ? 154  PRO A CA  1 
ATOM   139  C C   . PRO A 1 18 ? -11.541 17.744  -10.116 1.00 30.17 ? 154  PRO A C   1 
ATOM   140  O O   . PRO A 1 18 ? -12.465 17.012  -9.758  1.00 29.90 ? 154  PRO A O   1 
ATOM   141  C CB  . PRO A 1 18 ? -12.219 20.150  -9.927  1.00 33.09 ? 154  PRO A CB  1 
ATOM   142  C CG  . PRO A 1 18 ? -11.373 20.918  -10.879 1.00 27.85 ? 154  PRO A CG  1 
ATOM   143  C CD  . PRO A 1 18 ? -9.999  20.906  -10.289 1.00 28.90 ? 154  PRO A CD  1 
ATOM   144  N N   . ASP A 1 19 ? -10.731 17.448  -11.127 1.00 34.28 ? 155  ASP A N   1 
ATOM   145  C CA  . ASP A 1 19 ? -10.927 16.236  -11.917 1.00 35.41 ? 155  ASP A CA  1 
ATOM   146  C C   . ASP A 1 19 ? -9.909  15.147  -11.583 1.00 31.08 ? 155  ASP A C   1 
ATOM   147  O O   . ASP A 1 19 ? -9.837  14.132  -12.276 1.00 29.52 ? 155  ASP A O   1 
ATOM   148  C CB  . ASP A 1 19 ? -10.858 16.555  -13.414 1.00 28.06 ? 155  ASP A CB  1 
ATOM   149  C CG  . ASP A 1 19 ? -11.912 17.558  -13.852 1.00 36.05 ? 155  ASP A CG  1 
ATOM   150  O OD1 . ASP A 1 19 ? -13.022 17.553  -13.278 1.00 32.74 ? 155  ASP A OD1 1 
ATOM   151  O OD2 . ASP A 1 19 ? -11.630 18.353  -14.775 1.00 36.40 ? 155  ASP A OD2 1 
ATOM   152  N N   . ILE A 1 20 ? -9.136  15.351  -10.519 1.00 23.94 ? 156  ILE A N   1 
ATOM   153  C CA  . ILE A 1 20 ? -7.995  14.481  -10.225 1.00 27.48 ? 156  ILE A CA  1 
ATOM   154  C C   . ILE A 1 20 ? -8.354  13.008  -10.003 1.00 27.90 ? 156  ILE A C   1 
ATOM   155  O O   . ILE A 1 20 ? -7.640  12.117  -10.462 1.00 24.89 ? 156  ILE A O   1 
ATOM   156  C CB  . ILE A 1 20 ? -7.129  15.017  -9.051  1.00 27.40 ? 156  ILE A CB  1 
ATOM   157  C CG1 . ILE A 1 20 ? -5.834  14.206  -8.937  1.00 24.73 ? 156  ILE A CG1 1 
ATOM   158  C CG2 . ILE A 1 20 ? -7.901  14.998  -7.735  1.00 21.06 ? 156  ILE A CG2 1 
ATOM   159  C CD1 . ILE A 1 20 ? -4.751  14.886  -8.130  1.00 25.28 ? 156  ILE A CD1 1 
ATOM   160  N N   . ASP A 1 21 ? -9.463  12.753  -9.317  1.00 24.81 ? 157  ASP A N   1 
ATOM   161  C CA  . ASP A 1 21 ? -9.912  11.385  -9.090  1.00 26.34 ? 157  ASP A CA  1 
ATOM   162  C C   . ASP A 1 21 ? -10.268 10.699  -10.407 1.00 28.84 ? 157  ASP A C   1 
ATOM   163  O O   . ASP A 1 21 ? -9.862  9.563   -10.655 1.00 28.67 ? 157  ASP A O   1 
ATOM   164  C CB  . ASP A 1 21 ? -11.104 11.361  -8.129  1.00 29.00 ? 157  ASP A CB  1 
ATOM   165  C CG  . ASP A 1 21 ? -10.681 11.453  -6.673  1.00 35.22 ? 157  ASP A CG  1 
ATOM   166  O OD1 . ASP A 1 21 ? -9.509  11.793  -6.404  1.00 30.01 ? 157  ASP A OD1 1 
ATOM   167  O OD2 . ASP A 1 21 ? -11.526 11.186  -5.794  1.00 37.49 ? 157  ASP A OD2 1 
ATOM   168  N N   . SER A 1 22 ? -11.014 11.404  -11.252 1.00 25.56 ? 158  SER A N   1 
ATOM   169  C CA  . SER A 1 22 ? -11.418 10.872  -12.547 1.00 26.44 ? 158  SER A CA  1 
ATOM   170  C C   . SER A 1 22 ? -10.203 10.630  -13.439 1.00 24.51 ? 158  SER A C   1 
ATOM   171  O O   . SER A 1 22 ? -10.199 9.723   -14.270 1.00 25.53 ? 158  SER A O   1 
ATOM   172  C CB  . SER A 1 22 ? -12.403 11.826  -13.228 1.00 27.64 ? 158  SER A CB  1 
ATOM   173  O OG  . SER A 1 22 ? -11.792 13.073  -13.513 1.00 38.36 ? 158  SER A OG  1 
ATOM   174  N N   . GLU A 1 23 ? -9.169  11.445  -13.247 1.00 26.42 ? 159  GLU A N   1 
ATOM   175  C CA  . GLU A 1 23 ? -7.944  11.341  -14.034 1.00 23.60 ? 159  GLU A CA  1 
ATOM   176  C C   . GLU A 1 23 ? -7.092  10.140  -13.635 1.00 24.45 ? 159  GLU A C   1 
ATOM   177  O O   . GLU A 1 23 ? -6.573  9.429   -14.496 1.00 20.88 ? 159  GLU A O   1 
ATOM   178  C CB  . GLU A 1 23 ? -7.137  12.635  -13.932 1.00 22.27 ? 159  GLU A CB  1 
ATOM   179  C CG  . GLU A 1 23 ? -7.660  13.727  -14.845 1.00 21.82 ? 159  GLU A CG  1 
ATOM   180  C CD  . GLU A 1 23 ? -7.359  15.121  -14.340 1.00 30.69 ? 159  GLU A CD  1 
ATOM   181  O OE1 . GLU A 1 23 ? -6.779  15.248  -13.240 1.00 31.62 ? 159  GLU A OE1 1 
ATOM   182  O OE2 . GLU A 1 23 ? -7.708  16.095  -15.045 1.00 30.33 ? 159  GLU A OE2 1 
ATOM   183  N N   . VAL A 1 24 ? -6.955  9.913   -12.331 1.00 21.17 ? 160  VAL A N   1 
ATOM   184  C CA  . VAL A 1 24 ? -6.223  8.754   -11.832 1.00 20.31 ? 160  VAL A CA  1 
ATOM   185  C C   . VAL A 1 24 ? -6.917  7.465   -12.246 1.00 22.46 ? 160  VAL A C   1 
ATOM   186  O O   . VAL A 1 24 ? -6.274  6.533   -12.733 1.00 24.19 ? 160  VAL A O   1 
ATOM   187  C CB  . VAL A 1 24 ? -6.085  8.779   -10.297 1.00 19.65 ? 160  VAL A CB  1 
ATOM   188  C CG1 . VAL A 1 24 ? -5.477  7.478   -9.798  1.00 13.57 ? 160  VAL A CG1 1 
ATOM   189  C CG2 . VAL A 1 24 ? -5.242  9.966   -9.859  1.00 20.91 ? 160  VAL A CG2 1 
ATOM   190  N N   . ARG A 1 25 ? -8.234  7.420   -12.053 1.00 23.56 ? 161  ARG A N   1 
ATOM   191  C CA  A ARG A 1 25 ? -9.031  6.255   -12.430 0.49 23.03 ? 161  ARG A CA  1 
ATOM   192  C CA  B ARG A 1 25 ? -9.001  6.240   -12.423 0.51 22.89 ? 161  ARG A CA  1 
ATOM   193  C C   . ARG A 1 25 ? -8.871  5.943   -13.914 1.00 24.15 ? 161  ARG A C   1 
ATOM   194  O O   . ARG A 1 25 ? -8.789  4.782   -14.306 1.00 24.23 ? 161  ARG A O   1 
ATOM   195  C CB  A ARG A 1 25 ? -10.514 6.476   -12.111 0.49 23.90 ? 161  ARG A CB  1 
ATOM   196  C CB  B ARG A 1 25 ? -10.470 6.381   -12.009 0.51 24.08 ? 161  ARG A CB  1 
ATOM   197  C CG  A ARG A 1 25 ? -10.854 6.590   -10.632 0.49 27.10 ? 161  ARG A CG  1 
ATOM   198  C CG  B ARG A 1 25 ? -10.688 6.257   -10.507 0.51 27.14 ? 161  ARG A CG  1 
ATOM   199  C CD  A ARG A 1 25 ? -12.363 6.682   -10.441 0.49 27.32 ? 161  ARG A CD  1 
ATOM   200  C CD  B ARG A 1 25 ? -12.156 6.364   -10.131 0.51 26.45 ? 161  ARG A CD  1 
ATOM   201  N NE  A ARG A 1 25 ? -12.738 7.423   -9.239  0.49 27.74 ? 161  ARG A NE  1 
ATOM   202  N NE  B ARG A 1 25 ? -12.965 5.338   -10.779 0.51 28.20 ? 161  ARG A NE  1 
ATOM   203  C CZ  A ARG A 1 25 ? -13.067 6.860   -8.081  0.49 29.15 ? 161  ARG A CZ  1 
ATOM   204  C CZ  B ARG A 1 25 ? -14.081 5.588   -11.454 0.51 29.79 ? 161  ARG A CZ  1 
ATOM   205  N NH1 A ARG A 1 25 ? -13.070 5.539   -7.959  0.49 26.26 ? 161  ARG A NH1 1 
ATOM   206  N NH1 B ARG A 1 25 ? -14.524 6.832   -11.564 0.51 28.18 ? 161  ARG A NH1 1 
ATOM   207  N NH2 A ARG A 1 25 ? -13.396 7.618   -7.043  0.49 27.52 ? 161  ARG A NH2 1 
ATOM   208  N NH2 B ARG A 1 25 ? -14.757 4.595   -12.015 0.51 31.11 ? 161  ARG A NH2 1 
ATOM   209  N N   . ALA A 1 26 ? -8.828  6.991   -14.733 1.00 25.84 ? 162  ALA A N   1 
ATOM   210  C CA  . ALA A 1 26 ? -8.664  6.826   -16.174 1.00 29.47 ? 162  ALA A CA  1 
ATOM   211  C C   . ALA A 1 26 ? -7.325  6.162   -16.494 1.00 24.39 ? 162  ALA A C   1 
ATOM   212  O O   . ALA A 1 26 ? -7.262  5.224   -17.286 1.00 21.55 ? 162  ALA A O   1 
ATOM   213  C CB  . ALA A 1 26 ? -8.782  8.169   -16.884 1.00 23.68 ? 162  ALA A CB  1 
ATOM   214  N N   . ILE A 1 27 ? -6.265  6.656   -15.859 1.00 21.82 ? 163  ILE A N   1 
ATOM   215  C CA  . ILE A 1 27 ? -4.923  6.105   -16.017 1.00 21.05 ? 163  ILE A CA  1 
ATOM   216  C C   . ILE A 1 27 ? -4.879  4.634   -15.598 1.00 26.17 ? 163  ILE A C   1 
ATOM   217  O O   . ILE A 1 27 ? -4.248  3.802   -16.254 1.00 24.77 ? 163  ILE A O   1 
ATOM   218  C CB  . ILE A 1 27 ? -3.902  6.920   -15.197 1.00 23.09 ? 163  ILE A CB  1 
ATOM   219  C CG1 . ILE A 1 27 ? -3.784  8.339   -15.758 1.00 24.95 ? 163  ILE A CG1 1 
ATOM   220  C CG2 . ILE A 1 27 ? -2.544  6.245   -15.192 1.00 24.27 ? 163  ILE A CG2 1 
ATOM   221  C CD1 . ILE A 1 27 ? -2.862  9.246   -14.964 1.00 22.94 ? 163  ILE A CD1 1 
ATOM   222  N N   . LEU A 1 28 ? -5.567  4.321   -14.504 1.00 23.66 ? 164  LEU A N   1 
ATOM   223  C CA  . LEU A 1 28 ? -5.656  2.950   -14.015 1.00 27.55 ? 164  LEU A CA  1 
ATOM   224  C C   . LEU A 1 28 ? -6.495  2.075   -14.942 1.00 27.40 ? 164  LEU A C   1 
ATOM   225  O O   . LEU A 1 28 ? -6.160  0.915   -15.177 1.00 29.16 ? 164  LEU A O   1 
ATOM   226  C CB  . LEU A 1 28 ? -6.224  2.921   -12.595 1.00 24.30 ? 164  LEU A CB  1 
ATOM   227  C CG  . LEU A 1 28 ? -5.289  3.419   -11.492 1.00 24.93 ? 164  LEU A CG  1 
ATOM   228  C CD1 . LEU A 1 28 ? -6.009  3.481   -10.155 1.00 24.03 ? 164  LEU A CD1 1 
ATOM   229  C CD2 . LEU A 1 28 ? -4.084  2.514   -11.399 1.00 24.09 ? 164  LEU A CD2 1 
ATOM   230  N N   . LEU A 1 29 ? -7.583  2.636   -15.464 1.00 24.11 ? 165  LEU A N   1 
ATOM   231  C CA  . LEU A 1 29 ? -8.451  1.925   -16.403 1.00 27.78 ? 165  LEU A CA  1 
ATOM   232  C C   . LEU A 1 29 ? -7.695  1.459   -17.644 1.00 26.40 ? 165  LEU A C   1 
ATOM   233  O O   . LEU A 1 29 ? -7.960  0.380   -18.171 1.00 25.25 ? 165  LEU A O   1 
ATOM   234  C CB  . LEU A 1 29 ? -9.636  2.804   -16.821 1.00 29.43 ? 165  LEU A CB  1 
ATOM   235  C CG  . LEU A 1 29 ? -10.794 2.941   -15.829 1.00 32.04 ? 165  LEU A CG  1 
ATOM   236  C CD1 . LEU A 1 29 ? -11.658 4.144   -16.169 1.00 24.64 ? 165  LEU A CD1 1 
ATOM   237  C CD2 . LEU A 1 29 ? -11.628 1.676   -15.813 1.00 35.02 ? 165  LEU A CD2 1 
ATOM   238  N N   . SER A 1 30 ? -6.750  2.272   -18.105 1.00 25.57 ? 166  SER A N   1 
ATOM   239  C CA  . SER A 1 30 ? -5.989  1.952   -19.310 1.00 27.91 ? 166  SER A CA  1 
ATOM   240  C C   . SER A 1 30 ? -4.739  1.114   -19.026 1.00 31.02 ? 166  SER A C   1 
ATOM   241  O O   . SER A 1 30 ? -3.953  0.830   -19.932 1.00 32.71 ? 166  SER A O   1 
ATOM   242  C CB  . SER A 1 30 ? -5.617  3.232   -20.061 1.00 25.55 ? 166  SER A CB  1 
ATOM   243  O OG  . SER A 1 30 ? -5.073  4.203   -19.184 1.00 28.57 ? 166  SER A OG  1 
ATOM   244  N N   . HIS A 1 31 ? -4.563  0.717   -17.769 1.00 31.42 ? 167  HIS A N   1 
ATOM   245  C CA  . HIS A 1 31 ? -3.448  -0.139  -17.383 1.00 32.01 ? 167  HIS A CA  1 
ATOM   246  C C   . HIS A 1 31 ? -3.933  -1.309  -16.531 1.00 31.47 ? 167  HIS A C   1 
ATOM   247  O O   . HIS A 1 31 ? -3.219  -1.784  -15.649 1.00 31.83 ? 167  HIS A O   1 
ATOM   248  C CB  . HIS A 1 31 ? -2.391  0.665   -16.622 1.00 33.59 ? 167  HIS A CB  1 
ATOM   249  C CG  . HIS A 1 31 ? -1.679  1.677   -17.464 1.00 30.51 ? 167  HIS A CG  1 
ATOM   250  N ND1 . HIS A 1 31 ? -2.228  2.901   -17.786 1.00 30.17 ? 167  HIS A ND1 1 
ATOM   251  C CD2 . HIS A 1 31 ? -0.460  1.646   -18.053 1.00 30.43 ? 167  HIS A CD2 1 
ATOM   252  C CE1 . HIS A 1 31 ? -1.378  3.578   -18.535 1.00 32.80 ? 167  HIS A CE1 1 
ATOM   253  N NE2 . HIS A 1 31 ? -0.297  2.839   -18.712 1.00 37.96 ? 167  HIS A NE2 1 
ATOM   254  N N   . ALA A 1 32 ? -5.148  -1.771  -16.808 1.00 32.38 ? 168  ALA A N   1 
ATOM   255  C CA  . ALA A 1 32 ? -5.784  -2.815  -16.008 1.00 32.35 ? 168  ALA A CA  1 
ATOM   256  C C   . ALA A 1 32 ? -5.058  -4.160  -16.067 1.00 35.67 ? 168  ALA A C   1 
ATOM   257  O O   . ALA A 1 32 ? -4.955  -4.863  -15.060 1.00 34.44 ? 168  ALA A O   1 
ATOM   258  C CB  . ALA A 1 32 ? -7.241  -2.982  -16.425 1.00 33.94 ? 168  ALA A CB  1 
ATOM   259  N N   . GLN A 1 33 ? -4.551  -4.511  -17.246 1.00 33.55 ? 169  GLN A N   1 
ATOM   260  C CA  . GLN A 1 33 ? -3.947  -5.824  -17.470 1.00 35.57 ? 169  GLN A CA  1 
ATOM   261  C C   . GLN A 1 33 ? -2.700  -6.105  -16.627 1.00 35.81 ? 169  GLN A C   1 
ATOM   262  O O   . GLN A 1 33 ? -2.430  -7.255  -16.280 1.00 42.90 ? 169  GLN A O   1 
ATOM   263  C CB  . GLN A 1 33 ? -3.637  -6.018  -18.952 1.00 37.86 ? 169  GLN A CB  1 
ATOM   264  N N   . ASN A 1 34 ? -1.942  -5.063  -16.301 1.00 36.34 ? 170  ASN A N   1 
ATOM   265  C CA  . ASN A 1 34 ? -0.677  -5.244  -15.591 1.00 35.73 ? 170  ASN A CA  1 
ATOM   266  C C   . ASN A 1 34 ? -0.519  -4.378  -14.347 1.00 29.93 ? 170  ASN A C   1 
ATOM   267  O O   . ASN A 1 34 ? 0.328   -4.652  -13.496 1.00 31.87 ? 170  ASN A O   1 
ATOM   268  C CB  . ASN A 1 34 ? 0.503   -5.001  -16.538 1.00 35.70 ? 170  ASN A CB  1 
ATOM   269  C CG  . ASN A 1 34 ? 0.825   -6.208  -17.392 1.00 43.62 ? 170  ASN A CG  1 
ATOM   270  O OD1 . ASN A 1 34 ? 0.988   -7.316  -16.882 1.00 52.26 ? 170  ASN A OD1 1 
ATOM   271  N ND2 . ASN A 1 34 ? 0.913   -6.001  -18.700 1.00 43.55 ? 170  ASN A ND2 1 
ATOM   272  N N   . GLY A 1 35 ? -1.336  -3.337  -14.238 1.00 26.33 ? 171  GLY A N   1 
ATOM   273  C CA  . GLY A 1 35 ? -1.173  -2.382  -13.162 1.00 28.18 ? 171  GLY A CA  1 
ATOM   274  C C   . GLY A 1 35 ? -0.082  -1.396  -13.524 1.00 30.57 ? 171  GLY A C   1 
ATOM   275  O O   . GLY A 1 35 ? 0.541   -1.512  -14.580 1.00 30.14 ? 171  GLY A O   1 
ATOM   276  N N   . ILE A 1 36 ? 0.166   -0.436  -12.643 1.00 30.44 ? 172  ILE A N   1 
ATOM   277  C CA  . ILE A 1 36 ? 1.051   0.672   -12.968 1.00 24.87 ? 172  ILE A CA  1 
ATOM   278  C C   . ILE A 1 36 ? 1.687   1.244   -11.704 1.00 25.20 ? 172  ILE A C   1 
ATOM   279  O O   . ILE A 1 36 ? 1.053   1.287   -10.650 1.00 24.32 ? 172  ILE A O   1 
ATOM   280  C CB  . ILE A 1 36 ? 0.269   1.765   -13.733 1.00 24.74 ? 172  ILE A CB  1 
ATOM   281  C CG1 . ILE A 1 36 ? 1.154   2.965   -14.057 1.00 22.76 ? 172  ILE A CG1 1 
ATOM   282  C CG2 . ILE A 1 36 ? -0.933  2.215   -12.932 1.00 25.24 ? 172  ILE A CG2 1 
ATOM   283  C CD1 . ILE A 1 36 ? 0.452   4.021   -14.889 1.00 18.78 ? 172  ILE A CD1 1 
ATOM   284  N N   . THR A 1 37 ? 2.943   1.665   -11.805 1.00 23.04 ? 173  THR A N   1 
ATOM   285  C CA  . THR A 1 37 ? 3.658   2.216   -10.656 1.00 23.55 ? 173  THR A CA  1 
ATOM   286  C C   . THR A 1 37 ? 3.430   3.719   -10.514 1.00 29.25 ? 173  THR A C   1 
ATOM   287  O O   . THR A 1 37 ? 2.812   4.347   -11.371 1.00 27.98 ? 173  THR A O   1 
ATOM   288  C CB  . THR A 1 37 ? 5.170   1.948   -10.750 1.00 26.22 ? 173  THR A CB  1 
ATOM   289  O OG1 . THR A 1 37 ? 5.706   2.623   -11.893 1.00 29.94 ? 173  THR A OG1 1 
ATOM   290  C CG2 . THR A 1 37 ? 5.439   0.456   -10.870 1.00 19.10 ? 173  THR A CG2 1 
ATOM   291  N N   . ILE A 1 38 ? 3.941   4.290   -9.428  1.00 27.18 ? 174  ILE A N   1 
ATOM   292  C CA  . ILE A 1 38 ? 3.752   5.710   -9.133  1.00 24.06 ? 174  ILE A CA  1 
ATOM   293  C C   . ILE A 1 38 ? 4.440   6.621   -10.153 1.00 31.32 ? 174  ILE A C   1 
ATOM   294  O O   . ILE A 1 38 ? 3.879   7.640   -10.560 1.00 24.50 ? 174  ILE A O   1 
ATOM   295  C CB  . ILE A 1 38 ? 4.209   6.051   -7.696  1.00 20.58 ? 174  ILE A CB  1 
ATOM   296  C CG1 . ILE A 1 38 ? 3.166   5.560   -6.693  1.00 34.86 ? 174  ILE A CG1 1 
ATOM   297  C CG2 . ILE A 1 38 ? 4.423   7.548   -7.530  1.00 21.89 ? 174  ILE A CG2 1 
ATOM   298  C CD1 . ILE A 1 38 ? 3.670   5.497   -5.267  1.00 26.32 ? 174  ILE A CD1 1 
ATOM   299  N N   . SER A 1 39 ? 5.645   6.242   -10.570 1.00 26.77 ? 175  SER A N   1 
ATOM   300  C CA  . SER A 1 39 ? 6.378   6.980   -11.597 1.00 30.39 ? 175  SER A CA  1 
ATOM   301  C C   . SER A 1 39 ? 5.575   7.094   -12.891 1.00 27.54 ? 175  SER A C   1 
ATOM   302  O O   . SER A 1 39 ? 5.444   8.176   -13.459 1.00 27.51 ? 175  SER A O   1 
ATOM   303  C CB  . SER A 1 39 ? 7.731   6.319   -11.883 1.00 24.68 ? 175  SER A CB  1 
ATOM   304  O OG  . SER A 1 39 ? 8.707   6.707   -10.932 1.00 30.79 ? 175  SER A OG  1 
ATOM   305  N N   . SER A 1 40 ? 5.035   5.968   -13.345 1.00 27.26 ? 176  SER A N   1 
ATOM   306  C CA  . SER A 1 40 ? 4.285   5.937   -14.593 1.00 26.07 ? 176  SER A CA  1 
ATOM   307  C C   . SER A 1 40 ? 2.962   6.690   -14.486 1.00 27.18 ? 176  SER A C   1 
ATOM   308  O O   . SER A 1 40 ? 2.515   7.292   -15.457 1.00 31.70 ? 176  SER A O   1 
ATOM   309  C CB  . SER A 1 40 ? 4.059   4.498   -15.055 1.00 23.47 ? 176  SER A CB  1 
ATOM   310  O OG  . SER A 1 40 ? 5.266   3.916   -15.521 1.00 26.00 ? 176  SER A OG  1 
ATOM   311  N N   . ILE A 1 41 ? 2.343   6.660   -13.307 1.00 26.17 ? 177  ILE A N   1 
ATOM   312  C CA  . ILE A 1 41 ? 1.109   7.411   -13.073 1.00 26.25 ? 177  ILE A CA  1 
ATOM   313  C C   . ILE A 1 41 ? 1.371   8.914   -13.172 1.00 27.31 ? 177  ILE A C   1 
ATOM   314  O O   . ILE A 1 41 ? 0.636   9.631   -13.846 1.00 26.49 ? 177  ILE A O   1 
ATOM   315  C CB  . ILE A 1 41 ? 0.487   7.100   -11.692 1.00 22.00 ? 177  ILE A CB  1 
ATOM   316  C CG1 . ILE A 1 41 ? -0.022  5.659   -11.630 1.00 24.65 ? 177  ILE A CG1 1 
ATOM   317  C CG2 . ILE A 1 41 ? -0.656  8.063   -11.395 1.00 22.57 ? 177  ILE A CG2 1 
ATOM   318  C CD1 . ILE A 1 41 ? -0.554  5.266   -10.263 1.00 23.90 ? 177  ILE A CD1 1 
ATOM   319  N N   . LYS A 1 42 ? 2.420   9.382   -12.499 1.00 23.69 ? 178  LYS A N   1 
ATOM   320  C CA  . LYS A 1 42 ? 2.810   10.787  -12.558 1.00 27.05 ? 178  LYS A CA  1 
ATOM   321  C C   . LYS A 1 42 ? 3.097   11.273  -13.977 1.00 29.65 ? 178  LYS A C   1 
ATOM   322  O O   . LYS A 1 42 ? 2.600   12.320  -14.400 1.00 21.96 ? 178  LYS A O   1 
ATOM   323  C CB  . LYS A 1 42 ? 4.040   11.042  -11.688 1.00 23.93 ? 178  LYS A CB  1 
ATOM   324  C CG  . LYS A 1 42 ? 3.772   11.067  -10.202 1.00 29.94 ? 178  LYS A CG  1 
ATOM   325  C CD  . LYS A 1 42 ? 5.067   11.274  -9.446  1.00 27.00 ? 178  LYS A CD  1 
ATOM   326  C CE  . LYS A 1 42 ? 4.807   11.517  -7.974  1.00 37.46 ? 178  LYS A CE  1 
ATOM   327  N NZ  . LYS A 1 42 ? 6.068   11.526  -7.177  1.00 39.29 ? 178  LYS A NZ  1 
ATOM   328  N N   . SER A 1 43 ? 3.911   10.517  -14.705 1.00 25.31 ? 179  SER A N   1 
ATOM   329  C CA  . SER A 1 43 ? 4.323   10.922  -16.050 1.00 28.89 ? 179  SER A CA  1 
ATOM   330  C C   . SER A 1 43 ? 3.224   10.690  -17.086 1.00 31.39 ? 179  SER A C   1 
ATOM   331  O O   . SER A 1 43 ? 3.254   11.266  -18.174 1.00 31.59 ? 179  SER A O   1 
ATOM   332  C CB  . SER A 1 43 ? 5.602   10.191  -16.470 1.00 28.35 ? 179  SER A CB  1 
ATOM   333  O OG  . SER A 1 43 ? 5.483   9.641   -17.764 1.00 32.67 ? 179  SER A OG  1 
ATOM   334  N N   . GLU A 1 44 ? 2.266   9.829   -16.758 1.00 31.39 ? 180  GLU A N   1 
ATOM   335  C CA  . GLU A 1 44 ? 1.103   9.645   -17.617 1.00 26.84 ? 180  GLU A CA  1 
ATOM   336  C C   . GLU A 1 44 ? 0.129   10.772  -17.335 1.00 30.68 ? 180  GLU A C   1 
ATOM   337  O O   . GLU A 1 44 ? -0.589  11.215  -18.227 1.00 28.63 ? 180  GLU A O   1 
ATOM   338  C CB  . GLU A 1 44 ? 0.425   8.296   -17.366 1.00 27.35 ? 180  GLU A CB  1 
ATOM   339  C CG  . GLU A 1 44 ? -0.577  7.889   -18.436 1.00 36.57 ? 180  GLU A CG  1 
ATOM   340  C CD  . GLU A 1 44 ? 0.092   7.291   -19.663 1.00 41.85 ? 180  GLU A CD  1 
ATOM   341  O OE1 . GLU A 1 44 ? 1.339   7.306   -19.722 1.00 38.69 ? 180  GLU A OE1 1 
ATOM   342  O OE2 . GLU A 1 44 ? -0.622  6.800   -20.566 1.00 49.80 ? 180  GLU A OE2 1 
ATOM   343  N N   . TYR A 1 45 ? 0.119   11.236  -16.088 1.00 26.87 ? 181  TYR A N   1 
ATOM   344  C CA  . TYR A 1 45 ? -0.757  12.324  -15.670 1.00 25.84 ? 181  TYR A CA  1 
ATOM   345  C C   . TYR A 1 45 ? -0.336  13.622  -16.342 1.00 26.53 ? 181  TYR A C   1 
ATOM   346  O O   . TYR A 1 45 ? -1.176  14.431  -16.742 1.00 26.74 ? 181  TYR A O   1 
ATOM   347  C CB  . TYR A 1 45 ? -0.710  12.483  -14.148 1.00 21.87 ? 181  TYR A CB  1 
ATOM   348  C CG  . TYR A 1 45 ? -1.630  13.551  -13.608 1.00 23.16 ? 181  TYR A CG  1 
ATOM   349  C CD1 . TYR A 1 45 ? -2.945  13.258  -13.276 1.00 23.47 ? 181  TYR A CD1 1 
ATOM   350  C CD2 . TYR A 1 45 ? -1.181  14.851  -13.419 1.00 25.20 ? 181  TYR A CD2 1 
ATOM   351  C CE1 . TYR A 1 45 ? -3.790  14.230  -12.778 1.00 28.51 ? 181  TYR A CE1 1 
ATOM   352  C CE2 . TYR A 1 45 ? -2.017  15.830  -12.924 1.00 25.55 ? 181  TYR A CE2 1 
ATOM   353  C CZ  . TYR A 1 45 ? -3.320  15.517  -12.606 1.00 30.27 ? 181  TYR A CZ  1 
ATOM   354  O OH  . TYR A 1 45 ? -4.158  16.490  -12.110 1.00 35.19 ? 181  TYR A OH  1 
ATOM   355  N N   . ARG A 1 46 ? 0.974   13.815  -16.451 1.00 25.99 ? 182  ARG A N   1 
ATOM   356  C CA  . ARG A 1 46 ? 1.528   14.983  -17.119 1.00 28.62 ? 182  ARG A CA  1 
ATOM   357  C C   . ARG A 1 46 ? 1.130   14.983  -18.588 1.00 29.21 ? 182  ARG A C   1 
ATOM   358  O O   . ARG A 1 46 ? 0.819   16.026  -19.157 1.00 30.64 ? 182  ARG A O   1 
ATOM   359  C CB  . ARG A 1 46 ? 3.054   15.004  -16.987 1.00 24.64 ? 182  ARG A CB  1 
ATOM   360  C CG  . ARG A 1 46 ? 3.736   16.027  -17.879 1.00 19.75 ? 182  ARG A CG  1 
ATOM   361  C CD  . ARG A 1 46 ? 3.399   17.448  -17.468 1.00 25.60 ? 182  ARG A CD  1 
ATOM   362  N NE  . ARG A 1 46 ? 4.386   17.992  -16.540 1.00 26.81 ? 182  ARG A NE  1 
ATOM   363  C CZ  . ARG A 1 46 ? 4.430   19.264  -16.158 1.00 28.46 ? 182  ARG A CZ  1 
ATOM   364  N NH1 . ARG A 1 46 ? 3.537   20.129  -16.620 1.00 31.25 ? 182  ARG A NH1 1 
ATOM   365  N NH2 . ARG A 1 46 ? 5.365   19.673  -15.314 1.00 27.78 ? 182  ARG A NH2 1 
ATOM   366  N N   . LYS A 1 47 ? 1.129   13.800  -19.192 1.00 28.30 ? 183  LYS A N   1 
ATOM   367  C CA  . LYS A 1 47 ? 0.783   13.649  -20.600 1.00 27.98 ? 183  LYS A CA  1 
ATOM   368  C C   . LYS A 1 47 ? -0.665  14.055  -20.873 1.00 29.60 ? 183  LYS A C   1 
ATOM   369  O O   . LYS A 1 47 ? -0.958  14.733  -21.862 1.00 30.84 ? 183  LYS A O   1 
ATOM   370  C CB  . LYS A 1 47 ? 1.016   12.200  -21.038 1.00 29.96 ? 183  LYS A CB  1 
ATOM   371  C CG  . LYS A 1 47 ? 0.637   11.901  -22.480 1.00 39.63 ? 183  LYS A CG  1 
ATOM   372  C CD  . LYS A 1 47 ? 0.738   10.411  -22.774 1.00 36.09 ? 183  LYS A CD  1 
ATOM   373  C CE  . LYS A 1 47 ? 2.158   9.899   -22.568 1.00 44.21 ? 183  LYS A CE  1 
ATOM   374  N NZ  . LYS A 1 47 ? 2.266   8.437   -22.847 1.00 51.51 ? 183  LYS A NZ  1 
ATOM   375  N N   . LEU A 1 48 ? -1.559  13.651  -19.976 1.00 31.32 ? 184  LEU A N   1 
ATOM   376  C CA  . LEU A 1 48 ? -2.998  13.804  -20.172 1.00 30.74 ? 184  LEU A CA  1 
ATOM   377  C C   . LEU A 1 48 ? -3.533  15.177  -19.764 1.00 27.57 ? 184  LEU A C   1 
ATOM   378  O O   . LEU A 1 48 ? -4.461  15.696  -20.384 1.00 28.42 ? 184  LEU A O   1 
ATOM   379  C CB  . LEU A 1 48 ? -3.750  12.703  -19.414 1.00 23.07 ? 184  LEU A CB  1 
ATOM   380  C CG  . LEU A 1 48 ? -4.035  11.382  -20.143 1.00 41.24 ? 184  LEU A CG  1 
ATOM   381  C CD1 . LEU A 1 48 ? -5.142  11.555  -21.172 1.00 41.41 ? 184  LEU A CD1 1 
ATOM   382  C CD2 . LEU A 1 48 ? -2.786  10.806  -20.799 1.00 45.44 ? 184  LEU A CD2 1 
ATOM   383  N N   . THR A 1 49 ? -2.950  15.761  -18.723 1.00 24.16 ? 185  THR A N   1 
ATOM   384  C CA  . THR A 1 49 ? -3.475  17.004  -18.164 1.00 23.74 ? 185  THR A CA  1 
ATOM   385  C C   . THR A 1 49 ? -2.582  18.204  -18.456 1.00 27.09 ? 185  THR A C   1 
ATOM   386  O O   . THR A 1 49 ? -3.032  19.346  -18.391 1.00 26.64 ? 185  THR A O   1 
ATOM   387  C CB  . THR A 1 49 ? -3.668  16.901  -16.637 1.00 24.10 ? 185  THR A CB  1 
ATOM   388  O OG1 . THR A 1 49 ? -2.388  16.883  -15.992 1.00 25.31 ? 185  THR A OG1 1 
ATOM   389  C CG2 . THR A 1 49 ? -4.441  15.642  -16.277 1.00 22.08 ? 185  THR A CG2 1 
ATOM   390  N N   . GLY A 1 50 ? -1.317  17.942  -18.768 1.00 31.35 ? 186  GLY A N   1 
ATOM   391  C CA  . GLY A 1 50 ? -0.364  19.002  -19.040 1.00 27.65 ? 186  GLY A CA  1 
ATOM   392  C C   . GLY A 1 50 ? 0.315   19.502  -17.781 1.00 29.10 ? 186  GLY A C   1 
ATOM   393  O O   . GLY A 1 50 ? 1.307   20.226  -17.844 1.00 30.05 ? 186  GLY A O   1 
ATOM   394  N N   . ASN A 1 51 ? -0.226  19.104  -16.635 1.00 29.22 ? 187  ASN A N   1 
ATOM   395  C CA  . ASN A 1 51 ? 0.279   19.546  -15.339 1.00 28.11 ? 187  ASN A CA  1 
ATOM   396  C C   . ASN A 1 51 ? 1.081   18.464  -14.632 1.00 28.85 ? 187  ASN A C   1 
ATOM   397  O O   . ASN A 1 51 ? 0.893   17.276  -14.893 1.00 26.43 ? 187  ASN A O   1 
ATOM   398  C CB  . ASN A 1 51 ? -0.883  19.976  -14.445 1.00 27.59 ? 187  ASN A CB  1 
ATOM   399  C CG  . ASN A 1 51 ? -1.606  21.194  -14.977 1.00 31.41 ? 187  ASN A CG  1 
ATOM   400  O OD1 . ASN A 1 51 ? -0.982  22.126  -15.485 1.00 33.34 ? 187  ASN A OD1 1 
ATOM   401  N ND2 . ASN A 1 51 ? -2.927  21.194  -14.862 1.00 25.90 ? 187  ASN A ND2 1 
ATOM   402  N N   . PRO A 1 52 ? 1.985   18.870  -13.730 1.00 27.17 ? 188  PRO A N   1 
ATOM   403  C CA  . PRO A 1 52 ? 2.669   17.879  -12.900 1.00 30.40 ? 188  PRO A CA  1 
ATOM   404  C C   . PRO A 1 52 ? 1.737   17.379  -11.806 1.00 28.20 ? 188  PRO A C   1 
ATOM   405  O O   . PRO A 1 52 ? 0.904   18.141  -11.311 1.00 23.82 ? 188  PRO A O   1 
ATOM   406  C CB  . PRO A 1 52 ? 3.824   18.675  -12.294 1.00 25.40 ? 188  PRO A CB  1 
ATOM   407  C CG  . PRO A 1 52 ? 3.319   20.075  -12.248 1.00 27.32 ? 188  PRO A CG  1 
ATOM   408  C CD  . PRO A 1 52 ? 2.472   20.238  -13.476 1.00 29.66 ? 188  PRO A CD  1 
ATOM   409  N N   . PHE A 1 53 ? 1.872   16.107  -11.448 1.00 21.87 ? 189  PHE A N   1 
ATOM   410  C CA  . PHE A 1 53 ? 1.070   15.522  -10.381 1.00 25.69 ? 189  PHE A CA  1 
ATOM   411  C C   . PHE A 1 53 ? 1.290   16.316  -9.094  1.00 24.82 ? 189  PHE A C   1 
ATOM   412  O O   . PHE A 1 53 ? 2.426   16.497  -8.658  1.00 26.56 ? 189  PHE A O   1 
ATOM   413  C CB  . PHE A 1 53 ? 1.438   14.051  -10.192 1.00 25.11 ? 189  PHE A CB  1 
ATOM   414  C CG  . PHE A 1 53 ? 0.355   13.231  -9.554  1.00 29.10 ? 189  PHE A CG  1 
ATOM   415  C CD1 . PHE A 1 53 ? -0.811  12.942  -10.243 1.00 25.99 ? 189  PHE A CD1 1 
ATOM   416  C CD2 . PHE A 1 53 ? 0.508   12.736  -8.274  1.00 29.69 ? 189  PHE A CD2 1 
ATOM   417  C CE1 . PHE A 1 53 ? -1.809  12.184  -9.662  1.00 25.38 ? 189  PHE A CE1 1 
ATOM   418  C CE2 . PHE A 1 53 ? -0.485  11.976  -7.688  1.00 26.15 ? 189  PHE A CE2 1 
ATOM   419  C CZ  . PHE A 1 53 ? -1.645  11.699  -8.383  1.00 26.17 ? 189  PHE A CZ  1 
ATOM   420  N N   . PRO A 1 54 ? 0.198   16.811  -8.493  1.00 23.11 ? 190  PRO A N   1 
ATOM   421  C CA  . PRO A 1 54 ? 0.281   17.765  -7.380  1.00 29.67 ? 190  PRO A CA  1 
ATOM   422  C C   . PRO A 1 54 ? 0.754   17.179  -6.051  1.00 31.39 ? 190  PRO A C   1 
ATOM   423  O O   . PRO A 1 54 ? 1.073   17.945  -5.142  1.00 29.77 ? 190  PRO A O   1 
ATOM   424  C CB  . PRO A 1 54 ? -1.158  18.267  -7.245  1.00 27.21 ? 190  PRO A CB  1 
ATOM   425  C CG  . PRO A 1 54 ? -1.988  17.159  -7.771  1.00 26.92 ? 190  PRO A CG  1 
ATOM   426  C CD  . PRO A 1 54 ? -1.196  16.555  -8.894  1.00 26.34 ? 190  PRO A CD  1 
ATOM   427  N N   . LEU A 1 55 ? 0.793   15.859  -5.925  1.00 26.63 ? 191  LEU A N   1 
ATOM   428  C CA  . LEU A 1 55 ? 1.274   15.250  -4.691  1.00 32.78 ? 191  LEU A CA  1 
ATOM   429  C C   . LEU A 1 55 ? 2.665   14.659  -4.880  1.00 33.00 ? 191  LEU A C   1 
ATOM   430  O O   . LEU A 1 55 ? 2.926   13.958  -5.860  1.00 40.43 ? 191  LEU A O   1 
ATOM   431  C CB  . LEU A 1 55 ? 0.289   14.201  -4.178  1.00 28.29 ? 191  LEU A CB  1 
ATOM   432  C CG  . LEU A 1 55 ? -1.065  14.799  -3.793  1.00 32.29 ? 191  LEU A CG  1 
ATOM   433  C CD1 . LEU A 1 55 ? -2.168  14.133  -4.582  1.00 29.66 ? 191  LEU A CD1 1 
ATOM   434  C CD2 . LEU A 1 55 ? -1.319  14.684  -2.303  1.00 27.84 ? 191  LEU A CD2 1 
ATOM   435  N N   . HIS A 1 56 ? 3.555   14.950  -3.935  1.00 35.43 ? 192  HIS A N   1 
ATOM   436  C CA  . HIS A 1 56 ? 4.970   14.628  -4.089  1.00 38.95 ? 192  HIS A CA  1 
ATOM   437  C C   . HIS A 1 56 ? 5.468   13.563  -3.111  1.00 42.89 ? 192  HIS A C   1 
ATOM   438  O O   . HIS A 1 56 ? 6.311   12.740  -3.466  1.00 44.54 ? 192  HIS A O   1 
ATOM   439  C CB  . HIS A 1 56 ? 5.815   15.900  -3.978  1.00 40.49 ? 192  HIS A CB  1 
ATOM   440  C CG  . HIS A 1 56 ? 5.513   16.916  -5.034  1.00 40.21 ? 192  HIS A CG  1 
ATOM   441  N ND1 . HIS A 1 56 ? 6.232   17.009  -6.208  1.00 50.25 ? 192  HIS A ND1 1 
ATOM   442  C CD2 . HIS A 1 56 ? 4.564   17.879  -5.100  1.00 41.70 ? 192  HIS A CD2 1 
ATOM   443  C CE1 . HIS A 1 56 ? 5.742   17.986  -6.947  1.00 41.87 ? 192  HIS A CE1 1 
ATOM   444  N NE2 . HIS A 1 56 ? 4.729   18.532  -6.297  1.00 46.31 ? 192  HIS A NE2 1 
ATOM   445  N N   . ASP A 1 57 ? 4.961   13.585  -1.883  1.00 39.82 ? 193  ASP A N   1 
ATOM   446  C CA  . ASP A 1 57 ? 5.337   12.572  -0.899  1.00 49.03 ? 193  ASP A CA  1 
ATOM   447  C C   . ASP A 1 57 ? 4.128   11.807  -0.365  1.00 41.59 ? 193  ASP A C   1 
ATOM   448  O O   . ASP A 1 57 ? 3.053   12.377  -0.181  1.00 42.35 ? 193  ASP A O   1 
ATOM   449  C CB  . ASP A 1 57 ? 6.139   13.193  0.251   1.00 51.77 ? 193  ASP A CB  1 
ATOM   450  C CG  . ASP A 1 57 ? 5.398   14.319  0.938   1.00 49.38 ? 193  ASP A CG  1 
ATOM   451  O OD1 . ASP A 1 57 ? 4.617   14.037  1.870   1.00 49.67 ? 193  ASP A OD1 1 
ATOM   452  O OD2 . ASP A 1 57 ? 5.603   15.488  0.550   1.00 55.70 ? 193  ASP A OD2 1 
ATOM   453  N N   . ASN A 1 58 ? 4.325   10.514  -0.121  1.00 40.48 ? 194  ASN A N   1 
ATOM   454  C CA  . ASN A 1 58 ? 3.262   9.616   0.327   1.00 38.03 ? 194  ASN A CA  1 
ATOM   455  C C   . ASN A 1 58 ? 2.078   9.599   -0.641  1.00 31.93 ? 194  ASN A C   1 
ATOM   456  O O   . ASN A 1 58 ? 0.928   9.765   -0.233  1.00 28.02 ? 194  ASN A O   1 
ATOM   457  C CB  . ASN A 1 58 ? 2.802   9.965   1.750   1.00 41.18 ? 194  ASN A CB  1 
ATOM   458  C CG  . ASN A 1 58 ? 2.176   8.783   2.466   1.00 40.91 ? 194  ASN A CG  1 
ATOM   459  O OD1 . ASN A 1 58 ? 1.804   7.792   1.838   1.00 41.17 ? 194  ASN A OD1 1 
ATOM   460  N ND2 . ASN A 1 58 ? 2.059   8.881   3.785   1.00 48.48 ? 194  ASN A ND2 1 
ATOM   461  N N   . VAL A 1 59 ? 2.376   9.403   -1.923  1.00 33.17 ? 195  VAL A N   1 
ATOM   462  C CA  . VAL A 1 59 ? 1.352   9.322   -2.962  1.00 28.70 ? 195  VAL A CA  1 
ATOM   463  C C   . VAL A 1 59 ? 0.469   8.094   -2.750  1.00 26.09 ? 195  VAL A C   1 
ATOM   464  O O   . VAL A 1 59 ? -0.729  8.121   -3.040  1.00 23.65 ? 195  VAL A O   1 
ATOM   465  C CB  . VAL A 1 59 ? 1.991   9.277   -4.371  1.00 27.76 ? 195  VAL A CB  1 
ATOM   466  C CG1 . VAL A 1 59 ? 0.931   9.092   -5.450  1.00 25.41 ? 195  VAL A CG1 1 
ATOM   467  C CG2 . VAL A 1 59 ? 2.797   10.542  -4.627  1.00 28.91 ? 195  VAL A CG2 1 
ATOM   468  N N   . THR A 1 60 ? 1.069   7.028   -2.227  1.00 26.90 ? 196  THR A N   1 
ATOM   469  C CA  . THR A 1 60 ? 0.356   5.790   -1.929  1.00 21.15 ? 196  THR A CA  1 
ATOM   470  C C   . THR A 1 60 ? -0.893  6.049   -1.093  1.00 23.05 ? 196  THR A C   1 
ATOM   471  O O   . THR A 1 60 ? -1.980  5.565   -1.421  1.00 23.68 ? 196  THR A O   1 
ATOM   472  C CB  . THR A 1 60 ? 1.263   4.797   -1.173  1.00 24.81 ? 196  THR A CB  1 
ATOM   473  O OG1 . THR A 1 60 ? 2.437   4.528   -1.951  1.00 28.65 ? 196  THR A OG1 1 
ATOM   474  C CG2 . THR A 1 60 ? 0.526   3.496   -0.901  1.00 19.48 ? 196  THR A CG2 1 
ATOM   475  N N   . ASP A 1 61 ? -0.730  6.826   -0.025  1.00 23.45 ? 197  ASP A N   1 
ATOM   476  C CA  . ASP A 1 61 ? -1.836  7.169   0.862   1.00 24.70 ? 197  ASP A CA  1 
ATOM   477  C C   . ASP A 1 61 ? -2.934  7.921   0.126   1.00 25.87 ? 197  ASP A C   1 
ATOM   478  O O   . ASP A 1 61 ? -4.112  7.618   0.293   1.00 26.93 ? 197  ASP A O   1 
ATOM   479  C CB  . ASP A 1 61 ? -1.345  7.991   2.056   1.00 23.47 ? 197  ASP A CB  1 
ATOM   480  C CG  . ASP A 1 61 ? -2.477  8.457   2.953   1.00 26.73 ? 197  ASP A CG  1 
ATOM   481  O OD1 . ASP A 1 61 ? -3.071  7.610   3.651   1.00 28.36 ? 197  ASP A OD1 1 
ATOM   482  O OD2 . ASP A 1 61 ? -2.765  9.673   2.965   1.00 30.07 ? 197  ASP A OD2 1 
ATOM   483  N N   . PHE A 1 62 ? -2.550  8.897   -0.689  1.00 24.80 ? 198  PHE A N   1 
ATOM   484  C CA  . PHE A 1 62 ? -3.536  9.646   -1.458  1.00 25.33 ? 198  PHE A CA  1 
ATOM   485  C C   . PHE A 1 62 ? -4.276  8.755   -2.450  1.00 25.13 ? 198  PHE A C   1 
ATOM   486  O O   . PHE A 1 62 ? -5.502  8.798   -2.536  1.00 28.41 ? 198  PHE A O   1 
ATOM   487  C CB  . PHE A 1 62 ? -2.901  10.816  -2.207  1.00 27.60 ? 198  PHE A CB  1 
ATOM   488  C CG  . PHE A 1 62 ? -3.847  11.502  -3.150  1.00 25.46 ? 198  PHE A CG  1 
ATOM   489  C CD1 . PHE A 1 62 ? -4.710  12.479  -2.690  1.00 29.19 ? 198  PHE A CD1 1 
ATOM   490  C CD2 . PHE A 1 62 ? -3.885  11.159  -4.493  1.00 25.34 ? 198  PHE A CD2 1 
ATOM   491  C CE1 . PHE A 1 62 ? -5.586  13.109  -3.549  1.00 27.27 ? 198  PHE A CE1 1 
ATOM   492  C CE2 . PHE A 1 62 ? -4.759  11.784  -5.358  1.00 26.34 ? 198  PHE A CE2 1 
ATOM   493  C CZ  . PHE A 1 62 ? -5.612  12.760  -4.886  1.00 27.06 ? 198  PHE A CZ  1 
ATOM   494  N N   . LEU A 1 63 ? -3.519  7.967   -3.208  1.00 20.92 ? 199  LEU A N   1 
ATOM   495  C CA  . LEU A 1 63 ? -4.091  7.061   -4.196  1.00 21.27 ? 199  LEU A CA  1 
ATOM   496  C C   . LEU A 1 63 ? -5.110  6.127   -3.555  1.00 25.73 ? 199  LEU A C   1 
ATOM   497  O O   . LEU A 1 63 ? -6.122  5.776   -4.162  1.00 26.92 ? 199  LEU A O   1 
ATOM   498  C CB  . LEU A 1 63 ? -2.991  6.245   -4.876  1.00 21.16 ? 199  LEU A CB  1 
ATOM   499  C CG  . LEU A 1 63 ? -2.035  6.996   -5.800  1.00 21.07 ? 199  LEU A CG  1 
ATOM   500  C CD1 . LEU A 1 63 ? -0.978  6.056   -6.372  1.00 15.90 ? 199  LEU A CD1 1 
ATOM   501  C CD2 . LEU A 1 63 ? -2.804  7.696   -6.913  1.00 17.32 ? 199  LEU A CD2 1 
ATOM   502  N N   . LEU A 1 64 ? -4.839  5.743   -2.312  1.00 23.67 ? 200  LEU A N   1 
ATOM   503  C CA  . LEU A 1 64 ? -5.687  4.805   -1.584  1.00 23.93 ? 200  LEU A CA  1 
ATOM   504  C C   . LEU A 1 64 ? -6.810  5.487   -0.798  1.00 26.67 ? 200  LEU A C   1 
ATOM   505  O O   . LEU A 1 64 ? -7.436  4.865   0.060   1.00 23.00 ? 200  LEU A O   1 
ATOM   506  C CB  . LEU A 1 64 ? -4.835  3.932   -0.657  1.00 22.82 ? 200  LEU A CB  1 
ATOM   507  C CG  . LEU A 1 64 ? -3.989  2.868   -1.358  1.00 22.62 ? 200  LEU A CG  1 
ATOM   508  C CD1 . LEU A 1 64 ? -2.992  2.242   -0.401  1.00 22.23 ? 200  LEU A CD1 1 
ATOM   509  C CD2 . LEU A 1 64 ? -4.888  1.803   -1.949  1.00 23.39 ? 200  LEU A CD2 1 
ATOM   510  N N   . THR A 1 65 ? -7.059  6.763   -1.086  1.00 24.80 ? 201  THR A N   1 
ATOM   511  C CA  . THR A 1 65 ? -8.246  7.437   -0.560  1.00 24.62 ? 201  THR A CA  1 
ATOM   512  C C   . THR A 1 65 ? -9.296  7.524   -1.655  1.00 26.72 ? 201  THR A C   1 
ATOM   513  O O   . THR A 1 65 ? -10.403 8.022   -1.439  1.00 31.06 ? 201  THR A O   1 
ATOM   514  C CB  . THR A 1 65 ? -7.957  8.855   -0.028  1.00 24.68 ? 201  THR A CB  1 
ATOM   515  O OG1 . THR A 1 65 ? -7.550  9.708   -1.105  1.00 27.93 ? 201  THR A OG1 1 
ATOM   516  C CG2 . THR A 1 65 ? -6.878  8.823   1.043   1.00 22.43 ? 201  THR A CG2 1 
ATOM   517  N N   . ILE A 1 66 ? -8.926  7.044   -2.837  1.00 22.33 ? 202  ILE A N   1 
ATOM   518  C CA  . ILE A 1 66 ? -9.843  6.943   -3.959  1.00 27.27 ? 202  ILE A CA  1 
ATOM   519  C C   . ILE A 1 66 ? -10.486 5.561   -3.950  1.00 22.62 ? 202  ILE A C   1 
ATOM   520  O O   . ILE A 1 66 ? -9.788  4.552   -4.036  1.00 24.63 ? 202  ILE A O   1 
ATOM   521  C CB  . ILE A 1 66 ? -9.107  7.160   -5.295  1.00 25.22 ? 202  ILE A CB  1 
ATOM   522  C CG1 . ILE A 1 66 ? -8.477  8.555   -5.344  1.00 25.98 ? 202  ILE A CG1 1 
ATOM   523  C CG2 . ILE A 1 66 ? -10.049 6.950   -6.470  1.00 26.62 ? 202  ILE A CG2 1 
ATOM   524  C CD1 . ILE A 1 66 ? -7.620  8.793   -6.570  1.00 22.27 ? 202  ILE A CD1 1 
ATOM   525  N N   . PRO A 1 67 ? -11.824 5.513   -3.835  1.00 25.28 ? 203  PRO A N   1 
ATOM   526  C CA  . PRO A 1 67 ? -12.570 4.251   -3.765  1.00 25.24 ? 203  PRO A CA  1 
ATOM   527  C C   . PRO A 1 67 ? -12.220 3.309   -4.915  1.00 25.52 ? 203  PRO A C   1 
ATOM   528  O O   . PRO A 1 67 ? -12.071 3.770   -6.048  1.00 26.99 ? 203  PRO A O   1 
ATOM   529  C CB  . PRO A 1 67 ? -14.029 4.703   -3.874  1.00 33.51 ? 203  PRO A CB  1 
ATOM   530  C CG  . PRO A 1 67 ? -14.029 6.099   -3.353  1.00 27.21 ? 203  PRO A CG  1 
ATOM   531  C CD  . PRO A 1 67 ? -12.711 6.687   -3.770  1.00 25.65 ? 203  PRO A CD  1 
ATOM   532  N N   . ASN A 1 68 ? -12.068 2.022   -4.596  1.00 30.66 ? 204  ASN A N   1 
ATOM   533  C CA  . ASN A 1 68 ? -11.779 0.947   -5.560  1.00 32.08 ? 204  ASN A CA  1 
ATOM   534  C C   . ASN A 1 68 ? -10.314 0.810   -5.999  1.00 28.37 ? 204  ASN A C   1 
ATOM   535  O O   . ASN A 1 68 ? -9.969  -0.139  -6.701  1.00 33.68 ? 204  ASN A O   1 
ATOM   536  C CB  . ASN A 1 68 ? -12.702 1.018   -6.788  1.00 29.69 ? 204  ASN A CB  1 
ATOM   537  C CG  . ASN A 1 68 ? -14.171 0.996   -6.419  1.00 33.88 ? 204  ASN A CG  1 
ATOM   538  O OD1 . ASN A 1 68 ? -14.930 1.886   -6.800  1.00 41.33 ? 204  ASN A OD1 1 
ATOM   539  N ND2 . ASN A 1 68 ? -14.580 -0.024  -5.673  1.00 39.29 ? 204  ASN A ND2 1 
ATOM   540  N N   . VAL A 1 69 ? -9.461  1.742   -5.587  1.00 23.61 ? 205  VAL A N   1 
ATOM   541  C CA  . VAL A 1 69 ? -8.038  1.660   -5.907  1.00 23.34 ? 205  VAL A CA  1 
ATOM   542  C C   . VAL A 1 69 ? -7.322  0.619   -5.047  1.00 26.80 ? 205  VAL A C   1 
ATOM   543  O O   . VAL A 1 69 ? -7.463  0.608   -3.823  1.00 25.64 ? 205  VAL A O   1 
ATOM   544  C CB  . VAL A 1 69 ? -7.338  3.026   -5.743  1.00 23.99 ? 205  VAL A CB  1 
ATOM   545  C CG1 . VAL A 1 69 ? -5.828  2.880   -5.886  1.00 19.28 ? 205  VAL A CG1 1 
ATOM   546  C CG2 . VAL A 1 69 ? -7.885  4.027   -6.751  1.00 22.72 ? 205  VAL A CG2 1 
ATOM   547  N N   . THR A 1 70 ? -6.557  -0.255  -5.696  1.00 28.48 ? 206  THR A N   1 
ATOM   548  C CA  . THR A 1 70 ? -5.791  -1.280  -4.998  1.00 26.53 ? 206  THR A CA  1 
ATOM   549  C C   . THR A 1 70 ? -4.296  -1.029  -5.128  1.00 25.28 ? 206  THR A C   1 
ATOM   550  O O   . THR A 1 70 ? -3.838  -0.413  -6.090  1.00 23.99 ? 206  THR A O   1 
ATOM   551  C CB  . THR A 1 70 ? -6.095  -2.685  -5.547  1.00 24.99 ? 206  THR A CB  1 
ATOM   552  O OG1 . THR A 1 70 ? -5.645  -2.777  -6.905  1.00 33.32 ? 206  THR A OG1 1 
ATOM   553  C CG2 . THR A 1 70 ? -7.582  -2.967  -5.492  1.00 29.29 ? 206  THR A CG2 1 
ATOM   554  N N   . ALA A 1 71 ? -3.542  -1.506  -4.147  1.00 23.51 ? 207  ALA A N   1 
ATOM   555  C CA  . ALA A 1 71 ? -2.090  -1.445  -4.201  1.00 23.16 ? 207  ALA A CA  1 
ATOM   556  C C   . ALA A 1 71 ? -1.521  -2.765  -3.710  1.00 28.35 ? 207  ALA A C   1 
ATOM   557  O O   . ALA A 1 71 ? -1.977  -3.302  -2.701  1.00 26.90 ? 207  ALA A O   1 
ATOM   558  C CB  . ALA A 1 71 ? -1.570  -0.297  -3.359  1.00 23.95 ? 207  ALA A CB  1 
ATOM   559  N N   . GLU A 1 72 ? -0.533  -3.290  -4.423  1.00 27.89 ? 208  GLU A N   1 
ATOM   560  C CA  . GLU A 1 72 ? 0.076   -4.555  -4.045  1.00 30.99 ? 208  GLU A CA  1 
ATOM   561  C C   . GLU A 1 72 ? 1.590   -4.444  -4.103  1.00 30.97 ? 208  GLU A C   1 
ATOM   562  O O   . GLU A 1 72 ? 2.140   -3.768  -4.971  1.00 28.17 ? 208  GLU A O   1 
ATOM   563  C CB  . GLU A 1 72 ? -0.408  -5.683  -4.959  1.00 31.24 ? 208  GLU A CB  1 
ATOM   564  C CG  . GLU A 1 72 ? -0.019  -5.519  -6.420  1.00 41.63 ? 208  GLU A CG  1 
ATOM   565  C CD  . GLU A 1 72 ? -0.531  -6.649  -7.294  1.00 53.92 ? 208  GLU A CD  1 
ATOM   566  O OE1 . GLU A 1 72 ? -0.062  -7.795  -7.127  1.00 54.69 ? 208  GLU A OE1 1 
ATOM   567  O OE2 . GLU A 1 72 ? -1.396  -6.386  -8.157  1.00 56.47 ? 208  GLU A OE2 1 
ATOM   568  N N   . CYS A 1 73 ? 2.262   -5.090  -3.160  1.00 29.83 ? 209  CYS A N   1 
ATOM   569  C CA  . CYS A 1 73 ? 3.711   -5.164  -3.197  1.00 26.61 ? 209  CYS A CA  1 
ATOM   570  C C   . CYS A 1 73 ? 4.092   -6.411  -3.973  1.00 28.00 ? 209  CYS A C   1 
ATOM   571  O O   . CYS A 1 73 ? 3.733   -7.524  -3.585  1.00 30.65 ? 209  CYS A O   1 
ATOM   572  C CB  . CYS A 1 73 ? 4.286   -5.219  -1.785  1.00 26.74 ? 209  CYS A CB  1 
ATOM   573  S SG  . CYS A 1 73 ? 6.093   -5.320  -1.730  1.00 29.14 ? 209  CYS A SG  1 
ATOM   574  N N   . SER A 1 74 ? 4.794   -6.227  -5.084  1.00 28.32 ? 210  SER A N   1 
ATOM   575  C CA  . SER A 1 74 ? 5.224   -7.359  -5.890  1.00 32.77 ? 210  SER A CA  1 
ATOM   576  C C   . SER A 1 74 ? 6.376   -8.064  -5.193  1.00 32.18 ? 210  SER A C   1 
ATOM   577  O O   . SER A 1 74 ? 6.895   -7.577  -4.189  1.00 33.97 ? 210  SER A O   1 
ATOM   578  C CB  . SER A 1 74 ? 5.648   -6.910  -7.289  1.00 32.79 ? 210  SER A CB  1 
ATOM   579  O OG  . SER A 1 74 ? 6.936   -6.324  -7.268  1.00 37.92 ? 210  SER A OG  1 
ATOM   580  N N   . GLU A 1 75 ? 6.778   -9.208  -5.732  1.00 35.20 ? 211  GLU A N   1 
ATOM   581  C CA  . GLU A 1 75 ? 7.864   -9.987  -5.153  1.00 44.24 ? 211  GLU A CA  1 
ATOM   582  C C   . GLU A 1 75 ? 9.189   -9.234  -5.228  1.00 42.75 ? 211  GLU A C   1 
ATOM   583  O O   . GLU A 1 75 ? 10.088  -9.460  -4.418  1.00 43.30 ? 211  GLU A O   1 
ATOM   584  C CB  . GLU A 1 75 ? 7.987   -11.335 -5.866  1.00 52.10 ? 211  GLU A CB  1 
ATOM   585  C CG  . GLU A 1 75 ? 6.661   -12.058 -6.059  1.00 47.47 ? 211  GLU A CG  1 
ATOM   586  C CD  . GLU A 1 75 ? 6.479   -13.222 -5.106  1.00 52.33 ? 211  GLU A CD  1 
ATOM   587  O OE1 . GLU A 1 75 ? 7.350   -13.424 -4.233  1.00 54.57 ? 211  GLU A OE1 1 
ATOM   588  O OE2 . GLU A 1 75 ? 5.465   -13.941 -5.230  1.00 55.72 ? 211  GLU A OE2 1 
ATOM   589  N N   . SER A 1 76 ? 9.305   -8.337  -6.201  1.00 34.00 ? 212  SER A N   1 
ATOM   590  C CA  . SER A 1 76 ? 10.516  -7.542  -6.364  1.00 40.74 ? 212  SER A CA  1 
ATOM   591  C C   . SER A 1 76 ? 10.569  -6.395  -5.363  1.00 36.88 ? 212  SER A C   1 
ATOM   592  O O   . SER A 1 76 ? 11.636  -5.851  -5.085  1.00 38.07 ? 212  SER A O   1 
ATOM   593  C CB  . SER A 1 76 ? 10.610  -6.987  -7.787  1.00 43.21 ? 212  SER A CB  1 
ATOM   594  O OG  . SER A 1 76 ? 10.703  -8.031  -8.741  1.00 53.50 ? 212  SER A OG  1 
ATOM   595  N N   . GLY A 1 77 ? 9.408   -6.036  -4.825  1.00 34.59 ? 213  GLY A N   1 
ATOM   596  C CA  . GLY A 1 77 ? 9.292   -4.890  -3.940  1.00 31.84 ? 213  GLY A CA  1 
ATOM   597  C C   . GLY A 1 77 ? 8.614   -3.734  -4.646  1.00 31.83 ? 213  GLY A C   1 
ATOM   598  O O   . GLY A 1 77 ? 8.258   -2.730  -4.028  1.00 29.51 ? 213  GLY A O   1 
ATOM   599  N N   . LYS A 1 78 ? 8.438   -3.885  -5.956  1.00 30.67 ? 214  LYS A N   1 
ATOM   600  C CA  . LYS A 1 78 ? 7.768   -2.883  -6.773  1.00 30.30 ? 214  LYS A CA  1 
ATOM   601  C C   . LYS A 1 78 ? 6.316   -2.712  -6.334  1.00 29.45 ? 214  LYS A C   1 
ATOM   602  O O   . LYS A 1 78 ? 5.633   -3.690  -6.031  1.00 31.47 ? 214  LYS A O   1 
ATOM   603  C CB  . LYS A 1 78 ? 7.838   -3.281  -8.252  1.00 29.05 ? 214  LYS A CB  1 
ATOM   604  C CG  . LYS A 1 78 ? 7.170   -2.298  -9.199  1.00 35.65 ? 214  LYS A CG  1 
ATOM   605  C CD  . LYS A 1 78 ? 7.394   -2.680  -10.657 1.00 29.74 ? 214  LYS A CD  1 
ATOM   606  C CE  . LYS A 1 78 ? 8.856   -2.533  -11.048 1.00 38.70 ? 214  LYS A CE  1 
ATOM   607  N NZ  . LYS A 1 78 ? 9.109   -2.951  -12.458 1.00 51.43 ? 214  LYS A NZ  1 
ATOM   608  N N   . ARG A 1 79 ? 5.851   -1.469  -6.293  1.00 26.69 ? 215  ARG A N   1 
ATOM   609  C CA  . ARG A 1 79 ? 4.490   -1.188  -5.849  1.00 27.37 ? 215  ARG A CA  1 
ATOM   610  C C   . ARG A 1 79 ? 3.552   -0.959  -7.032  1.00 29.90 ? 215  ARG A C   1 
ATOM   611  O O   . ARG A 1 79 ? 3.731   -0.020  -7.809  1.00 28.13 ? 215  ARG A O   1 
ATOM   612  C CB  . ARG A 1 79 ? 4.474   0.015   -4.908  1.00 28.50 ? 215  ARG A CB  1 
ATOM   613  C CG  . ARG A 1 79 ? 3.160   0.214   -4.176  1.00 30.14 ? 215  ARG A CG  1 
ATOM   614  C CD  . ARG A 1 79 ? 3.342   1.144   -2.989  1.00 28.56 ? 215  ARG A CD  1 
ATOM   615  N NE  . ARG A 1 79 ? 4.289   0.598   -2.019  1.00 20.70 ? 215  ARG A NE  1 
ATOM   616  C CZ  . ARG A 1 79 ? 4.627   1.200   -0.883  1.00 26.88 ? 215  ARG A CZ  1 
ATOM   617  N NH1 . ARG A 1 79 ? 4.096   2.371   -0.562  1.00 23.85 ? 215  ARG A NH1 1 
ATOM   618  N NH2 . ARG A 1 79 ? 5.499   0.627   -0.064  1.00 24.55 ? 215  ARG A NH2 1 
ATOM   619  N N   . ILE A 1 80 ? 2.550   -1.823  -7.154  1.00 25.97 ? 216  ILE A N   1 
ATOM   620  C CA  . ILE A 1 80 ? 1.646   -1.804  -8.296  1.00 23.69 ? 216  ILE A CA  1 
ATOM   621  C C   . ILE A 1 80 ? 0.246   -1.346  -7.899  1.00 26.71 ? 216  ILE A C   1 
ATOM   622  O O   . ILE A 1 80 ? -0.334  -1.859  -6.943  1.00 24.00 ? 216  ILE A O   1 
ATOM   623  C CB  . ILE A 1 80 ? 1.545   -3.206  -8.940  1.00 30.85 ? 216  ILE A CB  1 
ATOM   624  C CG1 . ILE A 1 80 ? 2.939   -3.774  -9.211  1.00 25.48 ? 216  ILE A CG1 1 
ATOM   625  C CG2 . ILE A 1 80 ? 0.722   -3.154  -10.217 1.00 27.66 ? 216  ILE A CG2 1 
ATOM   626  C CD1 . ILE A 1 80 ? 3.747   -2.965  -10.196 1.00 31.70 ? 216  ILE A CD1 1 
ATOM   627  N N   . PHE A 1 81 ? -0.292  -0.379  -8.639  1.00 26.90 ? 217  PHE A N   1 
ATOM   628  C CA  . PHE A 1 81 ? -1.635  0.133   -8.385  1.00 23.16 ? 217  PHE A CA  1 
ATOM   629  C C   . PHE A 1 81 ? -2.601  -0.277  -9.496  1.00 22.87 ? 217  PHE A C   1 
ATOM   630  O O   . PHE A 1 81 ? -2.195  -0.485  -10.640 1.00 24.96 ? 217  PHE A O   1 
ATOM   631  C CB  . PHE A 1 81 ? -1.615  1.659   -8.228  1.00 19.87 ? 217  PHE A CB  1 
ATOM   632  C CG  . PHE A 1 81 ? -0.887  2.136   -6.997  1.00 24.36 ? 217  PHE A CG  1 
ATOM   633  C CD1 . PHE A 1 81 ? 0.497   2.208   -6.975  1.00 24.34 ? 217  PHE A CD1 1 
ATOM   634  C CD2 . PHE A 1 81 ? -1.586  2.507   -5.861  1.00 20.27 ? 217  PHE A CD2 1 
ATOM   635  C CE1 . PHE A 1 81 ? 1.169   2.644   -5.845  1.00 22.17 ? 217  PHE A CE1 1 
ATOM   636  C CE2 . PHE A 1 81 ? -0.920  2.943   -4.728  1.00 24.84 ? 217  PHE A CE2 1 
ATOM   637  C CZ  . PHE A 1 81 ? 0.459   3.012   -4.721  1.00 21.72 ? 217  PHE A CZ  1 
ATOM   638  N N   . ASN A 1 82 ? -3.880  -0.389  -9.152  1.00 24.40 ? 218  ASN A N   1 
ATOM   639  C CA  . ASN A 1 82 ? -4.895  -0.847  -10.091 1.00 25.69 ? 218  ASN A CA  1 
ATOM   640  C C   . ASN A 1 82 ? -6.302  -0.559  -9.579  1.00 31.70 ? 218  ASN A C   1 
ATOM   641  O O   . ASN A 1 82 ? -6.479  0.125   -8.569  1.00 32.96 ? 218  ASN A O   1 
ATOM   642  C CB  . ASN A 1 82 ? -4.736  -2.349  -10.335 1.00 26.11 ? 218  ASN A CB  1 
ATOM   643  C CG  . ASN A 1 82 ? -5.108  -2.762  -11.746 1.00 26.61 ? 218  ASN A CG  1 
ATOM   644  O OD1 . ASN A 1 82 ? -5.985  -2.169  -12.374 1.00 39.44 ? 218  ASN A OD1 1 
ATOM   645  N ND2 . ASN A 1 82 ? -4.435  -3.788  -12.255 1.00 23.43 ? 218  ASN A ND2 1 
ATOM   646  N N   . LEU A 1 83 ? -7.298  -1.084  -10.285 1.00 31.85 ? 219  LEU A N   1 
ATOM   647  C CA  . LEU A 1 83 ? -8.685  -1.014  -9.842  1.00 36.84 ? 219  LEU A CA  1 
ATOM   648  C C   . LEU A 1 83 ? -9.201  -2.412  -9.553  1.00 45.30 ? 219  LEU A C   1 
ATOM   649  O O   . LEU A 1 83 ? -8.739  -3.386  -10.149 1.00 46.70 ? 219  LEU A O   1 
ATOM   650  C CB  . LEU A 1 83 ? -9.569  -0.360  -10.904 1.00 32.75 ? 219  LEU A CB  1 
ATOM   651  C CG  . LEU A 1 83 ? -9.566  1.167   -10.995 1.00 34.81 ? 219  LEU A CG  1 
ATOM   652  C CD1 . LEU A 1 83 ? -10.496 1.622   -12.104 1.00 34.36 ? 219  LEU A CD1 1 
ATOM   653  C CD2 . LEU A 1 83 ? -9.975  1.789   -9.671  1.00 32.52 ? 219  LEU A CD2 1 
ATOM   654  N N   . LYS A 1 84 ? -10.164 -2.512  -8.645  1.00 45.43 ? 220  LYS A N   1 
ATOM   655  C CA  . LYS A 1 84 ? -10.758 -3.804  -8.324  1.00 48.44 ? 220  LYS A CA  1 
ATOM   656  C C   . LYS A 1 84 ? -11.583 -4.326  -9.496  1.00 56.67 ? 220  LYS A C   1 
ATOM   657  O O   . LYS A 1 84 ? -12.810 -4.207  -9.507  1.00 58.89 ? 220  LYS A O   1 
ATOM   658  C CB  . LYS A 1 84 ? -11.626 -3.720  -7.066  1.00 40.69 ? 220  LYS A CB  1 
ATOM   659  N N   . ALA A 1 85 ? -10.885 -4.896  -10.479 1.00 63.62 ? 221  ALA A N   1 
ATOM   660  C CA  . ALA A 1 85 ? -11.487 -5.480  -11.680 1.00 62.84 ? 221  ALA A CA  1 
ATOM   661  C C   . ALA A 1 85 ? -10.441 -6.231  -12.510 1.00 64.20 ? 221  ALA A C   1 
ATOM   662  O O   . ALA A 1 85 ? -9.362  -6.567  -12.019 1.00 64.28 ? 221  ALA A O   1 
ATOM   663  C CB  . ALA A 1 85 ? -12.156 -4.407  -12.531 1.00 62.27 ? 221  ALA A CB  1 
ATOM   664  N N   . HIS B 1 2  ? 6.899   22.358  13.057  1.00 50.48 ? 138  HIS B N   1 
ATOM   665  C CA  . HIS B 1 2  ? 5.985   22.670  14.146  1.00 54.46 ? 138  HIS B CA  1 
ATOM   666  C C   . HIS B 1 2  ? 5.749   21.400  14.949  1.00 55.46 ? 138  HIS B C   1 
ATOM   667  O O   . HIS B 1 2  ? 6.258   21.245  16.064  1.00 59.61 ? 138  HIS B O   1 
ATOM   668  C CB  . HIS B 1 2  ? 4.662   23.195  13.584  1.00 50.28 ? 138  HIS B CB  1 
ATOM   669  C CG  . HIS B 1 2  ? 3.942   24.135  14.498  1.00 50.90 ? 138  HIS B CG  1 
ATOM   670  N ND1 . HIS B 1 2  ? 2.748   24.735  14.155  1.00 48.80 ? 138  HIS B ND1 1 
ATOM   671  C CD2 . HIS B 1 2  ? 4.246   24.590  15.737  1.00 51.85 ? 138  HIS B CD2 1 
ATOM   672  C CE1 . HIS B 1 2  ? 2.349   25.513  15.142  1.00 49.04 ? 138  HIS B CE1 1 
ATOM   673  N NE2 . HIS B 1 2  ? 3.241   25.444  16.115  1.00 49.36 ? 138  HIS B NE2 1 
ATOM   674  N N   . MET B 1 3  ? 4.986   20.480  14.372  1.00 50.43 ? 139  MET B N   1 
ATOM   675  C CA  . MET B 1 3  ? 4.864   19.150  14.953  1.00 44.87 ? 139  MET B CA  1 
ATOM   676  C C   . MET B 1 3  ? 6.001   18.276  14.424  1.00 45.06 ? 139  MET B C   1 
ATOM   677  O O   . MET B 1 3  ? 6.319   18.331  13.235  1.00 41.77 ? 139  MET B O   1 
ATOM   678  C CB  . MET B 1 3  ? 3.501   18.547  14.623  1.00 43.48 ? 139  MET B CB  1 
ATOM   679  C CG  . MET B 1 3  ? 3.136   17.315  15.439  1.00 38.33 ? 139  MET B CG  1 
ATOM   680  S SD  . MET B 1 3  ? 1.429   17.395  16.022  0.68 39.90 ? 139  MET B SD  1 
ATOM   681  C CE  . MET B 1 3  ? 1.521   18.801  17.131  1.00 35.69 ? 139  MET B CE  1 
ATOM   682  N N   . THR B 1 4  ? 6.612   17.484  15.300  1.00 43.86 ? 140  THR B N   1 
ATOM   683  C CA  . THR B 1 4  ? 7.774   16.691  14.916  1.00 38.90 ? 140  THR B CA  1 
ATOM   684  C C   . THR B 1 4  ? 7.542   15.197  15.129  1.00 40.45 ? 140  THR B C   1 
ATOM   685  O O   . THR B 1 4  ? 6.989   14.790  16.156  1.00 46.84 ? 140  THR B O   1 
ATOM   686  C CB  . THR B 1 4  ? 9.017   17.138  15.686  1.00 47.61 ? 140  THR B CB  1 
ATOM   687  O OG1 . THR B 1 4  ? 9.196   18.547  15.506  1.00 46.10 ? 140  THR B OG1 1 
ATOM   688  C CG2 . THR B 1 4  ? 10.248  16.407  15.183  1.00 41.86 ? 140  THR B CG2 1 
ATOM   689  N N   . ILE B 1 5  ? 7.949   14.394  14.147  1.00 41.41 ? 141  ILE B N   1 
ATOM   690  C CA  . ILE B 1 5  ? 7.789   12.948  14.216  1.00 42.53 ? 141  ILE B CA  1 
ATOM   691  C C   . ILE B 1 5  ? 9.109   12.245  13.894  1.00 42.86 ? 141  ILE B C   1 
ATOM   692  O O   . ILE B 1 5  ? 9.821   12.622  12.958  1.00 48.27 ? 141  ILE B O   1 
ATOM   693  C CB  . ILE B 1 5  ? 6.683   12.461  13.250  1.00 46.10 ? 141  ILE B CB  1 
ATOM   694  C CG1 . ILE B 1 5  ? 6.605   10.934  13.242  1.00 44.50 ? 141  ILE B CG1 1 
ATOM   695  C CG2 . ILE B 1 5  ? 6.930   12.988  11.840  1.00 40.55 ? 141  ILE B CG2 1 
ATOM   696  C CD1 . ILE B 1 5  ? 6.207   10.342  14.574  1.00 51.05 ? 141  ILE B CD1 1 
ATOM   697  N N   . ILE B 1 6  ? 9.438   11.232  14.690  1.00 45.29 ? 142  ILE B N   1 
ATOM   698  C CA  . ILE B 1 6  ? 10.589  10.379  14.422  1.00 44.48 ? 142  ILE B CA  1 
ATOM   699  C C   . ILE B 1 6  ? 10.142  9.151   13.635  1.00 42.28 ? 142  ILE B C   1 
ATOM   700  O O   . ILE B 1 6  ? 9.323   8.364   14.111  1.00 45.06 ? 142  ILE B O   1 
ATOM   701  C CB  . ILE B 1 6  ? 11.281  9.943   15.729  1.00 40.69 ? 142  ILE B CB  1 
ATOM   702  C CG1 . ILE B 1 6  ? 11.996  11.139  16.362  1.00 42.56 ? 142  ILE B CG1 1 
ATOM   703  C CG2 . ILE B 1 6  ? 12.269  8.816   15.466  1.00 35.91 ? 142  ILE B CG2 1 
ATOM   704  C CD1 . ILE B 1 6  ? 12.395  10.922  17.806  1.00 41.93 ? 142  ILE B CD1 1 
ATOM   705  N N   . GLU B 1 7  ? 10.670  8.999   12.425  1.00 44.91 ? 143  GLU B N   1 
ATOM   706  C CA  . GLU B 1 7  ? 10.284  7.891   11.563  1.00 42.92 ? 143  GLU B CA  1 
ATOM   707  C C   . GLU B 1 7  ? 11.156  6.667   11.814  1.00 49.26 ? 143  GLU B C   1 
ATOM   708  O O   . GLU B 1 7  ? 12.291  6.786   12.276  1.00 48.43 ? 143  GLU B O   1 
ATOM   709  C CB  . GLU B 1 7  ? 10.354  8.307   10.093  1.00 42.35 ? 143  GLU B CB  1 
ATOM   710  C CG  . GLU B 1 7  ? 11.715  8.809   9.653   1.00 54.55 ? 143  GLU B CG  1 
ATOM   711  C CD  . GLU B 1 7  ? 11.685  9.400   8.259   1.00 59.48 ? 143  GLU B CD  1 
ATOM   712  O OE1 . GLU B 1 7  ? 10.618  9.326   7.615   1.00 58.52 ? 143  GLU B OE1 1 
ATOM   713  O OE2 . GLU B 1 7  ? 12.720  9.939   7.808   1.00 54.43 ? 143  GLU B OE2 1 
ATOM   714  N N   . SER B 1 8  ? 10.622  5.490   11.508  1.00 47.49 ? 144  SER B N   1 
ATOM   715  C CA  . SER B 1 8  ? 11.339  4.243   11.747  1.00 35.70 ? 144  SER B CA  1 
ATOM   716  C C   . SER B 1 8  ? 12.131  3.779   10.534  1.00 34.68 ? 144  SER B C   1 
ATOM   717  O O   . SER B 1 8  ? 11.676  3.898   9.395   1.00 40.08 ? 144  SER B O   1 
ATOM   718  C CB  . SER B 1 8  ? 10.375  3.137   12.174  1.00 37.65 ? 144  SER B CB  1 
ATOM   719  O OG  . SER B 1 8  ? 10.048  3.246   13.549  1.00 47.64 ? 144  SER B OG  1 
ATOM   720  N N   . ASN B 1 9  ? 13.325  3.260   10.795  1.00 37.04 ? 145  ASN B N   1 
ATOM   721  C CA  . ASN B 1 9  ? 14.106  2.586   9.772   1.00 34.27 ? 145  ASN B CA  1 
ATOM   722  C C   . ASN B 1 9  ? 13.607  1.154   9.646   1.00 28.49 ? 145  ASN B C   1 
ATOM   723  O O   . ASN B 1 9  ? 13.669  0.389   10.612  1.00 27.63 ? 145  ASN B O   1 
ATOM   724  C CB  . ASN B 1 9  ? 15.587  2.598   10.138  1.00 29.25 ? 145  ASN B CB  1 
ATOM   725  C CG  . ASN B 1 9  ? 16.446  1.884   9.115   1.00 28.71 ? 145  ASN B CG  1 
ATOM   726  O OD1 . ASN B 1 9  ? 16.516  0.656   9.095   1.00 27.40 ? 145  ASN B OD1 1 
ATOM   727  N ND2 . ASN B 1 9  ? 17.108  2.655   8.259   1.00 26.58 ? 145  ASN B ND2 1 
ATOM   728  N N   . TYR B 1 10 ? 13.115  0.796   8.463   1.00 28.07 ? 146  TYR B N   1 
ATOM   729  C CA  . TYR B 1 10 ? 12.458  -0.499  8.268   1.00 32.21 ? 146  TYR B CA  1 
ATOM   730  C C   . TYR B 1 10 ? 13.387  -1.691  8.487   1.00 28.56 ? 146  TYR B C   1 
ATOM   731  O O   . TYR B 1 10 ? 12.943  -2.755  8.910   1.00 22.76 ? 146  TYR B O   1 
ATOM   732  C CB  . TYR B 1 10 ? 11.791  -0.588  6.889   1.00 27.96 ? 146  TYR B CB  1 
ATOM   733  C CG  . TYR B 1 10 ? 10.578  0.306   6.727   1.00 31.50 ? 146  TYR B CG  1 
ATOM   734  C CD1 . TYR B 1 10 ? 10.085  1.045   7.795   1.00 29.93 ? 146  TYR B CD1 1 
ATOM   735  C CD2 . TYR B 1 10 ? 9.927   0.414   5.504   1.00 29.25 ? 146  TYR B CD2 1 
ATOM   736  C CE1 . TYR B 1 10 ? 8.983   1.867   7.650   1.00 36.22 ? 146  TYR B CE1 1 
ATOM   737  C CE2 . TYR B 1 10 ? 8.823   1.231   5.351   1.00 29.00 ? 146  TYR B CE2 1 
ATOM   738  C CZ  . TYR B 1 10 ? 8.357   1.955   6.424   1.00 27.49 ? 146  TYR B CZ  1 
ATOM   739  O OH  . TYR B 1 10 ? 7.259   2.771   6.276   1.00 26.53 ? 146  TYR B OH  1 
ATOM   740  N N   . ILE B 1 11 ? 14.671  -1.511  8.202   1.00 23.25 ? 147  ILE B N   1 
ATOM   741  C CA  . ILE B 1 11 ? 15.658  -2.564  8.429   1.00 27.47 ? 147  ILE B CA  1 
ATOM   742  C C   . ILE B 1 11 ? 15.907  -2.772  9.926   1.00 33.92 ? 147  ILE B C   1 
ATOM   743  O O   . ILE B 1 11 ? 15.978  -3.908  10.403  1.00 29.98 ? 147  ILE B O   1 
ATOM   744  C CB  . ILE B 1 11 ? 16.979  -2.261  7.691   1.00 28.60 ? 147  ILE B CB  1 
ATOM   745  C CG1 . ILE B 1 11 ? 16.807  -2.482  6.184   1.00 33.39 ? 147  ILE B CG1 1 
ATOM   746  C CG2 . ILE B 1 11 ? 18.115  -3.116  8.229   1.00 25.49 ? 147  ILE B CG2 1 
ATOM   747  C CD1 . ILE B 1 11 ? 18.054  -2.205  5.373   1.00 24.97 ? 147  ILE B CD1 1 
ATOM   748  N N   . SER B 1 12 ? 16.026  -1.672  10.661  1.00 27.22 ? 148  SER B N   1 
ATOM   749  C CA  . SER B 1 12 ? 16.204  -1.730  12.108  1.00 32.54 ? 148  SER B CA  1 
ATOM   750  C C   . SER B 1 12 ? 15.007  -2.398  12.775  1.00 35.55 ? 148  SER B C   1 
ATOM   751  O O   . SER B 1 12 ? 15.160  -3.152  13.735  1.00 35.27 ? 148  SER B O   1 
ATOM   752  C CB  . SER B 1 12 ? 16.420  -0.330  12.683  1.00 28.10 ? 148  SER B CB  1 
ATOM   753  O OG  . SER B 1 12 ? 17.627  0.236   12.198  1.00 41.51 ? 148  SER B OG  1 
ATOM   754  N N   . VAL B 1 13 ? 13.817  -2.117  12.254  1.00 27.60 ? 149  VAL B N   1 
ATOM   755  C CA  . VAL B 1 13 ? 12.590  -2.745  12.733  1.00 30.09 ? 149  VAL B CA  1 
ATOM   756  C C   . VAL B 1 13 ? 12.651  -4.261  12.560  1.00 33.16 ? 149  VAL B C   1 
ATOM   757  O O   . VAL B 1 13 ? 12.331  -5.018  13.477  1.00 30.89 ? 149  VAL B O   1 
ATOM   758  C CB  . VAL B 1 13 ? 11.356  -2.207  11.974  1.00 25.93 ? 149  VAL B CB  1 
ATOM   759  C CG1 . VAL B 1 13 ? 10.124  -3.040  12.292  1.00 24.03 ? 149  VAL B CG1 1 
ATOM   760  C CG2 . VAL B 1 13 ? 11.121  -0.741  12.304  1.00 28.19 ? 149  VAL B CG2 1 
ATOM   761  N N   . ARG B 1 14 ? 13.079  -4.693  11.378  1.00 27.70 ? 150  ARG B N   1 
ATOM   762  C CA  . ARG B 1 14 ? 13.129  -6.111  11.042  1.00 31.82 ? 150  ARG B CA  1 
ATOM   763  C C   . ARG B 1 14 ? 14.329  -6.833  11.653  1.00 35.80 ? 150  ARG B C   1 
ATOM   764  O O   . ARG B 1 14 ? 14.399  -8.062  11.626  1.00 34.01 ? 150  ARG B O   1 
ATOM   765  C CB  . ARG B 1 14 ? 13.095  -6.300  9.524   1.00 21.19 ? 150  ARG B CB  1 
ATOM   766  C CG  . ARG B 1 14 ? 11.781  -5.875  8.890   1.00 34.37 ? 150  ARG B CG  1 
ATOM   767  C CD  . ARG B 1 14 ? 11.784  -6.087  7.385   1.00 25.34 ? 150  ARG B CD  1 
ATOM   768  N NE  . ARG B 1 14 ? 10.436  -6.001  6.832   1.00 28.23 ? 150  ARG B NE  1 
ATOM   769  C CZ  . ARG B 1 14 ? 10.020  -5.054  5.997   1.00 25.60 ? 150  ARG B CZ  1 
ATOM   770  N NH1 . ARG B 1 14 ? 10.849  -4.102  5.592   1.00 27.23 ? 150  ARG B NH1 1 
ATOM   771  N NH2 . ARG B 1 14 ? 8.770   -5.068  5.558   1.00 29.68 ? 150  ARG B NH2 1 
ATOM   772  N N   . GLU B 1 15 ? 15.274  -6.077  12.201  1.00 32.91 ? 151  GLU B N   1 
ATOM   773  C CA  . GLU B 1 15 ? 16.367  -6.684  12.951  1.00 39.65 ? 151  GLU B CA  1 
ATOM   774  C C   . GLU B 1 15 ? 15.968  -6.845  14.415  1.00 39.37 ? 151  GLU B C   1 
ATOM   775  O O   . GLU B 1 15 ? 16.225  -7.879  15.031  1.00 35.67 ? 151  GLU B O   1 
ATOM   776  C CB  . GLU B 1 15 ? 17.649  -5.859  12.826  1.00 38.66 ? 151  GLU B CB  1 
ATOM   777  C CG  . GLU B 1 15 ? 18.403  -6.075  11.520  1.00 45.12 ? 151  GLU B CG  1 
ATOM   778  C CD  . GLU B 1 15 ? 19.631  -5.190  11.403  1.00 59.05 ? 151  GLU B CD  1 
ATOM   779  O OE1 . GLU B 1 15 ? 19.659  -4.122  12.051  1.00 53.57 ? 151  GLU B OE1 1 
ATOM   780  O OE2 . GLU B 1 15 ? 20.569  -5.557  10.660  1.00 58.84 ? 151  GLU B OE2 1 
ATOM   781  N N   . GLU B 1 16 ? 15.323  -5.818  14.960  1.00 39.01 ? 152  GLU B N   1 
ATOM   782  C CA  . GLU B 1 16 ? 14.856  -5.848  16.342  1.00 36.04 ? 152  GLU B CA  1 
ATOM   783  C C   . GLU B 1 16 ? 13.675  -6.800  16.504  1.00 40.91 ? 152  GLU B C   1 
ATOM   784  O O   . GLU B 1 16 ? 13.567  -7.509  17.505  1.00 43.45 ? 152  GLU B O   1 
ATOM   785  C CB  . GLU B 1 16 ? 14.488  -4.438  16.813  1.00 34.25 ? 152  GLU B CB  1 
ATOM   786  N N   . TYR B 1 17 ? 12.795  -6.807  15.508  1.00 34.48 ? 153  TYR B N   1 
ATOM   787  C CA  . TYR B 1 17 ? 11.657  -7.712  15.486  1.00 31.38 ? 153  TYR B CA  1 
ATOM   788  C C   . TYR B 1 17 ? 11.779  -8.606  14.257  1.00 35.24 ? 153  TYR B C   1 
ATOM   789  O O   . TYR B 1 17 ? 11.196  -8.318  13.215  1.00 39.76 ? 153  TYR B O   1 
ATOM   790  C CB  . TYR B 1 17 ? 10.349  -6.920  15.443  1.00 34.67 ? 153  TYR B CB  1 
ATOM   791  C CG  . TYR B 1 17 ? 10.259  -5.837  16.499  1.00 35.43 ? 153  TYR B CG  1 
ATOM   792  C CD1 . TYR B 1 17 ? 9.729   -6.103  17.752  1.00 43.18 ? 153  TYR B CD1 1 
ATOM   793  C CD2 . TYR B 1 17 ? 10.715  -4.549  16.240  1.00 37.42 ? 153  TYR B CD2 1 
ATOM   794  C CE1 . TYR B 1 17 ? 9.650   -5.117  18.721  1.00 38.34 ? 153  TYR B CE1 1 
ATOM   795  C CE2 . TYR B 1 17 ? 10.644  -3.558  17.202  1.00 39.65 ? 153  TYR B CE2 1 
ATOM   796  C CZ  . TYR B 1 17 ? 10.108  -3.845  18.441  1.00 47.03 ? 153  TYR B CZ  1 
ATOM   797  O OH  . TYR B 1 17 ? 10.033  -2.858  19.399  1.00 49.24 ? 153  TYR B OH  1 
ATOM   798  N N   . PRO B 1 18 ? 12.544  -9.702  14.383  1.00 41.31 ? 154  PRO B N   1 
ATOM   799  C CA  . PRO B 1 18 ? 12.956  -10.582 13.282  1.00 38.93 ? 154  PRO B CA  1 
ATOM   800  C C   . PRO B 1 18 ? 11.797  -11.343 12.638  1.00 42.47 ? 154  PRO B C   1 
ATOM   801  O O   . PRO B 1 18 ? 11.929  -11.827 11.516  1.00 41.86 ? 154  PRO B O   1 
ATOM   802  C CB  . PRO B 1 18 ? 13.905  -11.582 13.970  1.00 41.06 ? 154  PRO B CB  1 
ATOM   803  C CG  . PRO B 1 18 ? 14.234  -10.985 15.291  1.00 43.05 ? 154  PRO B CG  1 
ATOM   804  C CD  . PRO B 1 18 ? 13.033  -10.199 15.679  1.00 43.95 ? 154  PRO B CD  1 
ATOM   805  N N   . ASP B 1 19 ? 10.680  -11.440 13.349  1.00 40.50 ? 155  ASP B N   1 
ATOM   806  C CA  . ASP B 1 19 ? 9.563   -12.284 12.946  1.00 36.74 ? 155  ASP B CA  1 
ATOM   807  C C   . ASP B 1 19 ? 8.393   -11.471 12.416  1.00 33.22 ? 155  ASP B C   1 
ATOM   808  O O   . ASP B 1 19 ? 7.357   -12.028 12.060  1.00 29.64 ? 155  ASP B O   1 
ATOM   809  C CB  . ASP B 1 19 ? 9.097   -13.098 14.147  1.00 44.54 ? 155  ASP B CB  1 
ATOM   810  C CG  . ASP B 1 19 ? 9.163   -12.305 15.442  1.00 52.88 ? 155  ASP B CG  1 
ATOM   811  O OD1 . ASP B 1 19 ? 9.127   -11.054 15.379  1.00 48.59 ? 155  ASP B OD1 1 
ATOM   812  O OD2 . ASP B 1 19 ? 9.262   -12.927 16.521  1.00 50.75 ? 155  ASP B OD2 1 
ATOM   813  N N   . ILE B 1 20 ? 8.570   -10.155 12.348  1.00 37.60 ? 156  ILE B N   1 
ATOM   814  C CA  . ILE B 1 20 ? 7.458   -9.238  12.104  1.00 30.89 ? 156  ILE B CA  1 
ATOM   815  C C   . ILE B 1 20 ? 6.730   -9.469  10.775  1.00 25.83 ? 156  ILE B C   1 
ATOM   816  O O   . ILE B 1 20 ? 5.509   -9.328  10.706  1.00 27.70 ? 156  ILE B O   1 
ATOM   817  C CB  . ILE B 1 20 ? 7.894   -7.757  12.250  1.00 31.79 ? 156  ILE B CB  1 
ATOM   818  C CG1 . ILE B 1 20 ? 6.667   -6.849  12.323  1.00 26.26 ? 156  ILE B CG1 1 
ATOM   819  C CG2 . ILE B 1 20 ? 8.846   -7.339  11.128  1.00 23.46 ? 156  ILE B CG2 1 
ATOM   820  C CD1 . ILE B 1 20 ? 7.004   -5.395  12.495  1.00 29.34 ? 156  ILE B CD1 1 
ATOM   821  N N   . ASP B 1 21 ? 7.470   -9.845  9.735   1.00 25.34 ? 157  ASP B N   1 
ATOM   822  C CA  . ASP B 1 21 ? 6.871   -10.078 8.425   1.00 28.30 ? 157  ASP B CA  1 
ATOM   823  C C   . ASP B 1 21 ? 5.937   -11.281 8.436   1.00 28.81 ? 157  ASP B C   1 
ATOM   824  O O   . ASP B 1 21 ? 4.789   -11.191 8.001   1.00 26.97 ? 157  ASP B O   1 
ATOM   825  C CB  . ASP B 1 21 ? 7.949   -10.251 7.353   1.00 27.49 ? 157  ASP B CB  1 
ATOM   826  C CG  . ASP B 1 21 ? 8.450   -8.927  6.812   1.00 33.71 ? 157  ASP B CG  1 
ATOM   827  O OD1 . ASP B 1 21 ? 8.376   -7.914  7.541   1.00 30.91 ? 157  ASP B OD1 1 
ATOM   828  O OD2 . ASP B 1 21 ? 8.913   -8.899  5.651   1.00 34.59 ? 157  ASP B OD2 1 
ATOM   829  N N   . SER B 1 22 ? 6.436   -12.403 8.943   1.00 23.68 ? 158  SER B N   1 
ATOM   830  C CA  . SER B 1 22 ? 5.644   -13.621 9.041   1.00 30.95 ? 158  SER B CA  1 
ATOM   831  C C   . SER B 1 22 ? 4.499   -13.461 10.036  1.00 25.23 ? 158  SER B C   1 
ATOM   832  O O   . SER B 1 22 ? 3.437   -14.064 9.879   1.00 29.94 ? 158  SER B O   1 
ATOM   833  C CB  . SER B 1 22 ? 6.530   -14.797 9.451   1.00 27.23 ? 158  SER B CB  1 
ATOM   834  O OG  . SER B 1 22 ? 7.108   -14.579 10.726  1.00 31.44 ? 158  SER B OG  1 
ATOM   835  N N   . GLU B 1 23 ? 4.724   -12.653 11.065  1.00 25.58 ? 159  GLU B N   1 
ATOM   836  C CA  . GLU B 1 23 ? 3.690   -12.386 12.055  1.00 24.80 ? 159  GLU B CA  1 
ATOM   837  C C   . GLU B 1 23 ? 2.544   -11.635 11.390  1.00 28.03 ? 159  GLU B C   1 
ATOM   838  O O   . GLU B 1 23 ? 1.371   -11.898 11.658  1.00 28.88 ? 159  GLU B O   1 
ATOM   839  C CB  . GLU B 1 23 ? 4.260   -11.566 13.209  1.00 25.63 ? 159  GLU B CB  1 
ATOM   840  C CG  . GLU B 1 23 ? 3.473   -11.700 14.492  1.00 29.84 ? 159  GLU B CG  1 
ATOM   841  C CD  . GLU B 1 23 ? 3.457   -13.126 15.006  1.00 42.20 ? 159  GLU B CD  1 
ATOM   842  O OE1 . GLU B 1 23 ? 4.550   -13.689 15.235  1.00 33.71 ? 159  GLU B OE1 1 
ATOM   843  O OE2 . GLU B 1 23 ? 2.354   -13.688 15.166  1.00 30.84 ? 159  GLU B OE2 1 
ATOM   844  N N   . VAL B 1 24 ? 2.900   -10.703 10.512  1.00 24.46 ? 160  VAL B N   1 
ATOM   845  C CA  . VAL B 1 24 ? 1.921   -9.963  9.728   1.00 26.14 ? 160  VAL B CA  1 
ATOM   846  C C   . VAL B 1 24 ? 1.220   -10.882 8.727   1.00 26.65 ? 160  VAL B C   1 
ATOM   847  O O   . VAL B 1 24 ? 0.001   -10.820 8.570   1.00 26.87 ? 160  VAL B O   1 
ATOM   848  C CB  . VAL B 1 24 ? 2.570   -8.762  9.000   1.00 24.94 ? 160  VAL B CB  1 
ATOM   849  C CG1 . VAL B 1 24 ? 1.643   -8.216  7.928   1.00 23.64 ? 160  VAL B CG1 1 
ATOM   850  C CG2 . VAL B 1 24 ? 2.938   -7.669  9.999   1.00 25.20 ? 160  VAL B CG2 1 
ATOM   851  N N   . ARG B 1 25 ? 1.991   -11.743 8.067   1.00 26.56 ? 161  ARG B N   1 
ATOM   852  C CA  . ARG B 1 25 ? 1.438   -12.678 7.086   1.00 25.60 ? 161  ARG B CA  1 
ATOM   853  C C   . ARG B 1 25 ? 0.401   -13.619 7.699   1.00 26.67 ? 161  ARG B C   1 
ATOM   854  O O   . ARG B 1 25 ? -0.602  -13.944 7.064   1.00 25.23 ? 161  ARG B O   1 
ATOM   855  C CB  . ARG B 1 25 ? 2.549   -13.496 6.418   1.00 31.67 ? 161  ARG B CB  1 
ATOM   856  C CG  . ARG B 1 25 ? 3.333   -12.744 5.355   1.00 31.97 ? 161  ARG B CG  1 
ATOM   857  C CD  . ARG B 1 25 ? 4.185   -13.693 4.520   1.00 39.18 ? 161  ARG B CD  1 
ATOM   858  N NE  . ARG B 1 25 ? 4.706   -13.043 3.320   1.00 39.06 ? 161  ARG B NE  1 
ATOM   859  C CZ  . ARG B 1 25 ? 5.941   -12.569 3.198   1.00 36.07 ? 161  ARG B CZ  1 
ATOM   860  N NH1 . ARG B 1 25 ? 6.800   -12.679 4.203   1.00 32.49 ? 161  ARG B NH1 1 
ATOM   861  N NH2 . ARG B 1 25 ? 6.320   -11.989 2.066   1.00 31.71 ? 161  ARG B NH2 1 
ATOM   862  N N   . ALA B 1 26 ? 0.650   -14.052 8.930   1.00 26.15 ? 162  ALA B N   1 
ATOM   863  C CA  . ALA B 1 26 ? -0.268  -14.951 9.622   1.00 26.40 ? 162  ALA B CA  1 
ATOM   864  C C   . ALA B 1 26 ? -1.583  -14.243 9.926   1.00 22.16 ? 162  ALA B C   1 
ATOM   865  O O   . ALA B 1 26 ? -2.660  -14.825 9.793   1.00 22.13 ? 162  ALA B O   1 
ATOM   866  C CB  . ALA B 1 26 ? 0.367   -15.474 10.903  1.00 25.31 ? 162  ALA B CB  1 
ATOM   867  N N   . ILE B 1 27 ? -1.484  -12.982 10.332  1.00 25.73 ? 163  ILE B N   1 
ATOM   868  C CA  . ILE B 1 27 ? -2.656  -12.169 10.640  1.00 23.16 ? 163  ILE B CA  1 
ATOM   869  C C   . ILE B 1 27 ? -3.470  -11.885 9.381   1.00 21.48 ? 163  ILE B C   1 
ATOM   870  O O   . ILE B 1 27 ? -4.701  -11.961 9.394   1.00 24.67 ? 163  ILE B O   1 
ATOM   871  C CB  . ILE B 1 27 ? -2.253  -10.841 11.311  1.00 23.98 ? 163  ILE B CB  1 
ATOM   872  C CG1 . ILE B 1 27 ? -1.596  -11.111 12.668  1.00 26.68 ? 163  ILE B CG1 1 
ATOM   873  C CG2 . ILE B 1 27 ? -3.458  -9.925  11.471  1.00 22.17 ? 163  ILE B CG2 1 
ATOM   874  C CD1 . ILE B 1 27 ? -1.076  -9.873  13.356  1.00 22.75 ? 163  ILE B CD1 1 
ATOM   875  N N   . LEU B 1 28 ? -2.776  -11.561 8.294   1.00 24.52 ? 164  LEU B N   1 
ATOM   876  C CA  . LEU B 1 28 ? -3.435  -11.295 7.017   1.00 22.65 ? 164  LEU B CA  1 
ATOM   877  C C   . LEU B 1 28 ? -4.151  -12.531 6.489   1.00 23.63 ? 164  LEU B C   1 
ATOM   878  O O   . LEU B 1 28 ? -5.342  -12.481 6.191   1.00 27.68 ? 164  LEU B O   1 
ATOM   879  C CB  . LEU B 1 28 ? -2.434  -10.797 5.971   1.00 23.93 ? 164  LEU B CB  1 
ATOM   880  C CG  . LEU B 1 28 ? -1.732  -9.467  6.252   1.00 22.94 ? 164  LEU B CG  1 
ATOM   881  C CD1 . LEU B 1 28 ? -0.876  -9.042  5.066   1.00 22.18 ? 164  LEU B CD1 1 
ATOM   882  C CD2 . LEU B 1 28 ? -2.738  -8.389  6.612   1.00 16.17 ? 164  LEU B CD2 1 
ATOM   883  N N   . LEU B 1 29 ? -3.420  -13.637 6.376   1.00 27.51 ? 165  LEU B N   1 
ATOM   884  C CA  . LEU B 1 29 ? -3.976  -14.875 5.828   1.00 31.74 ? 165  LEU B CA  1 
ATOM   885  C C   . LEU B 1 29 ? -5.166  -15.402 6.625   1.00 31.46 ? 165  LEU B C   1 
ATOM   886  O O   . LEU B 1 29 ? -6.082  -15.996 6.060   1.00 28.97 ? 165  LEU B O   1 
ATOM   887  C CB  . LEU B 1 29 ? -2.896  -15.952 5.716   1.00 25.27 ? 165  LEU B CB  1 
ATOM   888  C CG  . LEU B 1 29 ? -1.994  -15.876 4.486   1.00 33.40 ? 165  LEU B CG  1 
ATOM   889  C CD1 . LEU B 1 29 ? -0.881  -16.912 4.560   1.00 35.66 ? 165  LEU B CD1 1 
ATOM   890  C CD2 . LEU B 1 29 ? -2.811  -16.042 3.213   1.00 35.91 ? 165  LEU B CD2 1 
ATOM   891  N N   . SER B 1 30 ? -5.153  -15.179 7.935   1.00 28.55 ? 166  SER B N   1 
ATOM   892  C CA  . SER B 1 30 ? -6.248  -15.623 8.791   1.00 25.79 ? 166  SER B CA  1 
ATOM   893  C C   . SER B 1 30 ? -7.537  -14.861 8.483   1.00 25.56 ? 166  SER B C   1 
ATOM   894  O O   . SER B 1 30 ? -8.632  -15.310 8.820   1.00 24.26 ? 166  SER B O   1 
ATOM   895  C CB  . SER B 1 30 ? -5.878  -15.472 10.268  1.00 23.76 ? 166  SER B CB  1 
ATOM   896  O OG  . SER B 1 30 ? -5.517  -14.137 10.576  1.00 30.70 ? 166  SER B OG  1 
ATOM   897  N N   . HIS B 1 31 ? -7.394  -13.706 7.841   1.00 28.06 ? 167  HIS B N   1 
ATOM   898  C CA  . HIS B 1 31 ? -8.535  -12.908 7.417   1.00 26.03 ? 167  HIS B CA  1 
ATOM   899  C C   . HIS B 1 31 ? -8.602  -12.850 5.894   1.00 29.82 ? 167  HIS B C   1 
ATOM   900  O O   . HIS B 1 31 ? -8.854  -11.792 5.317   1.00 31.35 ? 167  HIS B O   1 
ATOM   901  C CB  . HIS B 1 31 ? -8.439  -11.492 7.986   1.00 23.85 ? 167  HIS B CB  1 
ATOM   902  C CG  . HIS B 1 31 ? -8.425  -11.441 9.481   1.00 29.03 ? 167  HIS B CG  1 
ATOM   903  N ND1 . HIS B 1 31 ? -7.272  -11.599 10.221  1.00 28.28 ? 167  HIS B ND1 1 
ATOM   904  C CD2 . HIS B 1 31 ? -9.423  -11.251 10.376  1.00 23.38 ? 167  HIS B CD2 1 
ATOM   905  C CE1 . HIS B 1 31 ? -7.562  -11.508 11.506  1.00 23.46 ? 167  HIS B CE1 1 
ATOM   906  N NE2 . HIS B 1 31 ? -8.861  -11.299 11.628  1.00 30.22 ? 167  HIS B NE2 1 
ATOM   907  N N   . ALA B 1 32 ? -8.375  -13.990 5.247   1.00 28.73 ? 168  ALA B N   1 
ATOM   908  C CA  . ALA B 1 32 ? -8.320  -14.050 3.788   1.00 30.56 ? 168  ALA B CA  1 
ATOM   909  C C   . ALA B 1 32 ? -9.657  -13.727 3.133   1.00 36.93 ? 168  ALA B C   1 
ATOM   910  O O   . ALA B 1 32 ? -9.701  -13.164 2.040   1.00 41.58 ? 168  ALA B O   1 
ATOM   911  C CB  . ALA B 1 32 ? -7.831  -15.417 3.330   1.00 30.78 ? 168  ALA B CB  1 
ATOM   912  N N   . GLN B 1 33 ? -10.744 -14.092 3.804   1.00 28.72 ? 169  GLN B N   1 
ATOM   913  C CA  . GLN B 1 33 ? -12.080 -13.910 3.249   1.00 36.06 ? 169  GLN B CA  1 
ATOM   914  C C   . GLN B 1 33 ? -12.458 -12.442 3.049   1.00 40.96 ? 169  GLN B C   1 
ATOM   915  O O   . GLN B 1 33 ? -12.976 -12.069 1.995   1.00 48.00 ? 169  GLN B O   1 
ATOM   916  C CB  . GLN B 1 33 ? -13.115 -14.613 4.120   1.00 42.28 ? 169  GLN B CB  1 
ATOM   917  N N   . ASN B 1 34 ? -12.201 -11.613 4.057   1.00 38.67 ? 170  ASN B N   1 
ATOM   918  C CA  . ASN B 1 34 ? -12.676 -10.232 4.040   1.00 35.21 ? 170  ASN B CA  1 
ATOM   919  C C   . ASN B 1 34 ? -11.600 -9.174  4.278   1.00 31.39 ? 170  ASN B C   1 
ATOM   920  O O   . ASN B 1 34 ? -11.885 -7.979  4.253   1.00 37.99 ? 170  ASN B O   1 
ATOM   921  C CB  . ASN B 1 34 ? -13.812 -10.059 5.050   1.00 39.99 ? 170  ASN B CB  1 
ATOM   922  C CG  . ASN B 1 34 ? -14.994 -10.960 4.754   1.00 52.39 ? 170  ASN B CG  1 
ATOM   923  O OD1 . ASN B 1 34 ? -15.404 -11.107 3.602   1.00 54.56 ? 170  ASN B OD1 1 
ATOM   924  N ND2 . ASN B 1 34 ? -15.540 -11.582 5.793   1.00 50.07 ? 170  ASN B ND2 1 
ATOM   925  N N   . GLY B 1 35 ? -10.367 -9.606  4.506   1.00 29.72 ? 171  GLY B N   1 
ATOM   926  C CA  . GLY B 1 35 ? -9.290  -8.660  4.728   1.00 30.85 ? 171  GLY B CA  1 
ATOM   927  C C   . GLY B 1 35 ? -9.293  -8.096  6.136   1.00 32.52 ? 171  GLY B C   1 
ATOM   928  O O   . GLY B 1 35 ? -10.077 -8.520  6.986   1.00 27.51 ? 171  GLY B O   1 
ATOM   929  N N   . ILE B 1 36 ? -8.418  -7.126  6.381   1.00 30.48 ? 172  ILE B N   1 
ATOM   930  C CA  . ILE B 1 36 ? -8.251  -6.588  7.724   1.00 26.55 ? 172  ILE B CA  1 
ATOM   931  C C   . ILE B 1 36 ? -7.683  -5.165  7.718   1.00 25.16 ? 172  ILE B C   1 
ATOM   932  O O   . ILE B 1 36 ? -6.857  -4.815  6.875   1.00 25.17 ? 172  ILE B O   1 
ATOM   933  C CB  . ILE B 1 36 ? -7.369  -7.527  8.579   1.00 25.24 ? 172  ILE B CB  1 
ATOM   934  C CG1 . ILE B 1 36 ? -7.328  -7.069  10.036  1.00 24.80 ? 172  ILE B CG1 1 
ATOM   935  C CG2 . ILE B 1 36 ? -5.970  -7.631  7.998   1.00 21.74 ? 172  ILE B CG2 1 
ATOM   936  C CD1 . ILE B 1 36 ? -6.688  -8.072  10.973  1.00 24.85 ? 172  ILE B CD1 1 
ATOM   937  N N   . THR B 1 37 ? -8.148  -4.344  8.656   1.00 24.30 ? 173  THR B N   1 
ATOM   938  C CA  . THR B 1 37 ? -7.698  -2.959  8.766   1.00 23.52 ? 173  THR B CA  1 
ATOM   939  C C   . THR B 1 37 ? -6.466  -2.825  9.662   1.00 28.52 ? 173  THR B C   1 
ATOM   940  O O   . THR B 1 37 ? -6.082  -3.770  10.350  1.00 27.14 ? 173  THR B O   1 
ATOM   941  C CB  . THR B 1 37 ? -8.813  -2.055  9.317   1.00 26.10 ? 173  THR B CB  1 
ATOM   942  O OG1 . THR B 1 37 ? -9.100  -2.418  10.674  1.00 28.91 ? 173  THR B OG1 1 
ATOM   943  C CG2 . THR B 1 37 ? -10.072 -2.197  8.479   1.00 23.75 ? 173  THR B CG2 1 
ATOM   944  N N   . ILE B 1 38 ? -5.853  -1.644  9.655   1.00 22.48 ? 174  ILE B N   1 
ATOM   945  C CA  . ILE B 1 38 ? -4.629  -1.401  10.420  1.00 24.64 ? 174  ILE B CA  1 
ATOM   946  C C   . ILE B 1 38 ? -4.817  -1.564  11.934  1.00 29.74 ? 174  ILE B C   1 
ATOM   947  O O   . ILE B 1 38 ? -3.984  -2.173  12.607  1.00 25.83 ? 174  ILE B O   1 
ATOM   948  C CB  . ILE B 1 38 ? -4.022  -0.014  10.094  1.00 21.67 ? 174  ILE B CB  1 
ATOM   949  C CG1 . ILE B 1 38 ? -3.482  0.011   8.661   1.00 29.77 ? 174  ILE B CG1 1 
ATOM   950  C CG2 . ILE B 1 38 ? -2.905  0.325   11.062  1.00 26.35 ? 174  ILE B CG2 1 
ATOM   951  C CD1 . ILE B 1 38 ? -2.831  1.328   8.270   1.00 21.63 ? 174  ILE B CD1 1 
ATOM   952  N N   . SER B 1 39 ? -5.916  -1.028  12.459  1.00 22.30 ? 175  SER B N   1 
ATOM   953  C CA  . SER B 1 39 ? -6.226  -1.142  13.884  1.00 28.70 ? 175  SER B CA  1 
ATOM   954  C C   . SER B 1 39 ? -6.345  -2.595  14.337  1.00 26.48 ? 175  SER B C   1 
ATOM   955  O O   . SER B 1 39 ? -5.913  -2.954  15.433  1.00 27.92 ? 175  SER B O   1 
ATOM   956  C CB  . SER B 1 39 ? -7.509  -0.377  14.225  1.00 25.20 ? 175  SER B CB  1 
ATOM   957  O OG  . SER B 1 39 ? -7.229  0.986   14.491  1.00 30.95 ? 175  SER B OG  1 
ATOM   958  N N   . SER B 1 40 ? -6.923  -3.429  13.481  1.00 24.37 ? 176  SER B N   1 
ATOM   959  C CA  . SER B 1 40 ? -7.094  -4.841  13.797  1.00 29.70 ? 176  SER B CA  1 
ATOM   960  C C   . SER B 1 40 ? -5.804  -5.629  13.590  1.00 29.69 ? 176  SER B C   1 
ATOM   961  O O   . SER B 1 40 ? -5.583  -6.639  14.251  1.00 32.71 ? 176  SER B O   1 
ATOM   962  C CB  . SER B 1 40 ? -8.239  -5.451  12.984  1.00 23.04 ? 176  SER B CB  1 
ATOM   963  O OG  . SER B 1 40 ? -9.498  -4.985  13.438  1.00 27.58 ? 176  SER B OG  1 
ATOM   964  N N   . ILE B 1 41 ? -4.956  -5.169  12.676  1.00 23.98 ? 177  ILE B N   1 
ATOM   965  C CA  . ILE B 1 41 ? -3.630  -5.758  12.521  1.00 24.36 ? 177  ILE B CA  1 
ATOM   966  C C   . ILE B 1 41 ? -2.815  -5.503  13.787  1.00 30.64 ? 177  ILE B C   1 
ATOM   967  O O   . ILE B 1 41 ? -2.131  -6.393  14.291  1.00 26.62 ? 177  ILE B O   1 
ATOM   968  C CB  . ILE B 1 41 ? -2.877  -5.170  11.304  1.00 25.48 ? 177  ILE B CB  1 
ATOM   969  C CG1 . ILE B 1 41 ? -3.513  -5.639  9.993   1.00 25.88 ? 177  ILE B CG1 1 
ATOM   970  C CG2 . ILE B 1 41 ? -1.410  -5.569  11.333  1.00 24.76 ? 177  ILE B CG2 1 
ATOM   971  C CD1 . ILE B 1 41 ? -2.868  -5.034  8.757   1.00 21.64 ? 177  ILE B CD1 1 
ATOM   972  N N   . LYS B 1 42 ? -2.921  -4.283  14.305  1.00 27.37 ? 178  LYS B N   1 
ATOM   973  C CA  . LYS B 1 42 ? -2.164  -3.864  15.484  1.00 29.77 ? 178  LYS B CA  1 
ATOM   974  C C   . LYS B 1 42 ? -2.556  -4.614  16.756  1.00 25.70 ? 178  LYS B C   1 
ATOM   975  O O   . LYS B 1 42 ? -1.701  -5.176  17.440  1.00 25.98 ? 178  LYS B O   1 
ATOM   976  C CB  . LYS B 1 42 ? -2.310  -2.356  15.706  1.00 25.25 ? 178  LYS B CB  1 
ATOM   977  C CG  . LYS B 1 42 ? -1.599  -1.497  14.672  1.00 26.86 ? 178  LYS B CG  1 
ATOM   978  C CD  . LYS B 1 42 ? -1.563  -0.047  15.120  1.00 30.32 ? 178  LYS B CD  1 
ATOM   979  C CE  . LYS B 1 42 ? -0.836  0.824   14.115  1.00 35.30 ? 178  LYS B CE  1 
ATOM   980  N NZ  . LYS B 1 42 ? -0.707  2.225   14.602  1.00 42.78 ? 178  LYS B NZ  1 
ATOM   981  N N   . SER B 1 43 ? -3.847  -4.608  17.073  1.00 24.53 ? 179  SER B N   1 
ATOM   982  C CA  . SER B 1 43 ? -4.340  -5.265  18.279  1.00 25.99 ? 179  SER B CA  1 
ATOM   983  C C   . SER B 1 43 ? -4.112  -6.776  18.235  1.00 33.14 ? 179  SER B C   1 
ATOM   984  O O   . SER B 1 43 ? -3.891  -7.410  19.268  1.00 28.11 ? 179  SER B O   1 
ATOM   985  C CB  . SER B 1 43 ? -5.819  -4.946  18.503  1.00 17.85 ? 179  SER B CB  1 
ATOM   986  O OG  . SER B 1 43 ? -6.596  -5.319  17.381  1.00 40.01 ? 179  SER B OG  1 
ATOM   987  N N   . GLU B 1 44 ? -4.163  -7.347  17.034  1.00 30.49 ? 180  GLU B N   1 
ATOM   988  C CA  . GLU B 1 44 ? -3.866  -8.766  16.853  1.00 31.94 ? 180  GLU B CA  1 
ATOM   989  C C   . GLU B 1 44 ? -2.369  -9.029  16.938  1.00 31.70 ? 180  GLU B C   1 
ATOM   990  O O   . GLU B 1 44 ? -1.948  -10.105 17.363  1.00 26.40 ? 180  GLU B O   1 
ATOM   991  C CB  . GLU B 1 44 ? -4.418  -9.296  15.525  1.00 29.52 ? 180  GLU B CB  1 
ATOM   992  C CG  . GLU B 1 44 ? -5.925  -9.472  15.500  1.00 38.44 ? 180  GLU B CG  1 
ATOM   993  C CD  . GLU B 1 44 ? -6.371  -10.529 14.504  1.00 49.69 ? 180  GLU B CD  1 
ATOM   994  O OE1 . GLU B 1 44 ? -5.496  -11.158 13.867  1.00 44.18 ? 180  GLU B OE1 1 
ATOM   995  O OE2 . GLU B 1 44 ? -7.597  -10.736 14.363  1.00 58.98 ? 180  GLU B OE2 1 
ATOM   996  N N   . TYR B 1 45 ? -1.564  -8.053  16.526  1.00 26.23 ? 181  TYR B N   1 
ATOM   997  C CA  . TYR B 1 45 ? -0.122  -8.183  16.688  1.00 28.61 ? 181  TYR B CA  1 
ATOM   998  C C   . TYR B 1 45 ? 0.216   -8.252  18.172  1.00 31.60 ? 181  TYR B C   1 
ATOM   999  O O   . TYR B 1 45 ? 1.072   -9.033  18.586  1.00 28.85 ? 181  TYR B O   1 
ATOM   1000 C CB  . TYR B 1 45 ? 0.650   -7.035  16.029  1.00 27.22 ? 181  TYR B CB  1 
ATOM   1001 C CG  . TYR B 1 45 ? 2.149   -7.201  16.166  1.00 28.81 ? 181  TYR B CG  1 
ATOM   1002 C CD1 . TYR B 1 45 ? 2.868   -7.957  15.251  1.00 23.98 ? 181  TYR B CD1 1 
ATOM   1003 C CD2 . TYR B 1 45 ? 2.841   -6.625  17.225  1.00 24.13 ? 181  TYR B CD2 1 
ATOM   1004 C CE1 . TYR B 1 45 ? 4.235   -8.127  15.376  1.00 29.28 ? 181  TYR B CE1 1 
ATOM   1005 C CE2 . TYR B 1 45 ? 4.208   -6.791  17.362  1.00 28.52 ? 181  TYR B CE2 1 
ATOM   1006 C CZ  . TYR B 1 45 ? 4.900   -7.542  16.435  1.00 30.42 ? 181  TYR B CZ  1 
ATOM   1007 O OH  . TYR B 1 45 ? 6.261   -7.711  16.563  1.00 36.30 ? 181  TYR B OH  1 
ATOM   1008 N N   . ARG B 1 46 ? -0.463  -7.427  18.963  1.00 26.02 ? 182  ARG B N   1 
ATOM   1009 C CA  . ARG B 1 46 ? -0.255  -7.396  20.406  1.00 29.14 ? 182  ARG B CA  1 
ATOM   1010 C C   . ARG B 1 46 ? -0.599  -8.741  21.029  1.00 31.15 ? 182  ARG B C   1 
ATOM   1011 O O   . ARG B 1 46 ? 0.126   -9.246  21.886  1.00 36.51 ? 182  ARG B O   1 
ATOM   1012 C CB  . ARG B 1 46 ? -1.100  -6.294  21.048  1.00 27.56 ? 182  ARG B CB  1 
ATOM   1013 C CG  . ARG B 1 46 ? -1.118  -6.336  22.568  1.00 26.94 ? 182  ARG B CG  1 
ATOM   1014 C CD  . ARG B 1 46 ? 0.226   -5.942  23.161  1.00 28.88 ? 182  ARG B CD  1 
ATOM   1015 N NE  . ARG B 1 46 ? 0.356   -4.494  23.300  1.00 31.70 ? 182  ARG B NE  1 
ATOM   1016 C CZ  . ARG B 1 46 ? 1.262   -3.892  24.063  1.00 33.18 ? 182  ARG B CZ  1 
ATOM   1017 N NH1 . ARG B 1 46 ? 2.124   -4.613  24.768  1.00 33.12 ? 182  ARG B NH1 1 
ATOM   1018 N NH2 . ARG B 1 46 ? 1.303   -2.567  24.130  1.00 27.91 ? 182  ARG B NH2 1 
ATOM   1019 N N   . LYS B 1 47 ? -1.711  -9.319  20.585  1.00 29.12 ? 183  LYS B N   1 
ATOM   1020 C CA  . LYS B 1 47 ? -2.181  -10.601 21.105  1.00 32.31 ? 183  LYS B CA  1 
ATOM   1021 C C   . LYS B 1 47 ? -1.219  -11.749 20.798  1.00 30.56 ? 183  LYS B C   1 
ATOM   1022 O O   . LYS B 1 47 ? -1.129  -12.707 21.565  1.00 37.26 ? 183  LYS B O   1 
ATOM   1023 C CB  . LYS B 1 47 ? -3.576  -10.927 20.553  1.00 31.13 ? 183  LYS B CB  1 
ATOM   1024 C CG  . LYS B 1 47 ? -4.710  -10.141 21.197  1.00 35.85 ? 183  LYS B CG  1 
ATOM   1025 C CD  . LYS B 1 47 ? -6.036  -10.350 20.468  1.00 41.00 ? 183  LYS B CD  1 
ATOM   1026 C CE  . LYS B 1 47 ? -6.450  -11.816 20.444  1.00 46.57 ? 183  LYS B CE  1 
ATOM   1027 N NZ  . LYS B 1 47 ? -7.725  -12.029 19.698  1.00 53.27 ? 183  LYS B NZ  1 
ATOM   1028 N N   . LEU B 1 48 ? -0.502  -11.651 19.683  1.00 34.94 ? 184  LEU B N   1 
ATOM   1029 C CA  . LEU B 1 48 ? 0.371   -12.736 19.242  1.00 34.21 ? 184  LEU B CA  1 
ATOM   1030 C C   . LEU B 1 48 ? 1.813   -12.595 19.733  1.00 29.53 ? 184  LEU B C   1 
ATOM   1031 O O   . LEU B 1 48 ? 2.579   -13.561 19.712  1.00 33.60 ? 184  LEU B O   1 
ATOM   1032 C CB  . LEU B 1 48 ? 0.339   -12.866 17.716  1.00 29.79 ? 184  LEU B CB  1 
ATOM   1033 C CG  . LEU B 1 48 ? -1.000  -13.293 17.107  1.00 33.72 ? 184  LEU B CG  1 
ATOM   1034 C CD1 . LEU B 1 48 ? -0.888  -13.481 15.597  1.00 32.33 ? 184  LEU B CD1 1 
ATOM   1035 C CD2 . LEU B 1 48 ? -1.531  -14.560 17.781  1.00 39.70 ? 184  LEU B CD2 1 
ATOM   1036 N N   . THR B 1 49 ? 2.180   -11.399 20.182  1.00 28.97 ? 185  THR B N   1 
ATOM   1037 C CA  . THR B 1 49 ? 3.555   -11.132 20.588  1.00 31.45 ? 185  THR B CA  1 
ATOM   1038 C C   . THR B 1 49 ? 3.652   -10.632 22.025  1.00 27.96 ? 185  THR B C   1 
ATOM   1039 O O   . THR B 1 49 ? 4.590   -10.969 22.747  1.00 29.47 ? 185  THR B O   1 
ATOM   1040 C CB  . THR B 1 49 ? 4.216   -10.083 19.670  1.00 31.81 ? 185  THR B CB  1 
ATOM   1041 O OG1 . THR B 1 49 ? 3.604   -8.804  19.883  1.00 26.31 ? 185  THR B OG1 1 
ATOM   1042 C CG2 . THR B 1 49 ? 4.075   -10.479 18.206  1.00 29.12 ? 185  THR B CG2 1 
ATOM   1043 N N   . GLY B 1 50 ? 2.681   -9.820  22.428  1.00 28.07 ? 186  GLY B N   1 
ATOM   1044 C CA  . GLY B 1 50 ? 2.722   -9.173  23.726  1.00 23.08 ? 186  GLY B CA  1 
ATOM   1045 C C   . GLY B 1 50 ? 3.302   -7.783  23.576  1.00 27.30 ? 186  GLY B C   1 
ATOM   1046 O O   . GLY B 1 50 ? 3.368   -7.014  24.534  1.00 29.27 ? 186  GLY B O   1 
ATOM   1047 N N   . ASN B 1 51 ? 3.719   -7.466  22.355  1.00 27.22 ? 187  ASN B N   1 
ATOM   1048 C CA  . ASN B 1 51 ? 4.322   -6.178  22.048  1.00 30.93 ? 187  ASN B CA  1 
ATOM   1049 C C   . ASN B 1 51 ? 3.374   -5.286  21.264  1.00 31.74 ? 187  ASN B C   1 
ATOM   1050 O O   . ASN B 1 51 ? 2.524   -5.774  20.521  1.00 31.63 ? 187  ASN B O   1 
ATOM   1051 C CB  . ASN B 1 51 ? 5.611   -6.369  21.246  1.00 31.21 ? 187  ASN B CB  1 
ATOM   1052 C CG  . ASN B 1 51 ? 6.702   -7.048  22.046  1.00 32.75 ? 187  ASN B CG  1 
ATOM   1053 O OD1 . ASN B 1 51 ? 6.816   -6.848  23.255  1.00 35.32 ? 187  ASN B OD1 1 
ATOM   1054 N ND2 . ASN B 1 51 ? 7.511   -7.859  21.373  1.00 27.12 ? 187  ASN B ND2 1 
ATOM   1055 N N   . PRO B 1 52 ? 3.510   -3.968  21.433  1.00 29.92 ? 188  PRO B N   1 
ATOM   1056 C CA  . PRO B 1 52 ? 2.784   -3.052  20.552  1.00 31.26 ? 188  PRO B CA  1 
ATOM   1057 C C   . PRO B 1 52 ? 3.407   -3.109  19.166  1.00 33.00 ? 188  PRO B C   1 
ATOM   1058 O O   . PRO B 1 52 ? 4.617   -3.315  19.061  1.00 26.85 ? 188  PRO B O   1 
ATOM   1059 C CB  . PRO B 1 52 ? 3.034   -1.685  21.190  1.00 33.26 ? 188  PRO B CB  1 
ATOM   1060 C CG  . PRO B 1 52 ? 4.315   -1.848  21.940  1.00 33.44 ? 188  PRO B CG  1 
ATOM   1061 C CD  . PRO B 1 52 ? 4.298   -3.255  22.452  1.00 29.91 ? 188  PRO B CD  1 
ATOM   1062 N N   . PHE B 1 53 ? 2.599   -2.949  18.122  1.00 31.80 ? 189  PHE B N   1 
ATOM   1063 C CA  . PHE B 1 53 ? 3.116   -2.937  16.760  1.00 30.34 ? 189  PHE B CA  1 
ATOM   1064 C C   . PHE B 1 53 ? 4.108   -1.783  16.621  1.00 30.51 ? 189  PHE B C   1 
ATOM   1065 O O   . PHE B 1 53 ? 3.763   -0.628  16.870  1.00 35.46 ? 189  PHE B O   1 
ATOM   1066 C CB  . PHE B 1 53 ? 1.970   -2.817  15.752  1.00 28.61 ? 189  PHE B CB  1 
ATOM   1067 C CG  . PHE B 1 53 ? 2.346   -3.201  14.349  1.00 30.98 ? 189  PHE B CG  1 
ATOM   1068 C CD1 . PHE B 1 53 ? 2.722   -4.500  14.046  1.00 31.92 ? 189  PHE B CD1 1 
ATOM   1069 C CD2 . PHE B 1 53 ? 2.308   -2.265  13.330  1.00 29.65 ? 189  PHE B CD2 1 
ATOM   1070 C CE1 . PHE B 1 53 ? 3.066   -4.855  12.758  1.00 36.60 ? 189  PHE B CE1 1 
ATOM   1071 C CE2 . PHE B 1 53 ? 2.647   -2.616  12.038  1.00 29.29 ? 189  PHE B CE2 1 
ATOM   1072 C CZ  . PHE B 1 53 ? 3.027   -3.914  11.752  1.00 29.98 ? 189  PHE B CZ  1 
ATOM   1073 N N   . PRO B 1 54 ? 5.354   -2.100  16.239  1.00 29.22 ? 190  PRO B N   1 
ATOM   1074 C CA  . PRO B 1 54 ? 6.475   -1.155  16.309  1.00 29.99 ? 190  PRO B CA  1 
ATOM   1075 C C   . PRO B 1 54 ? 6.509   -0.119  15.186  1.00 35.28 ? 190  PRO B C   1 
ATOM   1076 O O   . PRO B 1 54 ? 7.543   0.514   14.973  1.00 40.05 ? 190  PRO B O   1 
ATOM   1077 C CB  . PRO B 1 54 ? 7.694   -2.071  16.220  1.00 31.05 ? 190  PRO B CB  1 
ATOM   1078 C CG  . PRO B 1 54 ? 7.227   -3.214  15.395  1.00 36.07 ? 190  PRO B CG  1 
ATOM   1079 C CD  . PRO B 1 54 ? 5.781   -3.427  15.761  1.00 28.32 ? 190  PRO B CD  1 
ATOM   1080 N N   . LEU B 1 55 ? 5.400   0.051   14.477  1.00 35.67 ? 191  LEU B N   1 
ATOM   1081 C CA  . LEU B 1 55 ? 5.281   1.128   13.501  1.00 35.85 ? 191  LEU B CA  1 
ATOM   1082 C C   . LEU B 1 55 ? 4.133   2.046   13.901  1.00 39.38 ? 191  LEU B C   1 
ATOM   1083 O O   . LEU B 1 55 ? 3.007   1.589   14.095  1.00 37.97 ? 191  LEU B O   1 
ATOM   1084 C CB  . LEU B 1 55 ? 5.053   0.580   12.092  1.00 36.55 ? 191  LEU B CB  1 
ATOM   1085 C CG  . LEU B 1 55 ? 6.271   0.153   11.267  1.00 34.36 ? 191  LEU B CG  1 
ATOM   1086 C CD1 . LEU B 1 55 ? 7.293   1.277   11.184  1.00 31.77 ? 191  LEU B CD1 1 
ATOM   1087 C CD2 . LEU B 1 55 ? 6.906   -1.106  11.834  1.00 36.61 ? 191  LEU B CD2 1 
ATOM   1088 N N   . HIS B 1 56 ? 4.420   3.338   14.020  1.00 35.40 ? 192  HIS B N   1 
ATOM   1089 C CA  . HIS B 1 56 ? 3.436   4.296   14.522  1.00 43.94 ? 192  HIS B CA  1 
ATOM   1090 C C   . HIS B 1 56 ? 2.964   5.277   13.454  1.00 41.68 ? 192  HIS B C   1 
ATOM   1091 O O   . HIS B 1 56 ? 1.883   5.855   13.567  1.00 47.89 ? 192  HIS B O   1 
ATOM   1092 C CB  . HIS B 1 56 ? 3.998   5.048   15.729  1.00 49.58 ? 192  HIS B CB  1 
ATOM   1093 C CG  . HIS B 1 56 ? 4.323   4.162   16.890  1.00 54.23 ? 192  HIS B CG  1 
ATOM   1094 N ND1 . HIS B 1 56 ? 3.353   3.636   17.719  1.00 51.28 ? 192  HIS B ND1 1 
ATOM   1095 C CD2 . HIS B 1 56 ? 5.507   3.706   17.363  1.00 50.44 ? 192  HIS B CD2 1 
ATOM   1096 C CE1 . HIS B 1 56 ? 3.926   2.898   18.650  1.00 51.56 ? 192  HIS B CE1 1 
ATOM   1097 N NE2 . HIS B 1 56 ? 5.233   2.923   18.459  1.00 49.34 ? 192  HIS B NE2 1 
ATOM   1098 N N   . ASP B 1 57 ? 3.779   5.470   12.422  1.00 34.34 ? 193  ASP B N   1 
ATOM   1099 C CA  . ASP B 1 57 ? 3.389   6.311   11.300  1.00 39.34 ? 193  ASP B CA  1 
ATOM   1100 C C   . ASP B 1 57 ? 3.641   5.593   9.980   1.00 36.69 ? 193  ASP B C   1 
ATOM   1101 O O   . ASP B 1 57 ? 4.549   4.767   9.878   1.00 39.84 ? 193  ASP B O   1 
ATOM   1102 C CB  . ASP B 1 57 ? 4.128   7.650   11.337  1.00 39.08 ? 193  ASP B CB  1 
ATOM   1103 C CG  . ASP B 1 57 ? 3.532   8.667   10.384  1.00 52.39 ? 193  ASP B CG  1 
ATOM   1104 O OD1 . ASP B 1 57 ? 2.358   8.494   9.995   1.00 45.79 ? 193  ASP B OD1 1 
ATOM   1105 O OD2 . ASP B 1 57 ? 4.234   9.636   10.026  1.00 56.00 ? 193  ASP B OD2 1 
ATOM   1106 N N   . ASN B 1 58 ? 2.819   5.906   8.982   1.00 38.19 ? 194  ASN B N   1 
ATOM   1107 C CA  . ASN B 1 58 ? 2.923   5.292   7.662   1.00 31.68 ? 194  ASN B CA  1 
ATOM   1108 C C   . ASN B 1 58 ? 2.971   3.764   7.707   1.00 29.39 ? 194  ASN B C   1 
ATOM   1109 O O   . ASN B 1 58 ? 3.871   3.149   7.138   1.00 27.87 ? 194  ASN B O   1 
ATOM   1110 C CB  . ASN B 1 58 ? 4.130   5.850   6.903   1.00 31.93 ? 194  ASN B CB  1 
ATOM   1111 C CG  . ASN B 1 58 ? 3.755   6.983   5.963   1.00 46.68 ? 194  ASN B CG  1 
ATOM   1112 O OD1 . ASN B 1 58 ? 3.885   6.861   4.743   1.00 52.94 ? 194  ASN B OD1 1 
ATOM   1113 N ND2 . ASN B 1 58 ? 3.278   8.090   6.527   1.00 45.93 ? 194  ASN B ND2 1 
ATOM   1114 N N   . VAL B 1 59 ? 2.004   3.164   8.399   1.00 30.74 ? 195  VAL B N   1 
ATOM   1115 C CA  . VAL B 1 59 ? 1.895   1.709   8.476   1.00 31.03 ? 195  VAL B CA  1 
ATOM   1116 C C   . VAL B 1 59 ? 1.610   1.132   7.093   1.00 24.48 ? 195  VAL B C   1 
ATOM   1117 O O   . VAL B 1 59 ? 2.127   0.076   6.735   1.00 23.46 ? 195  VAL B O   1 
ATOM   1118 C CB  . VAL B 1 59 ? 0.790   1.266   9.464   1.00 28.91 ? 195  VAL B CB  1 
ATOM   1119 C CG1 . VAL B 1 59 ? 0.726   -0.251  9.555   1.00 29.13 ? 195  VAL B CG1 1 
ATOM   1120 C CG2 . VAL B 1 59 ? 1.041   1.860   10.840  1.00 31.36 ? 195  VAL B CG2 1 
ATOM   1121 N N   . THR B 1 60 ? 0.795   1.844   6.318   1.00 26.33 ? 196  THR B N   1 
ATOM   1122 C CA  . THR B 1 60 ? 0.467   1.452   4.948   1.00 27.15 ? 196  THR B CA  1 
ATOM   1123 C C   . THR B 1 60 ? 1.719   1.212   4.106   1.00 24.61 ? 196  THR B C   1 
ATOM   1124 O O   . THR B 1 60 ? 1.828   0.194   3.420   1.00 24.35 ? 196  THR B O   1 
ATOM   1125 C CB  . THR B 1 60 ? -0.396  2.522   4.248   1.00 21.95 ? 196  THR B CB  1 
ATOM   1126 O OG1 . THR B 1 60 ? -1.593  2.748   5.004   1.00 25.50 ? 196  THR B OG1 1 
ATOM   1127 C CG2 . THR B 1 60 ? -0.764  2.083   2.839   1.00 21.24 ? 196  THR B CG2 1 
ATOM   1128 N N   . ASP B 1 61 ? 2.660   2.149   4.163   1.00 24.34 ? 197  ASP B N   1 
ATOM   1129 C CA  . ASP B 1 61 ? 3.904   2.024   3.408   1.00 27.30 ? 197  ASP B CA  1 
ATOM   1130 C C   . ASP B 1 61 ? 4.750   0.848   3.893   1.00 26.37 ? 197  ASP B C   1 
ATOM   1131 O O   . ASP B 1 61 ? 5.339   0.134   3.086   1.00 28.13 ? 197  ASP B O   1 
ATOM   1132 C CB  . ASP B 1 61 ? 4.714   3.327   3.463   1.00 23.03 ? 197  ASP B CB  1 
ATOM   1133 C CG  . ASP B 1 61 ? 6.097   3.183   2.854   1.00 27.63 ? 197  ASP B CG  1 
ATOM   1134 O OD1 . ASP B 1 61 ? 6.194   3.054   1.615   1.00 32.84 ? 197  ASP B OD1 1 
ATOM   1135 O OD2 . ASP B 1 61 ? 7.087   3.213   3.614   1.00 28.71 ? 197  ASP B OD2 1 
ATOM   1136 N N   . PHE B 1 62 ? 4.799   0.647   5.207   1.00 26.42 ? 198  PHE B N   1 
ATOM   1137 C CA  . PHE B 1 62 ? 5.563   -0.459  5.780   1.00 27.22 ? 198  PHE B CA  1 
ATOM   1138 C C   . PHE B 1 62 ? 4.986   -1.805  5.356   1.00 24.90 ? 198  PHE B C   1 
ATOM   1139 O O   . PHE B 1 62 ? 5.722   -2.721  4.987   1.00 23.21 ? 198  PHE B O   1 
ATOM   1140 C CB  . PHE B 1 62 ? 5.611   -0.374  7.310   1.00 28.27 ? 198  PHE B CB  1 
ATOM   1141 C CG  . PHE B 1 62 ? 6.234   -1.580  7.957   1.00 24.82 ? 198  PHE B CG  1 
ATOM   1142 C CD1 . PHE B 1 62 ? 7.610   -1.726  7.995   1.00 27.62 ? 198  PHE B CD1 1 
ATOM   1143 C CD2 . PHE B 1 62 ? 5.445   -2.574  8.514   1.00 24.50 ? 198  PHE B CD2 1 
ATOM   1144 C CE1 . PHE B 1 62 ? 8.185   -2.836  8.580   1.00 31.65 ? 198  PHE B CE1 1 
ATOM   1145 C CE2 . PHE B 1 62 ? 6.019   -3.686  9.101   1.00 30.63 ? 198  PHE B CE2 1 
ATOM   1146 C CZ  . PHE B 1 62 ? 7.389   -3.818  9.133   1.00 30.36 ? 198  PHE B CZ  1 
ATOM   1147 N N   . LEU B 1 63 ? 3.664   -1.915  5.423   1.00 24.70 ? 199  LEU B N   1 
ATOM   1148 C CA  . LEU B 1 63 ? 2.972   -3.144  5.058   1.00 24.60 ? 199  LEU B CA  1 
ATOM   1149 C C   . LEU B 1 63 ? 3.173   -3.459  3.581   1.00 27.78 ? 199  LEU B C   1 
ATOM   1150 O O   . LEU B 1 63 ? 3.263   -4.622  3.191   1.00 25.69 ? 199  LEU B O   1 
ATOM   1151 C CB  . LEU B 1 63 ? 1.480   -3.029  5.373   1.00 20.37 ? 199  LEU B CB  1 
ATOM   1152 C CG  . LEU B 1 63 ? 1.104   -2.915  6.853   1.00 26.28 ? 199  LEU B CG  1 
ATOM   1153 C CD1 . LEU B 1 63 ? -0.400  -2.726  7.018   1.00 24.22 ? 199  LEU B CD1 1 
ATOM   1154 C CD2 . LEU B 1 63 ? 1.587   -4.134  7.621   1.00 18.63 ? 199  LEU B CD2 1 
ATOM   1155 N N   . LEU B 1 64 ? 3.252   -2.413  2.764   1.00 21.88 ? 200  LEU B N   1 
ATOM   1156 C CA  . LEU B 1 64 ? 3.462   -2.579  1.330   1.00 24.26 ? 200  LEU B CA  1 
ATOM   1157 C C   . LEU B 1 64 ? 4.945   -2.696  0.971   1.00 27.86 ? 200  LEU B C   1 
ATOM   1158 O O   . LEU B 1 64 ? 5.327   -2.526  -0.188  1.00 24.66 ? 200  LEU B O   1 
ATOM   1159 C CB  . LEU B 1 64 ? 2.785   -1.449  0.544   1.00 21.65 ? 200  LEU B CB  1 
ATOM   1160 C CG  . LEU B 1 64 ? 1.252   -1.451  0.575   1.00 20.93 ? 200  LEU B CG  1 
ATOM   1161 C CD1 . LEU B 1 64 ? 0.665   -0.299  -0.239  1.00 24.19 ? 200  LEU B CD1 1 
ATOM   1162 C CD2 . LEU B 1 64 ? 0.708   -2.787  0.088   1.00 20.73 ? 200  LEU B CD2 1 
ATOM   1163 N N   . THR B 1 65 ? 5.777   -2.983  1.970   1.00 23.88 ? 201  THR B N   1 
ATOM   1164 C CA  . THR B 1 65 ? 7.165   -3.366  1.726   1.00 27.60 ? 201  THR B CA  1 
ATOM   1165 C C   . THR B 1 65 ? 7.304   -4.862  1.971   1.00 25.28 ? 201  THR B C   1 
ATOM   1166 O O   . THR B 1 65 ? 8.394   -5.429  1.876   1.00 29.25 ? 201  THR B O   1 
ATOM   1167 C CB  . THR B 1 65 ? 8.156   -2.599  2.623   1.00 27.98 ? 201  THR B CB  1 
ATOM   1168 O OG1 . THR B 1 65 ? 7.818   -2.803  4.001   1.00 25.79 ? 201  THR B OG1 1 
ATOM   1169 C CG2 . THR B 1 65 ? 8.124   -1.113  2.306   1.00 21.47 ? 201  THR B CG2 1 
ATOM   1170 N N   . ILE B 1 66 ? 6.178   -5.490  2.296   1.00 27.53 ? 202  ILE B N   1 
ATOM   1171 C CA  . ILE B 1 66 ? 6.107   -6.935  2.441   1.00 31.16 ? 202  ILE B CA  1 
ATOM   1172 C C   . ILE B 1 66 ? 5.466   -7.518  1.191   1.00 25.99 ? 202  ILE B C   1 
ATOM   1173 O O   . ILE B 1 66 ? 4.308   -7.229  0.894   1.00 25.85 ? 202  ILE B O   1 
ATOM   1174 C CB  . ILE B 1 66 ? 5.276   -7.333  3.667   1.00 28.98 ? 202  ILE B CB  1 
ATOM   1175 C CG1 . ILE B 1 66 ? 5.848   -6.686  4.931   1.00 28.57 ? 202  ILE B CG1 1 
ATOM   1176 C CG2 . ILE B 1 66 ? 5.220   -8.846  3.808   1.00 27.51 ? 202  ILE B CG2 1 
ATOM   1177 C CD1 . ILE B 1 66 ? 5.014   -6.925  6.171   1.00 16.80 ? 202  ILE B CD1 1 
ATOM   1178 N N   . PRO B 1 67 ? 6.227   -8.333  0.444   1.00 28.43 ? 203  PRO B N   1 
ATOM   1179 C CA  . PRO B 1 67 ? 5.777   -8.926  -0.820  1.00 28.39 ? 203  PRO B CA  1 
ATOM   1180 C C   . PRO B 1 67 ? 4.450   -9.671  -0.684  1.00 28.95 ? 203  PRO B C   1 
ATOM   1181 O O   . PRO B 1 67 ? 4.228   -10.339 0.326   1.00 30.19 ? 203  PRO B O   1 
ATOM   1182 C CB  . PRO B 1 67 ? 6.904   -9.901  -1.163  1.00 30.76 ? 203  PRO B CB  1 
ATOM   1183 C CG  . PRO B 1 67 ? 8.111   -9.306  -0.527  1.00 29.00 ? 203  PRO B CG  1 
ATOM   1184 C CD  . PRO B 1 67 ? 7.620   -8.697  0.757   1.00 28.39 ? 203  PRO B CD  1 
ATOM   1185 N N   . ASN B 1 68 ? 3.596   -9.530  -1.698  1.00 33.20 ? 204  ASN B N   1 
ATOM   1186 C CA  . ASN B 1 68 ? 2.273   -10.165 -1.769  1.00 31.98 ? 204  ASN B CA  1 
ATOM   1187 C C   . ASN B 1 68 ? 1.203   -9.542  -0.866  1.00 32.20 ? 204  ASN B C   1 
ATOM   1188 O O   . ASN B 1 68 ? 0.062   -10.006 -0.840  1.00 30.71 ? 204  ASN B O   1 
ATOM   1189 C CB  . ASN B 1 68 ? 2.357   -11.680 -1.553  1.00 32.86 ? 204  ASN B CB  1 
ATOM   1190 C CG  . ASN B 1 68 ? 3.345   -12.348 -2.488  1.00 33.75 ? 204  ASN B CG  1 
ATOM   1191 O OD1 . ASN B 1 68 ? 3.499   -11.948 -3.642  1.00 34.23 ? 204  ASN B OD1 1 
ATOM   1192 N ND2 . ASN B 1 68 ? 4.024   -13.373 -1.991  1.00 36.44 ? 204  ASN B ND2 1 
ATOM   1193 N N   . VAL B 1 69 ? 1.567   -8.493  -0.135  1.00 26.19 ? 205  VAL B N   1 
ATOM   1194 C CA  . VAL B 1 69 ? 0.588   -7.736  0.637   1.00 25.93 ? 205  VAL B CA  1 
ATOM   1195 C C   . VAL B 1 69 ? -0.175  -6.794  -0.283  1.00 27.27 ? 205  VAL B C   1 
ATOM   1196 O O   . VAL B 1 69 ? 0.422   -6.035  -1.048  1.00 26.97 ? 205  VAL B O   1 
ATOM   1197 C CB  . VAL B 1 69 ? 1.241   -6.917  1.774   1.00 27.07 ? 205  VAL B CB  1 
ATOM   1198 C CG1 . VAL B 1 69 ? 0.237   -5.942  2.382   1.00 21.80 ? 205  VAL B CG1 1 
ATOM   1199 C CG2 . VAL B 1 69 ? 1.805   -7.840  2.840   1.00 24.30 ? 205  VAL B CG2 1 
ATOM   1200 N N   . THR B 1 70 ? -1.497  -6.857  -0.213  1.00 27.99 ? 206  THR B N   1 
ATOM   1201 C CA  . THR B 1 70 ? -2.339  -5.968  -0.996  1.00 22.82 ? 206  THR B CA  1 
ATOM   1202 C C   . THR B 1 70 ? -3.136  -5.052  -0.083  1.00 25.74 ? 206  THR B C   1 
ATOM   1203 O O   . THR B 1 70 ? -3.466  -5.414  1.046   1.00 28.71 ? 206  THR B O   1 
ATOM   1204 C CB  . THR B 1 70 ? -3.322  -6.750  -1.881  1.00 28.48 ? 206  THR B CB  1 
ATOM   1205 O OG1 . THR B 1 70 ? -4.234  -7.479  -1.051  1.00 34.51 ? 206  THR B OG1 1 
ATOM   1206 C CG2 . THR B 1 70 ? -2.575  -7.717  -2.788  1.00 27.69 ? 206  THR B CG2 1 
ATOM   1207 N N   . ALA B 1 71 ? -3.432  -3.858  -0.580  1.00 26.98 ? 207  ALA B N   1 
ATOM   1208 C CA  . ALA B 1 71 ? -4.298  -2.926  0.123   1.00 27.18 ? 207  ALA B CA  1 
ATOM   1209 C C   . ALA B 1 71 ? -5.343  -2.416  -0.858  1.00 25.14 ? 207  ALA B C   1 
ATOM   1210 O O   . ALA B 1 71 ? -5.104  -2.396  -2.063  1.00 23.04 ? 207  ALA B O   1 
ATOM   1211 C CB  . ALA B 1 71 ? -3.488  -1.772  0.688   1.00 23.95 ? 207  ALA B CB  1 
ATOM   1212 N N   . GLU B 1 72 ? -6.506  -2.018  -0.353  1.00 23.46 ? 208  GLU B N   1 
ATOM   1213 C CA  . GLU B 1 72 ? -7.531  -1.440  -1.213  1.00 29.26 ? 208  GLU B CA  1 
ATOM   1214 C C   . GLU B 1 72 ? -8.415  -0.470  -0.445  1.00 28.82 ? 208  GLU B C   1 
ATOM   1215 O O   . GLU B 1 72 ? -8.655  -0.639  0.753   1.00 27.54 ? 208  GLU B O   1 
ATOM   1216 C CB  . GLU B 1 72 ? -8.383  -2.526  -1.881  1.00 28.48 ? 208  GLU B CB  1 
ATOM   1217 C CG  . GLU B 1 72 ? -9.542  -3.028  -1.039  1.00 36.06 ? 208  GLU B CG  1 
ATOM   1218 C CD  . GLU B 1 72 ? -10.329 -4.128  -1.726  1.00 48.01 ? 208  GLU B CD  1 
ATOM   1219 O OE1 . GLU B 1 72 ? -11.142 -3.814  -2.622  1.00 55.74 ? 208  GLU B OE1 1 
ATOM   1220 O OE2 . GLU B 1 72 ? -10.133 -5.308  -1.364  1.00 44.66 ? 208  GLU B OE2 1 
ATOM   1221 N N   . CYS B 1 73 ? -8.882  0.557   -1.142  1.00 30.44 ? 209  CYS B N   1 
ATOM   1222 C CA  . CYS B 1 73 ? -9.806  1.514   -0.559  1.00 29.58 ? 209  CYS B CA  1 
ATOM   1223 C C   . CYS B 1 73 ? -11.221 1.003   -0.773  1.00 28.22 ? 209  CYS B C   1 
ATOM   1224 O O   . CYS B 1 73 ? -11.656 0.818   -1.911  1.00 34.41 ? 209  CYS B O   1 
ATOM   1225 C CB  . CYS B 1 73 ? -9.636  2.888   -1.211  1.00 24.70 ? 209  CYS B CB  1 
ATOM   1226 S SG  . CYS B 1 73 ? -10.601 4.216   -0.451  1.00 25.83 ? 209  CYS B SG  1 
ATOM   1227 N N   . SER B 1 74 ? -11.931 0.752   0.320   1.00 27.50 ? 210  SER B N   1 
ATOM   1228 C CA  . SER B 1 74 ? -13.321 0.334   0.226   1.00 37.51 ? 210  SER B CA  1 
ATOM   1229 C C   . SER B 1 74 ? -14.160 1.527   -0.201  1.00 37.85 ? 210  SER B C   1 
ATOM   1230 O O   . SER B 1 74 ? -13.687 2.663   -0.184  1.00 32.17 ? 210  SER B O   1 
ATOM   1231 C CB  . SER B 1 74 ? -13.820 -0.209  1.565   1.00 38.60 ? 210  SER B CB  1 
ATOM   1232 O OG  . SER B 1 74 ? -13.924 0.833   2.518   1.00 42.14 ? 210  SER B OG  1 
ATOM   1233 N N   . GLU B 1 75 ? -15.405 1.268   -0.582  1.00 38.00 ? 211  GLU B N   1 
ATOM   1234 C CA  . GLU B 1 75 ? -16.311 2.331   -1.007  1.00 35.72 ? 211  GLU B CA  1 
ATOM   1235 C C   . GLU B 1 75 ? -16.515 3.377   0.086   1.00 36.10 ? 211  GLU B C   1 
ATOM   1236 O O   . GLU B 1 75 ? -16.688 4.562   -0.200  1.00 38.42 ? 211  GLU B O   1 
ATOM   1237 C CB  . GLU B 1 75 ? -17.657 1.746   -1.437  1.00 39.94 ? 211  GLU B CB  1 
ATOM   1238 C CG  . GLU B 1 75 ? -17.586 0.889   -2.690  1.00 40.57 ? 211  GLU B CG  1 
ATOM   1239 C CD  . GLU B 1 75 ? -17.381 1.711   -3.950  1.00 47.93 ? 211  GLU B CD  1 
ATOM   1240 O OE1 . GLU B 1 75 ? -17.562 2.947   -3.900  1.00 51.89 ? 211  GLU B OE1 1 
ATOM   1241 O OE2 . GLU B 1 75 ? -17.047 1.117   -4.997  1.00 53.05 ? 211  GLU B OE2 1 
ATOM   1242 N N   . SER B 1 76 ? -16.484 2.931   1.337   1.00 35.11 ? 212  SER B N   1 
ATOM   1243 C CA  . SER B 1 76 ? -16.655 3.823   2.478   1.00 38.46 ? 212  SER B CA  1 
ATOM   1244 C C   . SER B 1 76 ? -15.362 4.566   2.806   1.00 42.45 ? 212  SER B C   1 
ATOM   1245 O O   . SER B 1 76 ? -15.369 5.539   3.559   1.00 35.16 ? 212  SER B O   1 
ATOM   1246 C CB  . SER B 1 76 ? -17.131 3.033   3.698   1.00 35.26 ? 212  SER B CB  1 
ATOM   1247 O OG  . SER B 1 76 ? -16.180 2.048   4.061   1.00 41.25 ? 212  SER B OG  1 
ATOM   1248 N N   . GLY B 1 77 ? -14.256 4.102   2.236   1.00 39.56 ? 213  GLY B N   1 
ATOM   1249 C CA  . GLY B 1 77 ? -12.966 4.738   2.436   1.00 33.72 ? 213  GLY B CA  1 
ATOM   1250 C C   . GLY B 1 77 ? -12.087 4.008   3.433   1.00 29.88 ? 213  GLY B C   1 
ATOM   1251 O O   . GLY B 1 77 ? -10.957 4.419   3.700   1.00 27.08 ? 213  GLY B O   1 
ATOM   1252 N N   . LYS B 1 78 ? -12.614 2.926   3.997   1.00 32.69 ? 214  LYS B N   1 
ATOM   1253 C CA  . LYS B 1 78 ? -11.837 2.067   4.882   1.00 34.36 ? 214  LYS B CA  1 
ATOM   1254 C C   . LYS B 1 78 ? -10.707 1.413   4.104   1.00 31.47 ? 214  LYS B C   1 
ATOM   1255 O O   . LYS B 1 78 ? -10.889 1.006   2.958   1.00 32.03 ? 214  LYS B O   1 
ATOM   1256 C CB  . LYS B 1 78 ? -12.730 0.989   5.498   1.00 34.65 ? 214  LYS B CB  1 
ATOM   1257 C CG  . LYS B 1 78 ? -13.487 1.424   6.739   1.00 46.49 ? 214  LYS B CG  1 
ATOM   1258 C CD  . LYS B 1 78 ? -14.514 0.379   7.149   1.00 53.25 ? 214  LYS B CD  1 
ATOM   1259 C CE  . LYS B 1 78 ? -13.878 -0.995  7.298   1.00 45.34 ? 214  LYS B CE  1 
ATOM   1260 N NZ  . LYS B 1 78 ? -14.903 -2.066  7.464   1.00 56.39 ? 214  LYS B NZ  1 
ATOM   1261 N N   . ARG B 1 79 ? -9.537  1.315   4.726   1.00 24.39 ? 215  ARG B N   1 
ATOM   1262 C CA  . ARG B 1 79 ? -8.387  0.710   4.065   1.00 26.40 ? 215  ARG B CA  1 
ATOM   1263 C C   . ARG B 1 79 ? -8.257  -0.762  4.441   1.00 28.56 ? 215  ARG B C   1 
ATOM   1264 O O   . ARG B 1 79 ? -8.060  -1.107  5.608   1.00 25.26 ? 215  ARG B O   1 
ATOM   1265 C CB  . ARG B 1 79 ? -7.103  1.482   4.377   1.00 20.61 ? 215  ARG B CB  1 
ATOM   1266 C CG  . ARG B 1 79 ? -5.997  1.274   3.350   1.00 23.16 ? 215  ARG B CG  1 
ATOM   1267 C CD  . ARG B 1 79 ? -4.914  2.348   3.451   1.00 26.52 ? 215  ARG B CD  1 
ATOM   1268 N NE  . ARG B 1 79 ? -5.392  3.669   3.042   1.00 19.80 ? 215  ARG B NE  1 
ATOM   1269 C CZ  . ARG B 1 79 ? -4.639  4.766   3.031   1.00 26.18 ? 215  ARG B CZ  1 
ATOM   1270 N NH1 . ARG B 1 79 ? -3.368  4.706   3.405   1.00 24.39 ? 215  ARG B NH1 1 
ATOM   1271 N NH2 . ARG B 1 79 ? -5.156  5.924   2.645   1.00 22.31 ? 215  ARG B NH2 1 
ATOM   1272 N N   . ILE B 1 80 ? -8.368  -1.623  3.436   1.00 26.73 ? 216  ILE B N   1 
ATOM   1273 C CA  . ILE B 1 80 ? -8.434  -3.061  3.653   1.00 25.05 ? 216  ILE B CA  1 
ATOM   1274 C C   . ILE B 1 80 ? -7.180  -3.755  3.152   1.00 27.90 ? 216  ILE B C   1 
ATOM   1275 O O   . ILE B 1 80 ? -6.852  -3.686  1.969   1.00 29.51 ? 216  ILE B O   1 
ATOM   1276 C CB  . ILE B 1 80 ? -9.650  -3.669  2.931   1.00 30.97 ? 216  ILE B CB  1 
ATOM   1277 C CG1 . ILE B 1 80 ? -10.925 -2.898  3.294   1.00 28.84 ? 216  ILE B CG1 1 
ATOM   1278 C CG2 . ILE B 1 80 ? -9.781  -5.146  3.257   1.00 29.39 ? 216  ILE B CG2 1 
ATOM   1279 C CD1 . ILE B 1 80 ? -11.218 -2.857  4.780   1.00 36.97 ? 216  ILE B CD1 1 
ATOM   1280 N N   . PHE B 1 81 ? -6.482  -4.430  4.057   1.00 23.87 ? 217  PHE B N   1 
ATOM   1281 C CA  . PHE B 1 81 ? -5.255  -5.131  3.703   1.00 27.14 ? 217  PHE B CA  1 
ATOM   1282 C C   . PHE B 1 81 ? -5.470  -6.634  3.576   1.00 30.52 ? 217  PHE B C   1 
ATOM   1283 O O   . PHE B 1 81 ? -6.360  -7.204  4.207   1.00 29.99 ? 217  PHE B O   1 
ATOM   1284 C CB  . PHE B 1 81 ? -4.156  -4.848  4.728   1.00 23.18 ? 217  PHE B CB  1 
ATOM   1285 C CG  . PHE B 1 81 ? -3.639  -3.436  4.693   1.00 25.39 ? 217  PHE B CG  1 
ATOM   1286 C CD1 . PHE B 1 81 ? -4.291  -2.425  5.378   1.00 23.70 ? 217  PHE B CD1 1 
ATOM   1287 C CD2 . PHE B 1 81 ? -2.493  -3.123  3.979   1.00 26.36 ? 217  PHE B CD2 1 
ATOM   1288 C CE1 . PHE B 1 81 ? -3.812  -1.126  5.352   1.00 26.20 ? 217  PHE B CE1 1 
ATOM   1289 C CE2 . PHE B 1 81 ? -2.010  -1.829  3.949   1.00 26.87 ? 217  PHE B CE2 1 
ATOM   1290 C CZ  . PHE B 1 81 ? -2.670  -0.829  4.638   1.00 26.67 ? 217  PHE B CZ  1 
ATOM   1291 N N   . ASN B 1 82 ? -4.636  -7.271  2.760   1.00 28.62 ? 218  ASN B N   1 
ATOM   1292 C CA  . ASN B 1 82 ? -4.724  -8.707  2.547   1.00 27.66 ? 218  ASN B CA  1 
ATOM   1293 C C   . ASN B 1 82 ? -3.394  -9.269  2.064   1.00 28.04 ? 218  ASN B C   1 
ATOM   1294 O O   . ASN B 1 82 ? -2.466  -8.517  1.763   1.00 29.40 ? 218  ASN B O   1 
ATOM   1295 C CB  . ASN B 1 82 ? -5.820  -9.020  1.531   1.00 22.61 ? 218  ASN B CB  1 
ATOM   1296 C CG  . ASN B 1 82 ? -6.599  -10.268 1.883   1.00 29.17 ? 218  ASN B CG  1 
ATOM   1297 O OD1 . ASN B 1 82 ? -6.039  -11.248 2.373   1.00 40.41 ? 218  ASN B OD1 1 
ATOM   1298 N ND2 . ASN B 1 82 ? -7.903  -10.237 1.637   1.00 32.92 ? 218  ASN B ND2 1 
ATOM   1299 N N   . LEU B 1 83 ? -3.302  -10.593 1.999   1.00 30.20 ? 219  LEU B N   1 
ATOM   1300 C CA  . LEU B 1 83 ? -2.113  -11.245 1.471   1.00 31.23 ? 219  LEU B CA  1 
ATOM   1301 C C   . LEU B 1 83 ? -2.472  -12.083 0.254   1.00 31.06 ? 219  LEU B C   1 
ATOM   1302 O O   . LEU B 1 83 ? -3.365  -12.928 0.320   1.00 30.18 ? 219  LEU B O   1 
ATOM   1303 C CB  . LEU B 1 83 ? -1.455  -12.134 2.527   1.00 27.80 ? 219  LEU B CB  1 
ATOM   1304 C CG  . LEU B 1 83 ? -0.062  -12.641 2.137   1.00 31.67 ? 219  LEU B CG  1 
ATOM   1305 C CD1 . LEU B 1 83 ? 0.909   -11.478 2.027   1.00 28.58 ? 219  LEU B CD1 1 
ATOM   1306 C CD2 . LEU B 1 83 ? 0.462   -13.674 3.122   1.00 28.13 ? 219  LEU B CD2 1 
ATOM   1307 N N   . LYS B 1 84 ? -1.802  -11.848 -0.853  1.00 32.53 ? 220  LYS B N   1 
ATOM   1308 C CA  . LYS B 1 84 ? -1.931  -12.694 -2.021  1.00 34.41 ? 220  LYS B CA  1 
ATOM   1309 C C   . LYS B 1 84 ? -1.081  -13.937 -1.896  1.00 36.67 ? 220  LYS B C   1 
ATOM   1310 O O   . LYS B 1 84 ? -0.069  -13.940 -1.248  1.00 36.42 ? 220  LYS B O   1 
ATOM   1311 C CB  . LYS B 1 84 ? -1.435  -11.978 -3.230  1.00 33.00 ? 220  LYS B CB  1 
ATOM   1312 C CG  . LYS B 1 84 ? -2.445  -11.118 -3.864  1.00 41.51 ? 220  LYS B CG  1 
ATOM   1313 C CD  . LYS B 1 84 ? -2.237  -11.092 -5.345  1.00 37.42 ? 220  LYS B CD  1 
ATOM   1314 C CE  . LYS B 1 84 ? -1.361  -9.945  -5.727  1.00 43.04 ? 220  LYS B CE  1 
ATOM   1315 N NZ  . LYS B 1 84 ? -1.676  -9.482  -7.095  1.00 54.85 ? 220  LYS B NZ  1 
ATOM   1316 N N   . ALA B 1 85 ? -1.481  -14.985 -2.566  1.00 33.14 ? 221  ALA B N   1 
ATOM   1317 C CA  . ALA B 1 85 ? -0.682  -16.202 -2.598  1.00 39.79 ? 221  ALA B CA  1 
ATOM   1318 C C   . ALA B 1 85 ? 0.526   -16.001 -3.501  1.00 35.32 ? 221  ALA B C   1 
ATOM   1319 O O   . ALA B 1 85 ? 0.437   -15.324 -4.526  1.00 34.07 ? 221  ALA B O   1 
ATOM   1320 C CB  . ALA B 1 85 ? -1.519  -17.373 -3.083  1.00 35.80 ? 221  ALA B CB  1 
ATOM   1321 N N   . SER B 1 86 ? 1.659   -16.576 -3.113  1.00 35.86 ? 222  SER B N   1 
ATOM   1322 C CA  . SER B 1 86 ? 2.869   -16.478 -3.918  1.00 43.05 ? 222  SER B CA  1 
ATOM   1323 C C   . SER B 1 86 ? 2.887   -17.601 -4.947  1.00 45.23 ? 222  SER B C   1 
ATOM   1324 O O   . SER B 1 86 ? 2.874   -18.779 -4.588  1.00 49.73 ? 222  SER B O   1 
ATOM   1325 C CB  . SER B 1 86 ? 4.110   -16.550 -3.029  1.00 42.30 ? 222  SER B CB  1 
ATOM   1326 O OG  . SER B 1 86 ? 5.291   -16.312 -3.776  1.00 52.38 ? 222  SER B OG  1 
ATOM   1327 N N   . LEU B 1 87 ? 2.917   -17.238 -6.226  1.00 48.05 ? 223  LEU B N   1 
ATOM   1328 C CA  . LEU B 1 87 ? 2.828   -18.223 -7.300  1.00 52.52 ? 223  LEU B CA  1 
ATOM   1329 C C   . LEU B 1 87 ? 4.148   -18.395 -8.047  1.00 57.14 ? 223  LEU B C   1 
ATOM   1330 O O   . LEU B 1 87 ? 4.296   -19.314 -8.855  1.00 56.96 ? 223  LEU B O   1 
ATOM   1331 C CB  . LEU B 1 87 ? 1.734   -17.828 -8.296  1.00 39.67 ? 223  LEU B CB  1 
ATOM   1332 C CG  . LEU B 1 87 ? 0.354   -17.440 -7.758  1.00 42.32 ? 223  LEU B CG  1 
ATOM   1333 C CD1 . LEU B 1 87 ? -0.629  -17.288 -8.910  1.00 37.29 ? 223  LEU B CD1 1 
ATOM   1334 C CD2 . LEU B 1 87 ? -0.158  -18.449 -6.738  1.00 39.61 ? 223  LEU B CD2 1 
ATOM   1335 N N   . LYS B 1 88 ? 5.102   -17.514 -7.765  1.00 57.59 ? 224  LYS B N   1 
ATOM   1336 C CA  . LYS B 1 88 ? 6.327   -17.418 -8.557  1.00 62.07 ? 224  LYS B CA  1 
ATOM   1337 C C   . LYS B 1 88 ? 7.184   -18.683 -8.550  1.00 66.26 ? 224  LYS B C   1 
ATOM   1338 O O   . LYS B 1 88 ? 7.595   -19.160 -9.607  1.00 65.65 ? 224  LYS B O   1 
ATOM   1339 N N   . ASN B 1 89 ? 7.459   -19.222 -7.368  1.00 68.80 ? 225  ASN B N   1 
ATOM   1340 C CA  . ASN B 1 89 ? 8.276   -20.427 -7.267  1.00 65.47 ? 225  ASN B CA  1 
ATOM   1341 C C   . ASN B 1 89 ? 7.545   -21.676 -7.754  1.00 62.44 ? 225  ASN B C   1 
ATOM   1342 O O   . ASN B 1 89 ? 6.432   -21.964 -7.317  1.00 59.12 ? 225  ASN B O   1 
ATOM   1343 C CB  . ASN B 1 89 ? 8.752   -20.648 -5.830  1.00 57.02 ? 225  ASN B CB  1 
ATOM   1344 N N   . GLY B 1 90 ? 8.181   -22.417 -8.655  1.00 65.47 ? 226  GLY B N   1 
ATOM   1345 C CA  . GLY B 1 90 ? 7.650   -23.695 -9.096  1.00 61.59 ? 226  GLY B CA  1 
ATOM   1346 C C   . GLY B 1 90 ? 8.311   -24.809 -8.310  1.00 57.75 ? 226  GLY B C   1 
ATOM   1347 O O   . GLY B 1 90 ? 9.533   -24.840 -8.186  1.00 63.29 ? 226  GLY B O   1 
ATOM   1348 N N   . HIS B 1 91 ? 7.511   -25.725 -7.774  1.00 55.28 ? 227  HIS B N   1 
ATOM   1349 C CA  . HIS B 1 91 ? 8.038   -26.761 -6.887  1.00 50.23 ? 227  HIS B CA  1 
ATOM   1350 C C   . HIS B 1 91 ? 8.235   -28.106 -7.581  1.00 45.93 ? 227  HIS B C   1 
ATOM   1351 O O   . HIS B 1 91 ? 7.283   -28.714 -8.068  1.00 46.78 ? 227  HIS B O   1 
ATOM   1352 C CB  . HIS B 1 91 ? 7.149   -26.912 -5.647  1.00 43.66 ? 227  HIS B CB  1 
ATOM   1353 C CG  . HIS B 1 91 ? 7.134   -25.701 -4.770  1.00 48.02 ? 227  HIS B CG  1 
ATOM   1354 N ND1 . HIS B 1 91 ? 8.019   -25.525 -3.727  1.00 41.43 ? 227  HIS B ND1 1 
ATOM   1355 C CD2 . HIS B 1 91 ? 6.352   -24.595 -4.789  1.00 49.28 ? 227  HIS B CD2 1 
ATOM   1356 C CE1 . HIS B 1 91 ? 7.779   -24.368 -3.139  1.00 45.33 ? 227  HIS B CE1 1 
ATOM   1357 N NE2 . HIS B 1 91 ? 6.771   -23.783 -3.763  1.00 46.22 ? 227  HIS B NE2 1 
ATOM   1358 N N   . LEU B 1 92 ? 9.484   -28.562 -7.619  1.00 45.54 ? 228  LEU B N   1 
ATOM   1359 C CA  . LEU B 1 92 ? 9.815   -29.852 -8.215  1.00 44.91 ? 228  LEU B CA  1 
ATOM   1360 C C   . LEU B 1 92 ? 9.712   -30.974 -7.190  1.00 46.18 ? 228  LEU B C   1 
ATOM   1361 O O   . LEU B 1 92 ? 10.002  -30.780 -6.011  1.00 41.03 ? 228  LEU B O   1 
ATOM   1362 C CB  . LEU B 1 92 ? 11.219  -29.828 -8.829  1.00 40.74 ? 228  LEU B CB  1 
ATOM   1363 C CG  . LEU B 1 92 ? 11.378  -29.145 -10.189 1.00 47.66 ? 228  LEU B CG  1 
ATOM   1364 C CD1 . LEU B 1 92 ? 11.853  -27.702 -10.039 1.00 55.99 ? 228  LEU B CD1 1 
ATOM   1365 C CD2 . LEU B 1 92 ? 12.319  -29.948 -11.083 1.00 46.17 ? 228  LEU B CD2 1 
ATOM   1366 N N   . LEU B 1 93 ? 9.296   -32.149 -7.652  1.00 47.56 ? 229  LEU B N   1 
ATOM   1367 C CA  . LEU B 1 93 ? 9.148   -33.300 -6.773  1.00 43.56 ? 229  LEU B CA  1 
ATOM   1368 C C   . LEU B 1 93 ? 9.682   -34.570 -7.431  1.00 45.72 ? 229  LEU B C   1 
ATOM   1369 O O   . LEU B 1 93 ? 9.051   -35.131 -8.326  1.00 46.18 ? 229  LEU B O   1 
ATOM   1370 C CB  . LEU B 1 93 ? 7.683   -33.490 -6.382  1.00 38.28 ? 229  LEU B CB  1 
ATOM   1371 C CG  . LEU B 1 93 ? 7.447   -34.508 -5.268  1.00 46.52 ? 229  LEU B CG  1 
ATOM   1372 C CD1 . LEU B 1 93 ? 7.937   -33.967 -3.933  1.00 43.84 ? 229  LEU B CD1 1 
ATOM   1373 C CD2 . LEU B 1 93 ? 5.982   -34.901 -5.192  1.00 53.35 ? 229  LEU B CD2 1 
ATOM   1374 N N   . ASP B 1 94 ? 10.850  -35.018 -6.982  1.00 42.36 ? 230  ASP B N   1 
ATOM   1375 C CA  . ASP B 1 94 ? 11.448  -36.251 -7.483  1.00 43.27 ? 230  ASP B CA  1 
ATOM   1376 C C   . ASP B 1 94 ? 10.749  -37.463 -6.865  1.00 46.37 ? 230  ASP B C   1 
ATOM   1377 O O   . ASP B 1 94 ? 10.709  -37.603 -5.644  1.00 41.50 ? 230  ASP B O   1 
ATOM   1378 C CB  . ASP B 1 94 ? 12.942  -36.280 -7.156  1.00 44.57 ? 230  ASP B CB  1 
ATOM   1379 C CG  . ASP B 1 94 ? 13.707  -37.273 -8.007  1.00 57.88 ? 230  ASP B CG  1 
ATOM   1380 O OD1 . ASP B 1 94 ? 13.520  -37.266 -9.243  1.00 57.89 ? 230  ASP B OD1 1 
ATOM   1381 O OD2 . ASP B 1 94 ? 14.492  -38.062 -7.441  1.00 63.22 ? 230  ASP B OD2 1 
ATOM   1382 N N   . MET B 1 95 ? 10.196  -38.336 -7.702  1.00 47.87 ? 231  MET B N   1 
ATOM   1383 C CA  . MET B 1 95 ? 9.460   -39.497 -7.206  1.00 44.84 ? 231  MET B CA  1 
ATOM   1384 C C   . MET B 1 95 ? 10.193  -40.799 -7.509  1.00 49.50 ? 231  MET B C   1 
ATOM   1385 O O   . MET B 1 95 ? 10.724  -40.975 -8.603  1.00 50.45 ? 231  MET B O   1 
ATOM   1386 C CB  . MET B 1 95 ? 8.050   -39.532 -7.795  1.00 49.30 ? 231  MET B CB  1 
ATOM   1387 C CG  . MET B 1 95 ? 7.238   -38.283 -7.507  1.00 55.92 ? 231  MET B CG  1 
ATOM   1388 S SD  . MET B 1 95 ? 5.691   -38.210 -8.428  1.00 69.38 ? 231  MET B SD  1 
ATOM   1389 C CE  . MET B 1 95 ? 4.722   -39.455 -7.585  1.00 51.62 ? 231  MET B CE  1 
ATOM   1390 N N   . VAL B 1 96 ? 10.212  -41.708 -6.537  1.00 47.81 ? 232  VAL B N   1 
ATOM   1391 C CA  . VAL B 1 96 ? 10.979  -42.946 -6.654  1.00 45.48 ? 232  VAL B CA  1 
ATOM   1392 C C   . VAL B 1 96 ? 10.114  -44.207 -6.597  1.00 53.99 ? 232  VAL B C   1 
ATOM   1393 O O   . VAL B 1 96 ? 9.322   -44.389 -5.671  1.00 50.30 ? 232  VAL B O   1 
ATOM   1394 C CB  . VAL B 1 96 ? 12.073  -43.033 -5.568  1.00 40.28 ? 232  VAL B CB  1 
ATOM   1395 C CG1 . VAL B 1 96 ? 12.853  -44.326 -5.704  1.00 36.05 ? 232  VAL B CG1 1 
ATOM   1396 C CG2 . VAL B 1 96 ? 13.011  -41.845 -5.659  1.00 43.04 ? 232  VAL B CG2 1 
ATOM   1397 N N   . LEU B 1 97 ? 10.291  -45.069 -7.597  1.00 54.27 ? 233  LEU B N   1 
ATOM   1398 C CA  . LEU B 1 97 ? 9.584   -46.345 -7.721  1.00 56.36 ? 233  LEU B CA  1 
ATOM   1399 C C   . LEU B 1 97 ? 8.084   -46.241 -7.468  1.00 58.76 ? 233  LEU B C   1 
ATOM   1400 O O   . LEU B 1 97 ? 7.276   -46.420 -8.377  1.00 61.34 ? 233  LEU B O   1 
ATOM   1401 C CB  . LEU B 1 97 ? 10.202  -47.411 -6.813  1.00 50.43 ? 233  LEU B CB  1 
HETATM 1402 O O   . HOH C 2 .  ? -0.946  21.138  5.173   1.00 47.80 ? 2001 HOH A O   1 
HETATM 1403 O O   . HOH C 2 .  ? 0.370   12.757  0.781   1.00 28.57 ? 2002 HOH A O   1 
HETATM 1404 O O   . HOH C 2 .  ? -11.065 14.428  -0.220  1.00 20.53 ? 2003 HOH A O   1 
HETATM 1405 O O   . HOH C 2 .  ? -12.134 10.244  -2.928  1.00 38.44 ? 2004 HOH A O   1 
HETATM 1406 O O   . HOH C 2 .  ? 0.031   22.439  -6.978  1.00 38.03 ? 2005 HOH A O   1 
HETATM 1407 O O   . HOH C 2 .  ? -11.418 14.494  -8.045  1.00 29.54 ? 2006 HOH A O   1 
HETATM 1408 O O   . HOH C 2 .  ? -14.170 15.256  -12.495 1.00 36.53 ? 2007 HOH A O   1 
HETATM 1409 O O   . HOH C 2 .  ? -3.339  6.417   -19.318 1.00 41.90 ? 2008 HOH A O   1 
HETATM 1410 O O   . HOH C 2 .  ? -1.722  -3.535  -18.291 1.00 34.96 ? 2009 HOH A O   1 
HETATM 1411 O O   . HOH C 2 .  ? 0.401   -1.582  -17.180 1.00 35.47 ? 2010 HOH A O   1 
HETATM 1412 O O   . HOH C 2 .  ? 4.479   1.015   -14.665 1.00 24.94 ? 2011 HOH A O   1 
HETATM 1413 O O   . HOH C 2 .  ? 5.003   2.748   -7.453  1.00 26.62 ? 2012 HOH A O   1 
HETATM 1414 O O   . HOH C 2 .  ? 7.970   4.996   -14.721 1.00 38.30 ? 2013 HOH A O   1 
HETATM 1415 O O   . HOH C 2 .  ? 3.816   14.623  -13.164 1.00 30.61 ? 2014 HOH A O   1 
HETATM 1416 O O   . HOH C 2 .  ? 5.006   13.350  -19.386 1.00 32.65 ? 2015 HOH A O   1 
HETATM 1417 O O   . HOH C 2 .  ? 1.996   17.114  -21.272 1.00 28.60 ? 2016 HOH A O   1 
HETATM 1418 O O   . HOH C 2 .  ? 6.337   15.853  -15.396 1.00 31.66 ? 2017 HOH A O   1 
HETATM 1419 O O   . HOH C 2 .  ? 5.716   21.920  -14.599 1.00 30.12 ? 2018 HOH A O   1 
HETATM 1420 O O   . HOH C 2 .  ? -5.059  14.879  -23.250 1.00 31.40 ? 2019 HOH A O   1 
HETATM 1421 O O   . HOH C 2 .  ? 4.603   15.323  -9.451  1.00 34.16 ? 2020 HOH A O   1 
HETATM 1422 O O   . HOH C 2 .  ? 5.417   8.583   -2.476  1.00 35.32 ? 2021 HOH A O   1 
HETATM 1423 O O   . HOH C 2 .  ? 4.190   6.099   1.241   1.00 38.52 ? 2022 HOH A O   1 
HETATM 1424 O O   . HOH C 2 .  ? 0.074   7.071   5.212   1.00 38.40 ? 2023 HOH A O   1 
HETATM 1425 O O   . HOH C 2 .  ? 4.372   6.341   -1.710  1.00 29.03 ? 2024 HOH A O   1 
HETATM 1426 O O   . HOH C 2 .  ? 6.734   12.799  -13.630 1.00 36.25 ? 2025 HOH A O   1 
HETATM 1427 O O   . HOH C 2 .  ? 6.504   13.614  -16.616 1.00 32.40 ? 2026 HOH A O   1 
HETATM 1428 O O   . HOH C 2 .  ? 4.069   15.726  -21.376 1.00 32.95 ? 2027 HOH A O   1 
HETATM 1429 O O   . HOH C 2 .  ? -8.424  3.749   2.338   1.00 28.37 ? 2028 HOH A O   1 
HETATM 1430 O O   . HOH C 2 .  ? -12.842 7.553   0.501   1.00 33.20 ? 2029 HOH A O   1 
HETATM 1431 O O   . HOH C 2 .  ? 6.859   6.312   -2.747  1.00 38.02 ? 2030 HOH A O   1 
HETATM 1432 O O   . HOH C 2 .  ? -2.926  -3.436  -7.416  1.00 26.07 ? 2031 HOH A O   1 
HETATM 1433 O O   . HOH C 2 .  ? 5.993   -2.148  -2.649  1.00 29.17 ? 2032 HOH A O   1 
HETATM 1434 O O   . HOH C 2 .  ? 6.098   -2.406  -14.144 1.00 42.51 ? 2033 HOH A O   1 
HETATM 1435 O O   . HOH C 2 .  ? 10.834  -2.570  -14.630 1.00 33.70 ? 2034 HOH A O   1 
HETATM 1436 O O   . HOH C 2 .  ? 7.621   0.642   -6.760  1.00 25.76 ? 2035 HOH A O   1 
HETATM 1437 O O   . HOH D 2 .  ? 14.589  6.263   11.799  1.00 48.88 ? 2001 HOH B O   1 
HETATM 1438 O O   . HOH D 2 .  ? 10.441  5.212   7.982   1.00 40.42 ? 2002 HOH B O   1 
HETATM 1439 O O   . HOH D 2 .  ? 9.878   -7.418  3.943   1.00 38.07 ? 2003 HOH B O   1 
HETATM 1440 O O   . HOH D 2 .  ? 13.785  -4.329  5.173   1.00 21.40 ? 2004 HOH B O   1 
HETATM 1441 O O   . HOH D 2 .  ? 7.296   -9.738  15.671  1.00 33.71 ? 2005 HOH B O   1 
HETATM 1442 O O   . HOH D 2 .  ? 3.787   -14.096 1.149   1.00 39.56 ? 2006 HOH B O   1 
HETATM 1443 O O   . HOH D 2 .  ? -10.925 -5.369  10.415  1.00 31.02 ? 2007 HOH B O   1 
HETATM 1444 O O   . HOH D 2 .  ? -11.359 -1.478  11.858  1.00 32.99 ? 2008 HOH B O   1 
HETATM 1445 O O   . HOH D 2 .  ? -6.872  0.100   7.693   1.00 30.82 ? 2009 HOH B O   1 
HETATM 1446 O O   . HOH D 2 .  ? -4.550  1.075   16.323  1.00 32.36 ? 2010 HOH B O   1 
HETATM 1447 O O   . HOH D 2 .  ? -9.829  -2.664  14.695  1.00 33.52 ? 2011 HOH B O   1 
HETATM 1448 O O   . HOH D 2 .  ? 0.022   -3.202  18.761  1.00 30.21 ? 2012 HOH B O   1 
HETATM 1449 O O   . HOH D 2 .  ? -3.025  -1.915  19.032  1.00 30.58 ? 2013 HOH B O   1 
HETATM 1450 O O   . HOH D 2 .  ? -4.545  -6.809  22.068  1.00 32.03 ? 2014 HOH B O   1 
HETATM 1451 O O   . HOH D 2 .  ? -9.816  -9.045  15.070  1.00 43.40 ? 2015 HOH B O   1 
HETATM 1452 O O   . HOH D 2 .  ? 7.495   -8.871  19.045  1.00 28.32 ? 2016 HOH B O   1 
HETATM 1453 O O   . HOH D 2 .  ? -2.051  -2.787  22.596  1.00 23.56 ? 2017 HOH B O   1 
HETATM 1454 O O   . HOH D 2 .  ? 15.413  -6.217  6.413   1.00 27.33 ? 2018 HOH B O   1 
HETATM 1455 O O   . HOH D 2 .  ? -0.835  5.060   9.301   1.00 34.76 ? 2019 HOH B O   1 
HETATM 1456 O O   . HOH D 2 .  ? -1.201  4.495   7.445   1.00 31.30 ? 2020 HOH B O   1 
HETATM 1457 O O   . HOH D 2 .  ? -13.048 -6.083  8.026   1.00 43.16 ? 2021 HOH B O   1 
HETATM 1458 O O   . HOH D 2 .  ? -0.925  -0.844  19.422  1.00 30.53 ? 2022 HOH B O   1 
HETATM 1459 O O   . HOH D 2 .  ? -3.924  -3.807  21.694  1.00 27.29 ? 2023 HOH B O   1 
HETATM 1460 O O   . HOH D 2 .  ? -3.881  3.889   10.846  1.00 35.10 ? 2024 HOH B O   1 
HETATM 1461 O O   . HOH D 2 .  ? -3.177  4.724   8.041   1.00 38.35 ? 2025 HOH B O   1 
HETATM 1462 O O   . HOH D 2 .  ? -6.824  -5.782  -0.006  1.00 32.03 ? 2026 HOH B O   1 
HETATM 1463 O O   . HOH D 2 .  ? -16.278 -0.312  3.865   1.00 40.31 ? 2027 HOH B O   1 
HETATM 1464 O O   . HOH D 2 .  ? -13.593 -4.342  8.791   1.00 43.39 ? 2028 HOH B O   1 
HETATM 1465 O O   . HOH D 2 .  ? -9.180  2.749   7.415   1.00 26.82 ? 2029 HOH B O   1 
HETATM 1466 O O   . HOH D 2 .  ? 3.937   -21.425 -5.505  1.00 47.06 ? 2030 HOH B O   1 
HETATM 1467 O O   . HOH D 2 .  ? 5.953   -20.703 -11.404 1.00 49.92 ? 2031 HOH B O   1 
HETATM 1468 O O   . HOH D 2 .  ? 3.323   -21.540 -9.656  1.00 44.31 ? 2032 HOH B O   1 
HETATM 1469 O O   . HOH D 2 .  ? 4.651   -22.939 -7.583  1.00 49.30 ? 2033 HOH B O   1 
# 
